data_7UAF
#
_entry.id   7UAF
#
_cell.length_a   1.00
_cell.length_b   1.00
_cell.length_c   1.00
_cell.angle_alpha   90.00
_cell.angle_beta   90.00
_cell.angle_gamma   90.00
#
_symmetry.space_group_name_H-M   'P 1'
#
loop_
_entity.id
_entity.type
_entity.pdbx_description
1 polymer 'Meprin A subunit alpha'
2 branched 2-acetamido-2-deoxy-beta-D-glucopyranose-(1-4)-2-acetamido-2-deoxy-beta-D-glucopyranose
3 branched 2-acetamido-2-deoxy-beta-D-glucopyranose-(1-4)-2-acetamido-2-deoxy-beta-D-glucopyranose-(1-4)-2-acetamido-2-deoxy-beta-D-glucopyranose
4 branched beta-D-mannopyranose-(1-4)-2-acetamido-2-deoxy-beta-D-glucopyranose-(1-4)-[alpha-L-fucopyranose-(1-6)]2-acetamido-2-deoxy-beta-D-glucopyranose
5 non-polymer N~3~,N~3~-bis[(2H-1,3-benzodioxol-5-yl)methyl]-N-hydroxy-beta-alaninamide
6 non-polymer 'CALCIUM ION'
7 non-polymer 'ZINC ION'
8 non-polymer 2-acetamido-2-deoxy-beta-D-glucopyranose
#
_entity_poly.entity_id   1
_entity_poly.type   'polypeptide(L)'
_entity_poly.pdbx_seq_one_letter_code
;WSHPQFEKVPIKYLPEENVHDADFGEQKDISEINLAAGLDLFQGDILLQKSRNGLRDPNTRWTFPIPYILADNLGLNAKG
AILYAFEMFRLKSCVDFKPYEGESSYIIFQQFDGCWSEVGDQHVGQNISIGQGCAYKAIIEHEILHALGFYHEQSRTDRD
DYVNIWWDQILSGYQHNFDTYDDSLITDLNTPYDYESLMHYQPFSFNKNASVPTITAKIPEFNSIIGQRLDFSAIDLERL
NRMYNCTTTHTLLDHCTFEKANICGMIQGTRDDTDWAHQDSAQAGEVDHTLLGQCTGAGYFMQFSTSSGSAEEAALLESR
ILYPKRKQQCLQFFYKMTGSPSDRLVVWVRRDDSTGNVRKLVKVQTFQGDDDHNWKIAHVVLKEEQKFRYLFQGTKGDPQ
NSTGGIYLDDITLTETPCPTGVWTVRNFSQVLENTSKGDKLQSPRFYNSEGYGFGVTLYPNSRESSGYLRLAFHVCSGEN
DAILEWPVENRQVIITILDQEPDVRNRMSSSMVFTTSKSHTSPAINDTVIWDRPSRVGTYHTDCNCFRSIDLGWSGFISH
QMLKRRSFLKNDDLIIFVDFEDITHLS
;
_entity_poly.pdbx_strand_id   B,A,C,D
#
# COMPACT_ATOMS: atom_id res chain seq x y z
N ASN A 53 10.75 -0.27 14.86
CA ASN A 53 10.94 -1.40 15.82
C ASN A 53 11.13 -2.76 15.13
N GLY A 54 11.27 -2.86 13.82
CA GLY A 54 11.53 -4.13 13.13
C GLY A 54 13.02 -4.45 13.10
N LEU A 55 13.38 -5.72 13.14
CA LEU A 55 14.75 -6.21 13.11
C LEU A 55 15.38 -6.00 11.72
N ARG A 56 16.56 -5.39 11.63
CA ARG A 56 17.11 -5.00 10.29
C ARG A 56 17.62 -6.17 9.44
N ASP A 57 18.25 -7.18 10.04
CA ASP A 57 18.91 -8.27 9.29
C ASP A 57 17.91 -9.10 8.46
N PRO A 58 18.01 -9.11 7.11
CA PRO A 58 17.07 -9.82 6.26
C PRO A 58 17.11 -11.33 6.39
N ASN A 59 18.18 -11.95 6.90
CA ASN A 59 18.19 -13.40 7.14
C ASN A 59 17.25 -13.80 8.30
N THR A 60 16.78 -12.86 9.11
CA THR A 60 15.80 -13.13 10.17
C THR A 60 14.35 -13.16 9.69
N ARG A 61 14.17 -12.94 8.38
CA ARG A 61 12.81 -12.90 7.79
C ARG A 61 12.30 -14.32 7.48
N TRP A 62 11.00 -14.54 7.64
CA TRP A 62 10.36 -15.80 7.30
C TRP A 62 10.11 -15.95 5.80
N THR A 63 9.87 -17.17 5.34
CA THR A 63 9.22 -17.45 4.05
C THR A 63 7.80 -17.93 4.31
N PHE A 64 6.79 -17.34 3.66
CA PHE A 64 5.40 -17.70 3.85
C PHE A 64 4.98 -18.91 2.99
N PRO A 65 4.05 -19.75 3.47
CA PRO A 65 3.43 -19.72 4.80
C PRO A 65 4.38 -20.16 5.91
N ILE A 66 4.30 -19.53 7.09
CA ILE A 66 5.01 -19.96 8.29
C ILE A 66 4.44 -21.31 8.76
N PRO A 67 5.25 -22.36 8.89
CA PRO A 67 4.80 -23.62 9.43
C PRO A 67 4.66 -23.57 10.96
N TYR A 68 3.57 -24.11 11.51
CA TYR A 68 3.29 -24.08 12.95
C TYR A 68 2.84 -25.41 13.53
N ILE A 69 3.09 -25.57 14.83
CA ILE A 69 2.61 -26.66 15.68
C ILE A 69 1.80 -26.05 16.83
N LEU A 70 0.58 -26.50 17.07
CA LEU A 70 -0.14 -26.19 18.31
C LEU A 70 0.09 -27.33 19.31
N ALA A 71 0.77 -27.07 20.42
CA ALA A 71 1.02 -28.08 21.44
C ALA A 71 -0.24 -28.46 22.23
N ASP A 72 -0.30 -29.69 22.71
CA ASP A 72 -1.43 -30.19 23.53
C ASP A 72 -1.41 -29.72 24.99
N ASN A 73 -0.38 -28.97 25.41
CA ASN A 73 -0.40 -28.22 26.67
C ASN A 73 -1.20 -26.91 26.56
N LEU A 74 -1.49 -26.40 25.37
CA LEU A 74 -2.54 -25.40 25.16
C LEU A 74 -3.90 -26.05 25.44
N GLY A 75 -4.82 -25.34 26.07
CA GLY A 75 -6.22 -25.75 26.09
C GLY A 75 -6.91 -25.55 24.74
N LEU A 76 -8.13 -26.05 24.59
CA LEU A 76 -8.95 -25.79 23.39
C LEU A 76 -9.11 -24.30 23.14
N ASN A 77 -9.35 -23.51 24.18
CA ASN A 77 -9.58 -22.08 24.05
C ASN A 77 -8.40 -21.36 23.39
N ALA A 78 -7.18 -21.66 23.83
CA ALA A 78 -5.97 -21.10 23.24
C ALA A 78 -5.74 -21.57 21.80
N LYS A 79 -5.90 -22.86 21.48
CA LYS A 79 -5.84 -23.33 20.08
C LYS A 79 -6.82 -22.57 19.19
N GLY A 80 -8.08 -22.46 19.60
CA GLY A 80 -9.09 -21.70 18.88
C GLY A 80 -8.76 -20.22 18.74
N ALA A 81 -8.27 -19.58 19.80
CA ALA A 81 -7.83 -18.19 19.77
C ALA A 81 -6.66 -17.97 18.80
N ILE A 82 -5.72 -18.90 18.69
CA ILE A 82 -4.59 -18.80 17.77
C ILE A 82 -5.05 -18.88 16.32
N LEU A 83 -5.92 -19.84 15.99
CA LEU A 83 -6.46 -19.96 14.64
C LEU A 83 -7.31 -18.73 14.25
N TYR A 84 -8.05 -18.16 15.19
CA TYR A 84 -8.75 -16.89 14.99
C TYR A 84 -7.79 -15.72 14.73
N ALA A 85 -6.67 -15.60 15.46
CA ALA A 85 -5.64 -14.62 15.17
C ALA A 85 -4.99 -14.83 13.79
N PHE A 86 -4.73 -16.06 13.35
CA PHE A 86 -4.25 -16.31 11.99
C PHE A 86 -5.21 -15.80 10.91
N GLU A 87 -6.52 -15.94 11.10
CA GLU A 87 -7.50 -15.38 10.19
C GLU A 87 -7.44 -13.84 10.12
N MET A 88 -7.13 -13.16 11.21
CA MET A 88 -6.93 -11.71 11.20
C MET A 88 -5.70 -11.30 10.39
N PHE A 89 -4.60 -12.03 10.50
CA PHE A 89 -3.43 -11.79 9.65
C PHE A 89 -3.77 -11.97 8.17
N ARG A 90 -4.45 -13.05 7.80
CA ARG A 90 -4.85 -13.26 6.38
C ARG A 90 -5.76 -12.13 5.89
N LEU A 91 -6.72 -11.70 6.72
CA LEU A 91 -7.66 -10.63 6.38
C LEU A 91 -6.97 -9.29 6.14
N LYS A 92 -5.97 -8.92 6.95
CA LYS A 92 -5.36 -7.60 6.95
C LYS A 92 -3.95 -7.51 6.35
N SER A 93 -3.35 -8.62 5.95
CA SER A 93 -1.98 -8.69 5.41
C SER A 93 -1.82 -9.85 4.43
N CYS A 94 -0.64 -10.00 3.85
CA CYS A 94 -0.24 -11.19 3.10
C CYS A 94 0.49 -12.26 3.93
N VAL A 95 0.59 -12.10 5.26
CA VAL A 95 1.14 -13.13 6.14
C VAL A 95 0.25 -14.36 6.09
N ASP A 96 0.84 -15.55 6.05
CA ASP A 96 0.12 -16.81 6.03
C ASP A 96 0.83 -17.90 6.84
N PHE A 97 0.07 -18.90 7.26
CA PHE A 97 0.46 -19.97 8.15
C PHE A 97 0.01 -21.32 7.59
N LYS A 98 0.81 -22.37 7.78
CA LYS A 98 0.46 -23.77 7.45
C LYS A 98 0.75 -24.72 8.61
N PRO A 99 0.06 -25.86 8.75
CA PRO A 99 0.48 -26.92 9.67
C PRO A 99 1.88 -27.47 9.34
N TYR A 100 2.61 -27.90 10.35
CA TYR A 100 3.98 -28.41 10.23
C TYR A 100 4.05 -29.77 9.53
N GLU A 101 5.02 -29.94 8.65
CA GLU A 101 5.24 -31.15 7.85
C GLU A 101 6.74 -31.45 7.69
N GLY A 102 7.57 -31.06 8.65
CA GLY A 102 9.02 -31.35 8.66
C GLY A 102 9.92 -30.23 8.15
N GLU A 103 9.44 -28.99 8.06
CA GLU A 103 10.25 -27.82 7.73
C GLU A 103 11.38 -27.55 8.75
N SER A 104 12.43 -26.83 8.33
CA SER A 104 13.58 -26.51 9.16
C SER A 104 13.25 -25.51 10.27
N SER A 105 12.69 -24.34 9.93
CA SER A 105 12.19 -23.36 10.87
C SER A 105 10.66 -23.36 10.93
N TYR A 106 10.11 -23.30 12.13
CA TYR A 106 8.69 -23.40 12.43
C TYR A 106 8.39 -22.77 13.79
N ILE A 107 7.14 -22.43 14.07
CA ILE A 107 6.72 -21.92 15.38
C ILE A 107 5.91 -22.99 16.11
N ILE A 108 6.30 -23.35 17.32
CA ILE A 108 5.49 -24.18 18.20
C ILE A 108 4.85 -23.31 19.28
N PHE A 109 3.52 -23.30 19.31
CA PHE A 109 2.75 -22.58 20.30
C PHE A 109 2.51 -23.48 21.50
N GLN A 110 2.84 -23.00 22.69
CA GLN A 110 2.77 -23.76 23.94
C GLN A 110 2.21 -22.92 25.08
N GLN A 111 1.78 -23.58 26.14
CA GLN A 111 1.47 -22.96 27.41
C GLN A 111 2.65 -23.10 28.37
N PHE A 112 3.35 -22.01 28.64
CA PHE A 112 4.35 -21.88 29.69
C PHE A 112 3.98 -20.72 30.61
N ASP A 113 4.83 -20.41 31.57
CA ASP A 113 4.66 -19.23 32.43
C ASP A 113 4.75 -17.96 31.58
N GLY A 114 3.70 -17.13 31.64
CA GLY A 114 3.62 -15.88 30.93
C GLY A 114 3.42 -16.01 29.42
N CYS A 115 3.50 -14.89 28.73
CA CYS A 115 3.14 -14.76 27.33
C CYS A 115 4.27 -14.06 26.60
N TRP A 116 4.98 -14.80 25.76
CA TRP A 116 6.24 -14.37 25.18
C TRP A 116 6.56 -15.10 23.88
N SER A 117 7.47 -14.50 23.11
CA SER A 117 8.00 -14.99 21.86
C SER A 117 9.44 -14.55 21.72
N GLU A 118 10.25 -15.30 20.98
CA GLU A 118 11.51 -14.78 20.42
C GLU A 118 11.23 -13.77 19.31
N VAL A 119 12.24 -13.03 18.84
CA VAL A 119 12.07 -12.03 17.77
C VAL A 119 12.75 -12.47 16.48
N GLY A 120 11.99 -12.58 15.39
CA GLY A 120 12.47 -13.02 14.07
C GLY A 120 12.55 -14.55 13.93
N ASP A 121 12.81 -15.02 12.72
CA ASP A 121 13.02 -16.44 12.43
C ASP A 121 14.30 -16.94 13.08
N GLN A 122 14.16 -17.78 14.11
CA GLN A 122 15.21 -18.65 14.63
C GLN A 122 15.18 -19.94 13.80
N HIS A 123 16.19 -20.16 12.98
CA HIS A 123 16.12 -21.15 11.90
C HIS A 123 15.93 -22.61 12.35
N VAL A 124 16.10 -22.93 13.64
CA VAL A 124 15.94 -24.26 14.24
C VAL A 124 14.53 -24.55 14.80
N GLY A 125 13.57 -23.63 14.64
CA GLY A 125 12.23 -23.72 15.22
C GLY A 125 12.17 -23.12 16.63
N GLN A 126 11.02 -22.56 17.02
CA GLN A 126 10.96 -21.65 18.17
C GLN A 126 9.62 -21.66 18.91
N ASN A 127 9.63 -21.31 20.19
CA ASN A 127 8.45 -21.25 21.02
C ASN A 127 7.73 -19.90 20.95
N ILE A 128 6.39 -19.93 20.97
CA ILE A 128 5.57 -18.84 21.48
C ILE A 128 4.81 -19.38 22.70
N SER A 129 4.96 -18.75 23.86
CA SER A 129 4.15 -19.05 25.03
C SER A 129 2.86 -18.23 25.02
N ILE A 130 1.74 -18.91 25.21
CA ILE A 130 0.42 -18.33 25.47
C ILE A 130 -0.06 -18.95 26.77
N GLY A 131 0.20 -18.26 27.88
CA GLY A 131 -0.19 -18.69 29.21
C GLY A 131 -1.66 -18.45 29.53
N GLN A 132 -2.05 -18.75 30.76
CA GLN A 132 -3.36 -18.41 31.30
C GLN A 132 -3.59 -16.89 31.22
N GLY A 133 -4.79 -16.48 30.79
CA GLY A 133 -5.17 -15.08 30.62
C GLY A 133 -4.68 -14.39 29.35
N CYS A 134 -3.98 -15.10 28.45
CA CYS A 134 -3.47 -14.55 27.19
C CYS A 134 -4.17 -15.04 25.92
N ALA A 135 -5.20 -15.87 26.01
CA ALA A 135 -5.93 -16.37 24.86
C ALA A 135 -6.92 -15.34 24.27
N TYR A 136 -6.41 -14.14 23.96
CA TYR A 136 -7.13 -13.00 23.40
C TYR A 136 -6.43 -12.54 22.13
N LYS A 137 -7.19 -12.25 21.07
CA LYS A 137 -6.73 -11.90 19.72
C LYS A 137 -5.53 -10.94 19.71
N ALA A 138 -5.64 -9.82 20.42
CA ALA A 138 -4.63 -8.78 20.49
C ALA A 138 -3.28 -9.25 21.09
N ILE A 139 -3.32 -10.15 22.08
CA ILE A 139 -2.13 -10.71 22.72
C ILE A 139 -1.48 -11.76 21.81
N ILE A 140 -2.25 -12.60 21.13
CA ILE A 140 -1.71 -13.53 20.15
C ILE A 140 -1.03 -12.76 19.01
N GLU A 141 -1.68 -11.72 18.50
CA GLU A 141 -1.15 -10.88 17.44
C GLU A 141 0.16 -10.19 17.84
N HIS A 142 0.27 -9.67 19.07
CA HIS A 142 1.50 -9.10 19.59
C HIS A 142 2.66 -10.12 19.63
N GLU A 143 2.42 -11.36 20.07
CA GLU A 143 3.45 -12.40 20.04
C GLU A 143 3.82 -12.86 18.64
N ILE A 144 2.86 -12.99 17.73
CA ILE A 144 3.17 -13.28 16.32
C ILE A 144 3.97 -12.13 15.71
N LEU A 145 3.70 -10.87 16.04
CA LEU A 145 4.51 -9.75 15.60
C LEU A 145 5.94 -9.79 16.18
N HIS A 146 6.16 -10.24 17.41
CA HIS A 146 7.51 -10.56 17.85
C HIS A 146 8.17 -11.59 16.94
N ALA A 147 7.56 -12.74 16.71
CA ALA A 147 8.14 -13.76 15.85
C ALA A 147 8.39 -13.29 14.42
N LEU A 148 7.55 -12.43 13.87
CA LEU A 148 7.73 -11.84 12.55
C LEU A 148 8.92 -10.87 12.47
N GLY A 149 9.36 -10.32 13.60
CA GLY A 149 10.56 -9.50 13.70
C GLY A 149 10.39 -8.17 14.42
N PHE A 150 9.32 -7.92 15.17
CA PHE A 150 9.10 -6.62 15.80
C PHE A 150 9.39 -6.66 17.30
N TYR A 151 10.18 -5.72 17.79
CA TYR A 151 10.30 -5.43 19.22
C TYR A 151 9.13 -4.55 19.69
N HIS A 152 9.01 -4.29 20.99
CA HIS A 152 8.02 -3.34 21.47
C HIS A 152 8.24 -1.94 20.89
N GLU A 153 7.18 -1.15 20.85
CA GLU A 153 7.25 0.20 20.31
C GLU A 153 8.08 1.12 21.22
N GLN A 154 7.97 0.99 22.55
CA GLN A 154 8.85 1.69 23.46
C GLN A 154 10.31 1.25 23.38
N SER A 155 10.65 0.20 22.63
CA SER A 155 12.02 -0.20 22.36
C SER A 155 12.66 0.46 21.15
N ARG A 156 11.93 1.40 20.53
CA ARG A 156 12.46 2.15 19.36
C ARG A 156 13.70 2.96 19.75
N THR A 157 14.57 3.26 18.79
CA THR A 157 15.80 4.03 19.04
C THR A 157 15.50 5.47 19.46
N ASP A 158 14.38 6.05 19.00
CA ASP A 158 13.96 7.43 19.23
C ASP A 158 12.93 7.57 20.38
N ARG A 159 12.66 6.51 21.13
CA ARG A 159 11.54 6.43 22.07
C ARG A 159 11.57 7.49 23.18
N ASP A 160 12.75 7.92 23.59
CA ASP A 160 12.95 8.95 24.60
C ASP A 160 12.40 10.32 24.20
N ASP A 161 12.10 10.54 22.92
CA ASP A 161 11.38 11.73 22.49
C ASP A 161 9.87 11.67 22.82
N TYR A 162 9.32 10.49 23.07
CA TYR A 162 7.87 10.25 23.14
C TYR A 162 7.38 9.76 24.49
N VAL A 163 8.19 9.00 25.25
CA VAL A 163 7.77 8.36 26.51
C VAL A 163 8.86 8.44 27.57
N ASN A 164 8.44 8.35 28.83
CA ASN A 164 9.27 8.18 30.02
C ASN A 164 9.16 6.73 30.52
N ILE A 165 10.29 6.09 30.83
CA ILE A 165 10.33 4.79 31.51
C ILE A 165 10.80 4.99 32.94
N TRP A 166 10.04 4.48 33.90
CA TRP A 166 10.32 4.61 35.33
C TRP A 166 10.97 3.34 35.85
N TRP A 167 12.30 3.23 35.66
CA TRP A 167 13.06 2.00 35.90
C TRP A 167 12.97 1.47 37.33
N ASP A 168 12.87 2.37 38.30
CA ASP A 168 12.64 2.10 39.71
C ASP A 168 11.32 1.37 39.97
N GLN A 169 10.36 1.42 39.06
CA GLN A 169 9.02 0.85 39.20
C GLN A 169 8.86 -0.51 38.52
N ILE A 170 9.80 -0.99 37.72
CA ILE A 170 9.65 -2.26 36.98
C ILE A 170 9.96 -3.44 37.92
N LEU A 171 9.13 -4.48 37.89
CA LEU A 171 9.35 -5.74 38.61
C LEU A 171 10.56 -6.54 38.11
N SER A 172 11.10 -7.39 38.97
CA SER A 172 12.36 -8.12 38.72
C SER A 172 12.28 -9.00 37.48
N GLY A 173 13.27 -8.87 36.59
CA GLY A 173 13.39 -9.67 35.37
C GLY A 173 12.48 -9.26 34.21
N TYR A 174 11.64 -8.24 34.35
CA TYR A 174 10.80 -7.72 33.25
C TYR A 174 11.40 -6.51 32.54
N GLN A 175 12.46 -5.92 33.07
CA GLN A 175 13.06 -4.70 32.55
C GLN A 175 13.58 -4.77 31.11
N HIS A 176 13.92 -5.94 30.56
CA HIS A 176 14.37 -6.06 29.16
C HIS A 176 13.26 -5.77 28.14
N ASN A 177 11.99 -5.89 28.53
CA ASN A 177 10.86 -5.45 27.71
C ASN A 177 10.83 -3.92 27.48
N PHE A 178 11.64 -3.17 28.22
CA PHE A 178 11.75 -1.73 28.16
C PHE A 178 13.10 -1.26 27.60
N ASP A 179 14.00 -2.16 27.22
CA ASP A 179 15.26 -1.78 26.56
C ASP A 179 15.02 -1.09 25.22
N THR A 180 15.88 -0.14 24.85
CA THR A 180 15.90 0.50 23.54
C THR A 180 17.06 -0.04 22.71
N TYR A 181 16.81 -0.38 21.46
CA TYR A 181 17.79 -0.96 20.55
C TYR A 181 18.32 0.08 19.56
N ASP A 182 19.59 -0.04 19.18
CA ASP A 182 20.24 0.88 18.25
C ASP A 182 19.79 0.72 16.79
N ASP A 183 20.07 1.73 15.98
CA ASP A 183 19.69 1.78 14.58
C ASP A 183 20.38 0.73 13.70
N SER A 184 21.43 0.06 14.15
CA SER A 184 22.03 -1.07 13.44
C SER A 184 21.19 -2.34 13.65
N LEU A 185 20.71 -2.57 14.87
CA LEU A 185 19.82 -3.69 15.17
C LEU A 185 18.42 -3.51 14.58
N ILE A 186 17.80 -2.34 14.71
CA ILE A 186 16.39 -2.12 14.38
C ILE A 186 16.13 -0.96 13.42
N THR A 187 15.22 -1.19 12.48
CA THR A 187 14.70 -0.22 11.51
C THR A 187 13.45 0.48 12.04
N ASP A 188 13.19 1.73 11.64
CA ASP A 188 11.88 2.38 11.82
C ASP A 188 10.89 2.10 10.66
N LEU A 189 11.37 1.51 9.57
CA LEU A 189 10.68 1.33 8.27
C LEU A 189 10.12 2.62 7.68
N ASN A 190 10.76 3.76 7.97
CA ASN A 190 10.35 5.10 7.60
C ASN A 190 8.93 5.45 8.08
N THR A 191 8.63 5.15 9.35
CA THR A 191 7.33 5.43 9.98
C THR A 191 7.51 6.12 11.34
N PRO A 192 6.58 7.02 11.73
CA PRO A 192 6.62 7.66 13.04
C PRO A 192 6.32 6.71 14.20
N TYR A 193 6.65 7.16 15.41
CA TYR A 193 6.31 6.52 16.67
C TYR A 193 4.78 6.47 16.81
N ASP A 194 4.21 5.29 17.05
CA ASP A 194 2.78 5.11 17.14
C ASP A 194 2.31 4.81 18.56
N TYR A 195 1.64 5.77 19.19
CA TYR A 195 0.99 5.60 20.48
C TYR A 195 -0.15 4.58 20.43
N GLU A 196 -0.79 4.40 19.29
CA GLU A 196 -1.89 3.46 19.09
C GLU A 196 -1.39 2.06 18.67
N SER A 197 -0.08 1.83 18.65
CA SER A 197 0.49 0.55 18.26
C SER A 197 0.12 -0.60 19.20
N LEU A 198 -0.19 -1.75 18.63
CA LEU A 198 -0.38 -3.00 19.36
C LEU A 198 0.88 -3.48 20.08
N MET A 199 2.06 -3.00 19.64
CA MET A 199 3.36 -3.28 20.24
C MET A 199 3.74 -2.33 21.38
N HIS A 200 2.81 -1.44 21.77
CA HIS A 200 3.10 -0.43 22.82
C HIS A 200 2.57 -0.92 24.18
N TYR A 201 3.36 -0.73 25.25
CA TYR A 201 2.94 -1.14 26.61
C TYR A 201 1.95 -0.15 27.22
N GLN A 202 1.13 -0.62 28.17
CA GLN A 202 0.15 0.27 28.87
C GLN A 202 0.84 0.95 30.06
N PRO A 203 0.41 2.11 30.62
CA PRO A 203 1.14 2.76 31.70
C PRO A 203 1.47 1.84 32.87
N PHE A 204 0.50 1.06 33.32
CA PHE A 204 0.62 0.07 34.38
C PHE A 204 1.04 -1.30 33.82
N SER A 205 2.26 -1.40 33.34
CA SER A 205 2.87 -2.63 32.83
C SER A 205 4.05 -3.03 33.70
N PHE A 206 4.01 -4.23 34.29
CA PHE A 206 5.05 -4.76 35.18
C PHE A 206 5.47 -3.82 36.32
N ASN A 207 4.54 -3.01 36.83
CA ASN A 207 4.77 -2.06 37.91
C ASN A 207 4.75 -2.72 39.30
N LYS A 208 5.67 -2.32 40.17
CA LYS A 208 5.71 -2.69 41.61
C LYS A 208 4.48 -2.25 42.39
N ASN A 209 4.00 -1.04 42.11
CA ASN A 209 2.93 -0.36 42.83
C ASN A 209 1.75 -0.06 41.89
N ALA A 210 0.54 -0.52 42.21
CA ALA A 210 -0.62 -0.39 41.34
C ALA A 210 -1.05 1.06 41.05
N SER A 211 -0.68 2.02 41.89
CA SER A 211 -0.98 3.44 41.72
C SER A 211 0.05 4.17 40.84
N VAL A 212 1.25 3.63 40.67
CA VAL A 212 2.35 4.28 39.95
C VAL A 212 2.60 3.58 38.60
N PRO A 213 2.53 4.30 37.46
CA PRO A 213 2.82 3.73 36.16
C PRO A 213 4.31 3.50 35.91
N THR A 214 4.63 2.50 35.10
CA THR A 214 5.98 2.18 34.62
C THR A 214 6.37 3.01 33.39
N ILE A 215 5.42 3.33 32.53
CA ILE A 215 5.63 4.06 31.29
C ILE A 215 4.60 5.18 31.20
N THR A 216 4.99 6.38 30.80
CA THR A 216 4.08 7.50 30.56
C THR A 216 4.47 8.24 29.30
N ALA A 217 3.50 8.73 28.54
CA ALA A 217 3.76 9.59 27.40
C ALA A 217 4.22 10.96 27.87
N LYS A 218 5.13 11.60 27.15
CA LYS A 218 5.58 12.97 27.50
C LYS A 218 4.46 14.01 27.32
N ILE A 219 3.56 13.82 26.37
CA ILE A 219 2.32 14.59 26.23
C ILE A 219 1.21 13.82 26.95
N PRO A 220 0.58 14.35 28.01
CA PRO A 220 -0.24 13.56 28.90
C PRO A 220 -1.55 13.03 28.30
N GLU A 221 -2.09 13.64 27.24
CA GLU A 221 -3.28 13.15 26.54
C GLU A 221 -3.15 11.70 26.04
N PHE A 222 -1.95 11.29 25.62
CA PHE A 222 -1.70 9.94 25.12
C PHE A 222 -1.65 8.86 26.19
N ASN A 223 -1.61 9.18 27.48
CA ASN A 223 -1.73 8.20 28.55
C ASN A 223 -3.09 7.46 28.52
N SER A 224 -4.12 8.08 27.95
CA SER A 224 -5.42 7.47 27.69
C SER A 224 -5.46 6.59 26.42
N ILE A 225 -4.38 6.55 25.64
CA ILE A 225 -4.31 5.93 24.31
C ILE A 225 -3.27 4.80 24.29
N ILE A 226 -2.10 4.96 24.92
CA ILE A 226 -1.04 3.95 24.89
C ILE A 226 -1.47 2.64 25.53
N GLY A 227 -1.10 1.53 24.89
CA GLY A 227 -1.47 0.19 25.32
C GLY A 227 -2.87 -0.24 24.93
N GLN A 228 -3.38 0.19 23.78
CA GLN A 228 -4.62 -0.33 23.22
C GLN A 228 -4.54 -1.85 22.99
N ARG A 229 -5.67 -2.54 23.18
CA ARG A 229 -5.80 -3.99 23.05
C ARG A 229 -6.96 -4.36 22.12
N LEU A 230 -7.13 -3.56 21.06
CA LEU A 230 -8.15 -3.75 20.03
C LEU A 230 -7.66 -4.65 18.89
N ASP A 231 -6.62 -4.22 18.19
CA ASP A 231 -6.21 -4.76 16.89
C ASP A 231 -4.87 -4.15 16.42
N PHE A 232 -4.40 -4.49 15.23
CA PHE A 232 -3.31 -3.77 14.58
C PHE A 232 -3.71 -2.32 14.30
N SER A 233 -2.83 -1.37 14.59
CA SER A 233 -3.01 -0.01 14.09
C SER A 233 -2.73 0.08 12.59
N ALA A 234 -3.08 1.21 11.97
CA ALA A 234 -2.71 1.49 10.59
C ALA A 234 -1.18 1.49 10.38
N ILE A 235 -0.40 2.03 11.32
CA ILE A 235 1.07 2.01 11.25
C ILE A 235 1.64 0.61 11.51
N ASP A 236 1.06 -0.19 12.40
CA ASP A 236 1.45 -1.60 12.55
C ASP A 236 1.32 -2.38 11.24
N LEU A 237 0.20 -2.23 10.52
CA LEU A 237 0.01 -2.84 9.20
C LEU A 237 0.95 -2.27 8.15
N GLU A 238 1.15 -0.95 8.11
CA GLU A 238 2.08 -0.35 7.15
C GLU A 238 3.52 -0.84 7.37
N ARG A 239 3.91 -1.02 8.65
CA ARG A 239 5.26 -1.60 8.93
C ARG A 239 5.29 -3.06 8.45
N LEU A 240 4.25 -3.85 8.75
CA LEU A 240 4.22 -5.26 8.36
C LEU A 240 4.33 -5.42 6.85
N ASN A 241 3.62 -4.59 6.09
CA ASN A 241 3.68 -4.55 4.64
C ASN A 241 5.07 -4.19 4.12
N ARG A 242 5.72 -3.16 4.65
CA ARG A 242 7.07 -2.74 4.23
C ARG A 242 8.14 -3.79 4.53
N MET A 243 8.00 -4.54 5.62
CA MET A 243 8.94 -5.60 5.95
C MET A 243 8.83 -6.81 5.01
N TYR A 244 7.61 -7.24 4.66
CA TYR A 244 7.36 -8.47 3.92
C TYR A 244 6.86 -8.31 2.47
N ASN A 245 6.82 -7.09 1.95
CA ASN A 245 6.34 -6.74 0.61
C ASN A 245 4.90 -7.19 0.28
N CYS A 246 3.98 -7.04 1.23
CA CYS A 246 2.57 -7.27 1.00
C CYS A 246 1.90 -6.11 0.27
N THR A 247 0.93 -6.37 -0.59
CA THR A 247 0.08 -5.33 -1.20
C THR A 247 -1.40 -5.68 -1.13
N THR A 248 -1.76 -6.90 -1.53
CA THR A 248 -3.07 -7.52 -1.31
C THR A 248 -3.17 -8.17 0.08
N THR A 249 -4.35 -8.67 0.44
CA THR A 249 -4.54 -9.58 1.58
C THR A 249 -5.17 -10.89 1.08
N HIS A 250 -5.02 -11.99 1.81
CA HIS A 250 -5.56 -13.30 1.39
C HIS A 250 -7.09 -13.38 1.39
N THR A 251 -7.81 -12.42 1.95
CA THR A 251 -9.21 -12.60 2.36
C THR A 251 -10.11 -11.38 2.18
N LEU A 252 -9.60 -10.19 1.85
CA LEU A 252 -10.43 -9.05 1.43
C LEU A 252 -10.62 -9.08 -0.09
N LEU A 253 -11.82 -9.38 -0.55
CA LEU A 253 -12.11 -9.61 -1.96
C LEU A 253 -12.65 -8.38 -2.68
N ASP A 254 -13.54 -7.62 -2.04
CA ASP A 254 -14.01 -6.32 -2.55
C ASP A 254 -14.43 -5.38 -1.42
N HIS A 255 -14.45 -4.08 -1.67
CA HIS A 255 -15.19 -3.12 -0.87
C HIS A 255 -15.61 -1.93 -1.73
N CYS A 256 -16.75 -1.33 -1.42
CA CYS A 256 -17.27 -0.17 -2.13
C CYS A 256 -18.06 0.78 -1.25
N THR A 257 -17.69 2.07 -1.34
CA THR A 257 -18.37 3.15 -0.55
C THR A 257 -19.03 4.13 -1.53
N PHE A 258 -18.86 3.93 -2.84
CA PHE A 258 -19.50 4.76 -3.89
C PHE A 258 -19.02 6.22 -3.93
N GLU A 259 -17.78 6.52 -3.54
CA GLU A 259 -17.35 7.92 -3.50
C GLU A 259 -16.82 8.44 -4.84
N LYS A 260 -16.15 7.59 -5.61
CA LYS A 260 -15.70 7.93 -6.98
C LYS A 260 -16.85 7.77 -7.96
N ALA A 261 -16.81 8.51 -9.06
CA ALA A 261 -17.87 8.49 -10.08
C ALA A 261 -18.04 7.12 -10.75
N ASN A 262 -16.98 6.34 -10.86
CA ASN A 262 -17.00 4.99 -11.43
C ASN A 262 -17.64 3.93 -10.52
N ILE A 263 -18.07 4.29 -9.30
CA ILE A 263 -18.74 3.44 -8.31
C ILE A 263 -18.12 2.04 -8.21
N CYS A 264 -16.80 1.98 -8.03
CA CYS A 264 -16.04 0.76 -7.83
C CYS A 264 -16.16 -0.26 -8.96
N GLY A 265 -16.43 0.20 -10.19
CA GLY A 265 -16.62 -0.67 -11.34
C GLY A 265 -18.01 -1.28 -11.43
N MET A 266 -18.96 -0.90 -10.59
CA MET A 266 -20.34 -1.40 -10.69
C MET A 266 -21.02 -0.89 -11.96
N ILE A 267 -21.91 -1.70 -12.49
CA ILE A 267 -22.60 -1.50 -13.76
C ILE A 267 -24.10 -1.65 -13.57
N GLN A 268 -24.88 -1.09 -14.47
CA GLN A 268 -26.33 -1.19 -14.50
C GLN A 268 -26.82 -1.80 -15.81
N GLY A 269 -27.55 -2.90 -15.74
CA GLY A 269 -28.10 -3.59 -16.92
C GLY A 269 -29.28 -2.86 -17.55
N THR A 270 -29.76 -3.43 -18.66
CA THR A 270 -30.94 -2.95 -19.41
C THR A 270 -32.15 -3.90 -19.34
N ARG A 271 -31.93 -5.13 -18.84
CA ARG A 271 -33.05 -6.09 -18.66
C ARG A 271 -34.00 -5.54 -17.61
N ASP A 272 -33.50 -4.68 -16.73
CA ASP A 272 -34.35 -4.05 -15.67
C ASP A 272 -35.19 -2.93 -16.33
N ASP A 273 -36.14 -2.37 -15.58
CA ASP A 273 -37.03 -1.33 -16.16
C ASP A 273 -36.48 0.07 -15.82
N THR A 274 -35.63 0.16 -14.79
CA THR A 274 -35.18 1.49 -14.32
C THR A 274 -33.72 1.42 -13.84
N ASP A 275 -33.17 2.52 -13.32
CA ASP A 275 -31.80 2.60 -12.79
C ASP A 275 -31.75 3.10 -11.34
N TRP A 276 -30.71 2.69 -10.64
CA TRP A 276 -30.21 3.29 -9.41
C TRP A 276 -29.56 4.64 -9.70
N ALA A 277 -29.79 5.62 -8.83
CA ALA A 277 -29.19 6.94 -8.89
C ALA A 277 -27.98 6.99 -7.98
N HIS A 278 -26.86 7.53 -8.46
CA HIS A 278 -25.72 7.87 -7.64
C HIS A 278 -25.94 9.24 -6.99
N GLN A 279 -26.29 9.28 -5.71
CA GLN A 279 -26.92 10.43 -5.07
C GLN A 279 -26.01 11.18 -4.07
N ASP A 280 -26.09 12.50 -4.10
CA ASP A 280 -25.02 13.45 -3.73
C ASP A 280 -24.91 13.82 -2.24
N SER A 281 -25.89 13.44 -1.40
CA SER A 281 -25.97 13.82 0.03
C SER A 281 -26.19 15.32 0.31
N ALA A 282 -26.57 16.08 -0.71
CA ALA A 282 -26.73 17.56 -0.58
C ALA A 282 -28.19 17.95 -0.40
N GLN A 283 -28.95 17.17 0.35
CA GLN A 283 -30.36 17.51 0.65
C GLN A 283 -30.53 17.38 2.16
N ALA A 284 -31.55 17.99 2.77
CA ALA A 284 -31.64 18.04 4.24
C ALA A 284 -31.75 16.68 4.94
N GLY A 285 -32.63 15.81 4.46
CA GLY A 285 -32.86 14.53 5.16
C GLY A 285 -32.15 13.36 4.50
N GLU A 286 -31.29 13.66 3.48
CA GLU A 286 -30.66 12.53 2.73
C GLU A 286 -29.14 12.54 2.89
N VAL A 287 -28.61 11.87 3.96
CA VAL A 287 -27.14 11.81 4.01
C VAL A 287 -26.56 10.41 3.89
N ASP A 288 -25.40 10.24 3.36
CA ASP A 288 -24.84 8.87 3.14
C ASP A 288 -24.26 8.30 4.43
N HIS A 289 -24.15 7.02 4.54
CA HIS A 289 -23.58 6.33 5.69
C HIS A 289 -22.07 6.55 5.85
N THR A 290 -21.31 6.80 4.79
CA THR A 290 -19.86 6.89 4.94
C THR A 290 -19.44 8.07 5.80
N LEU A 291 -20.06 9.24 5.62
CA LEU A 291 -19.66 10.49 6.26
C LEU A 291 -20.77 11.11 7.10
N LEU A 292 -22.01 10.65 7.01
CA LEU A 292 -23.17 11.18 7.77
C LEU A 292 -23.33 12.70 7.62
N GLY A 293 -23.03 13.25 6.45
CA GLY A 293 -23.10 14.70 6.22
C GLY A 293 -21.99 15.52 6.86
N GLN A 294 -20.87 14.92 7.27
CA GLN A 294 -19.71 15.63 7.83
C GLN A 294 -19.04 16.58 6.82
N CYS A 295 -19.14 16.31 5.53
CA CYS A 295 -18.19 16.77 4.53
C CYS A 295 -18.91 17.16 3.23
N THR A 296 -18.93 18.45 2.88
CA THR A 296 -19.75 18.96 1.78
C THR A 296 -19.27 18.51 0.39
N GLY A 297 -20.20 18.04 -0.43
CA GLY A 297 -19.93 17.52 -1.77
C GLY A 297 -19.14 16.21 -1.83
N ALA A 298 -19.09 15.42 -0.76
CA ALA A 298 -18.08 14.38 -0.58
C ALA A 298 -18.58 13.02 -0.05
N GLY A 299 -19.88 12.82 0.16
CA GLY A 299 -20.44 11.56 0.64
C GLY A 299 -21.55 11.05 -0.27
N TYR A 300 -21.37 9.93 -0.94
CA TYR A 300 -22.30 9.38 -1.90
C TYR A 300 -22.83 8.00 -1.52
N PHE A 301 -24.08 7.77 -1.87
CA PHE A 301 -24.80 6.52 -1.76
C PHE A 301 -25.49 6.22 -3.08
N MET A 302 -25.99 5.01 -3.26
CA MET A 302 -26.91 4.68 -4.34
C MET A 302 -28.34 4.78 -3.85
N GLN A 303 -29.27 5.25 -4.67
CA GLN A 303 -30.68 5.38 -4.30
C GLN A 303 -31.60 4.78 -5.36
N PHE A 304 -32.69 4.15 -4.93
CA PHE A 304 -33.75 3.64 -5.79
C PHE A 304 -35.10 4.11 -5.28
N SER A 305 -35.68 5.11 -5.95
CA SER A 305 -36.92 5.76 -5.56
C SER A 305 -38.11 4.89 -5.87
N THR A 306 -39.09 4.88 -4.97
CA THR A 306 -40.27 3.98 -5.06
C THR A 306 -41.59 4.73 -5.02
N SER A 307 -41.57 6.05 -4.96
CA SER A 307 -42.76 6.90 -4.82
C SER A 307 -43.55 7.16 -6.11
N SER A 308 -43.13 6.60 -7.24
CA SER A 308 -43.74 6.80 -8.57
C SER A 308 -43.58 5.58 -9.48
N GLY A 309 -44.42 5.48 -10.51
CA GLY A 309 -44.41 4.40 -11.51
C GLY A 309 -45.28 3.21 -11.15
N SER A 310 -45.12 2.10 -11.86
CA SER A 310 -45.81 0.84 -11.58
C SER A 310 -45.19 0.10 -10.41
N ALA A 311 -45.99 -0.68 -9.69
CA ALA A 311 -45.47 -1.72 -8.84
C ALA A 311 -44.75 -2.79 -9.67
N GLU A 312 -43.86 -3.54 -9.04
CA GLU A 312 -42.96 -4.55 -9.63
C GLU A 312 -41.95 -4.01 -10.66
N GLU A 313 -41.81 -2.69 -10.84
CA GLU A 313 -40.66 -2.12 -11.54
C GLU A 313 -39.39 -2.30 -10.71
N ALA A 314 -38.26 -2.52 -11.38
CA ALA A 314 -37.00 -2.84 -10.72
C ALA A 314 -35.78 -2.23 -11.40
N ALA A 315 -34.70 -2.11 -10.65
CA ALA A 315 -33.38 -1.78 -11.12
C ALA A 315 -32.35 -2.77 -10.57
N LEU A 316 -31.39 -3.18 -11.38
CA LEU A 316 -30.24 -4.00 -11.01
C LEU A 316 -28.97 -3.15 -10.97
N LEU A 317 -28.25 -3.21 -9.86
CA LEU A 317 -26.89 -2.78 -9.71
C LEU A 317 -26.00 -4.01 -9.58
N GLU A 318 -24.93 -4.09 -10.33
CA GLU A 318 -24.17 -5.32 -10.52
C GLU A 318 -22.67 -5.07 -10.39
N SER A 319 -21.96 -5.90 -9.63
CA SER A 319 -20.54 -5.73 -9.37
C SER A 319 -19.66 -6.00 -10.60
N ARG A 320 -18.36 -5.73 -10.38
CA ARG A 320 -17.39 -6.16 -11.40
C ARG A 320 -17.12 -7.64 -11.05
N ILE A 321 -16.59 -8.42 -11.97
CA ILE A 321 -16.32 -9.85 -11.79
C ILE A 321 -15.22 -10.02 -10.75
N LEU A 322 -15.37 -11.01 -9.89
CA LEU A 322 -14.54 -11.33 -8.74
C LEU A 322 -14.05 -12.76 -8.87
N TYR A 323 -12.82 -13.02 -8.44
CA TYR A 323 -12.17 -14.34 -8.49
C TYR A 323 -11.96 -14.85 -7.06
N PRO A 324 -12.85 -15.69 -6.51
CA PRO A 324 -12.76 -16.14 -5.13
C PRO A 324 -11.61 -17.14 -4.92
N LYS A 325 -10.86 -16.98 -3.82
CA LYS A 325 -9.77 -17.87 -3.41
C LYS A 325 -10.22 -18.94 -2.43
N ARG A 326 -11.32 -18.75 -1.71
CA ARG A 326 -11.96 -19.75 -0.84
C ARG A 326 -13.35 -20.11 -1.34
N LYS A 327 -14.01 -21.04 -0.65
CA LYS A 327 -15.36 -21.56 -0.99
C LYS A 327 -16.51 -20.81 -0.33
N GLN A 328 -16.24 -19.89 0.60
CA GLN A 328 -17.25 -19.12 1.33
C GLN A 328 -16.84 -17.65 1.46
N GLN A 329 -17.80 -16.76 1.28
CA GLN A 329 -17.65 -15.31 1.38
C GLN A 329 -18.78 -14.69 2.18
N CYS A 330 -18.53 -13.59 2.86
CA CYS A 330 -19.52 -12.77 3.50
C CYS A 330 -19.63 -11.42 2.82
N LEU A 331 -20.82 -11.07 2.32
CA LEU A 331 -21.15 -9.76 1.80
C LEU A 331 -21.83 -8.93 2.90
N GLN A 332 -21.13 -7.93 3.42
CA GLN A 332 -21.65 -6.94 4.35
C GLN A 332 -22.04 -5.68 3.60
N PHE A 333 -23.15 -5.02 3.94
CA PHE A 333 -23.48 -3.69 3.44
C PHE A 333 -24.43 -2.92 4.36
N PHE A 334 -24.58 -1.62 4.14
CA PHE A 334 -25.53 -0.75 4.85
C PHE A 334 -26.63 -0.27 3.92
N TYR A 335 -27.85 -0.22 4.43
CA TYR A 335 -29.03 0.15 3.66
C TYR A 335 -30.11 0.88 4.48
N LYS A 336 -31.02 1.60 3.82
CA LYS A 336 -32.27 2.14 4.35
C LYS A 336 -33.42 1.72 3.46
N MET A 337 -34.61 1.54 4.02
CA MET A 337 -35.85 1.28 3.28
C MET A 337 -36.97 2.16 3.84
N THR A 338 -37.11 3.35 3.28
CA THR A 338 -38.07 4.38 3.71
C THR A 338 -39.38 4.38 2.91
N GLY A 339 -39.52 3.50 1.92
CA GLY A 339 -40.64 3.49 1.00
C GLY A 339 -41.85 2.72 1.52
N SER A 340 -42.52 2.01 0.63
CA SER A 340 -43.64 1.14 0.96
C SER A 340 -43.18 -0.09 1.75
N PRO A 341 -44.03 -0.70 2.60
CA PRO A 341 -43.80 -2.03 3.16
C PRO A 341 -43.64 -3.15 2.12
N SER A 342 -44.06 -2.94 0.88
CA SER A 342 -43.98 -3.92 -0.21
C SER A 342 -42.78 -3.73 -1.14
N ASP A 343 -41.90 -2.77 -0.89
CA ASP A 343 -40.61 -2.69 -1.56
C ASP A 343 -39.69 -3.85 -1.18
N ARG A 344 -38.78 -4.19 -2.09
CA ARG A 344 -37.87 -5.34 -1.83
C ARG A 344 -36.44 -5.14 -2.34
N LEU A 345 -35.45 -5.18 -1.46
CA LEU A 345 -34.06 -5.24 -1.87
C LEU A 345 -33.68 -6.72 -1.91
N VAL A 346 -33.27 -7.22 -3.07
CA VAL A 346 -32.89 -8.62 -3.25
C VAL A 346 -31.43 -8.70 -3.68
N VAL A 347 -30.67 -9.55 -3.01
CA VAL A 347 -29.26 -9.80 -3.36
C VAL A 347 -29.19 -11.07 -4.19
N TRP A 348 -28.44 -11.02 -5.27
CA TRP A 348 -28.26 -12.09 -6.25
C TRP A 348 -26.77 -12.30 -6.51
N VAL A 349 -26.42 -13.48 -7.00
CA VAL A 349 -25.14 -13.75 -7.66
C VAL A 349 -25.37 -14.03 -9.13
N ARG A 350 -24.47 -13.55 -9.97
CA ARG A 350 -24.29 -13.97 -11.36
C ARG A 350 -22.96 -14.72 -11.43
N ARG A 351 -22.99 -16.02 -11.76
CA ARG A 351 -21.75 -16.85 -11.73
C ARG A 351 -21.40 -17.52 -13.05
N ASP A 352 -20.12 -17.87 -13.24
CA ASP A 352 -19.64 -18.64 -14.39
C ASP A 352 -20.52 -19.88 -14.65
N ASP A 353 -21.00 -20.06 -15.87
CA ASP A 353 -21.81 -21.20 -16.28
C ASP A 353 -20.99 -22.45 -16.66
N SER A 354 -19.69 -22.44 -16.35
CA SER A 354 -18.62 -23.40 -16.66
C SER A 354 -17.95 -23.22 -18.02
N THR A 355 -18.47 -22.35 -18.91
CA THR A 355 -17.79 -22.03 -20.17
C THR A 355 -16.73 -20.93 -20.03
N GLY A 356 -16.68 -20.26 -18.88
CA GLY A 356 -15.96 -19.00 -18.69
C GLY A 356 -16.85 -17.76 -18.83
N ASN A 357 -18.15 -17.91 -19.05
CA ASN A 357 -19.09 -16.81 -19.22
C ASN A 357 -19.91 -16.60 -17.93
N VAL A 358 -19.84 -15.42 -17.33
CA VAL A 358 -20.51 -15.08 -16.07
C VAL A 358 -21.95 -14.66 -16.35
N ARG A 359 -22.86 -15.65 -16.38
CA ARG A 359 -24.27 -15.38 -16.78
C ARG A 359 -25.32 -16.20 -16.01
N LYS A 360 -24.92 -17.17 -15.18
CA LYS A 360 -25.84 -17.98 -14.38
C LYS A 360 -26.35 -17.20 -13.17
N LEU A 361 -27.63 -16.87 -13.09
CA LEU A 361 -28.22 -16.19 -11.92
C LEU A 361 -28.54 -17.17 -10.80
N VAL A 362 -28.33 -16.72 -9.56
CA VAL A 362 -28.72 -17.40 -8.32
C VAL A 362 -29.21 -16.32 -7.34
N LYS A 363 -30.43 -16.41 -6.81
CA LYS A 363 -30.89 -15.51 -5.75
C LYS A 363 -30.30 -15.92 -4.40
N VAL A 364 -29.84 -14.97 -3.59
CA VAL A 364 -29.26 -15.29 -2.27
C VAL A 364 -30.10 -14.81 -1.08
N GLN A 365 -30.63 -13.60 -1.05
CA GLN A 365 -31.37 -13.09 0.12
C GLN A 365 -32.32 -11.93 -0.22
N THR A 366 -33.40 -11.76 0.55
CA THR A 366 -34.34 -10.63 0.43
C THR A 366 -34.40 -9.82 1.72
N PHE A 367 -34.50 -8.50 1.59
CA PHE A 367 -34.72 -7.52 2.65
C PHE A 367 -35.97 -6.70 2.37
N GLN A 368 -36.75 -6.41 3.39
CA GLN A 368 -37.99 -5.64 3.35
C GLN A 368 -38.08 -4.63 4.49
N GLY A 369 -38.87 -3.58 4.30
CA GLY A 369 -38.91 -2.41 5.19
C GLY A 369 -39.89 -2.55 6.35
N ASP A 370 -39.49 -1.99 7.50
CA ASP A 370 -40.29 -1.81 8.72
C ASP A 370 -40.47 -0.31 9.03
N ASP A 371 -40.90 0.04 10.24
CA ASP A 371 -41.07 1.43 10.68
C ASP A 371 -39.76 2.15 11.05
N ASP A 372 -38.64 1.43 11.20
CA ASP A 372 -37.31 2.02 11.38
C ASP A 372 -36.74 2.52 10.05
N HIS A 373 -36.56 3.77 9.82
CA HIS A 373 -36.08 4.28 8.51
C HIS A 373 -34.62 4.72 8.55
N ASN A 374 -33.89 4.44 9.66
CA ASN A 374 -32.46 4.69 9.75
C ASN A 374 -31.61 3.60 9.04
N TRP A 375 -30.31 3.82 8.89
CA TRP A 375 -29.38 2.85 8.29
C TRP A 375 -29.32 1.54 9.07
N LYS A 376 -29.44 0.42 8.37
CA LYS A 376 -29.38 -0.95 8.87
C LYS A 376 -28.14 -1.63 8.32
N ILE A 377 -27.62 -2.60 9.04
CA ILE A 377 -26.52 -3.46 8.59
C ILE A 377 -27.07 -4.79 8.08
N ALA A 378 -26.56 -5.29 6.97
CA ALA A 378 -26.88 -6.59 6.38
C ALA A 378 -25.63 -7.43 6.20
N HIS A 379 -25.78 -8.75 6.34
CA HIS A 379 -24.79 -9.75 5.99
C HIS A 379 -25.45 -10.84 5.16
N VAL A 380 -24.81 -11.24 4.09
CA VAL A 380 -25.25 -12.31 3.20
C VAL A 380 -24.11 -13.30 3.06
N VAL A 381 -24.35 -14.58 3.30
CA VAL A 381 -23.41 -15.65 2.98
C VAL A 381 -23.47 -15.93 1.49
N LEU A 382 -22.34 -15.87 0.81
CA LEU A 382 -22.15 -16.31 -0.57
C LEU A 382 -21.23 -17.55 -0.56
N LYS A 383 -21.45 -18.49 -1.46
CA LYS A 383 -20.67 -19.73 -1.54
C LYS A 383 -20.18 -19.96 -2.97
N GLU A 384 -19.27 -19.12 -3.42
CA GLU A 384 -18.78 -19.07 -4.78
C GLU A 384 -17.38 -19.69 -4.89
N GLU A 385 -17.17 -20.59 -5.85
CA GLU A 385 -15.90 -21.27 -6.10
C GLU A 385 -15.33 -21.05 -7.51
N GLN A 386 -15.99 -20.22 -8.30
CA GLN A 386 -15.65 -19.81 -9.66
C GLN A 386 -15.94 -18.31 -9.78
N LYS A 387 -15.44 -17.64 -10.82
CA LYS A 387 -15.66 -16.21 -10.99
C LYS A 387 -17.15 -15.82 -11.02
N PHE A 388 -17.49 -14.72 -10.33
CA PHE A 388 -18.91 -14.33 -10.19
C PHE A 388 -19.04 -12.82 -9.95
N ARG A 389 -20.28 -12.33 -9.83
CA ARG A 389 -20.52 -10.90 -9.51
C ARG A 389 -21.61 -10.82 -8.43
N TYR A 390 -21.60 -9.78 -7.60
CA TYR A 390 -22.72 -9.61 -6.63
C TYR A 390 -23.71 -8.59 -7.20
N LEU A 391 -25.01 -8.79 -6.99
CA LEU A 391 -26.04 -7.97 -7.62
C LEU A 391 -27.06 -7.49 -6.57
N PHE A 392 -27.53 -6.25 -6.66
CA PHE A 392 -28.63 -5.70 -5.87
C PHE A 392 -29.80 -5.34 -6.78
N GLN A 393 -30.96 -5.95 -6.54
CA GLN A 393 -32.21 -5.62 -7.21
C GLN A 393 -33.10 -4.82 -6.25
N GLY A 394 -33.30 -3.56 -6.54
CA GLY A 394 -34.31 -2.74 -5.89
C GLY A 394 -35.62 -2.88 -6.63
N THR A 395 -36.71 -3.07 -5.91
CA THR A 395 -38.05 -3.28 -6.51
C THR A 395 -39.08 -2.42 -5.85
N LYS A 396 -39.89 -1.73 -6.66
CA LYS A 396 -41.02 -0.91 -6.24
C LYS A 396 -42.19 -1.77 -5.86
N GLY A 397 -42.75 -1.58 -4.69
CA GLY A 397 -44.07 -2.10 -4.33
C GLY A 397 -44.97 -0.95 -3.91
N ASP A 398 -46.21 -0.93 -4.37
CA ASP A 398 -47.19 0.11 -4.06
C ASP A 398 -46.66 1.56 -4.11
N PRO A 399 -46.25 2.09 -5.27
CA PRO A 399 -45.77 3.46 -5.38
C PRO A 399 -46.75 4.55 -4.91
N GLN A 400 -48.05 4.30 -5.05
CA GLN A 400 -49.12 5.14 -4.53
C GLN A 400 -49.19 5.20 -2.99
N ASN A 401 -48.43 4.36 -2.27
CA ASN A 401 -48.27 4.39 -0.81
C ASN A 401 -46.80 4.55 -0.39
N SER A 402 -45.95 5.16 -1.21
CA SER A 402 -44.55 5.41 -0.89
C SER A 402 -44.18 6.87 -1.02
N THR A 403 -43.47 7.40 -0.03
CA THR A 403 -42.82 8.72 -0.07
C THR A 403 -41.30 8.61 -0.03
N GLY A 404 -40.75 7.43 -0.30
CA GLY A 404 -39.34 7.12 -0.11
C GLY A 404 -38.82 6.05 -1.05
N GLY A 405 -37.81 5.31 -0.61
CA GLY A 405 -37.10 4.37 -1.46
C GLY A 405 -36.08 3.52 -0.73
N ILE A 406 -35.11 3.04 -1.48
CA ILE A 406 -34.04 2.15 -1.02
C ILE A 406 -32.70 2.86 -1.19
N TYR A 407 -31.80 2.68 -0.24
CA TYR A 407 -30.52 3.35 -0.17
C TYR A 407 -29.41 2.33 0.07
N LEU A 408 -28.24 2.46 -0.57
CA LEU A 408 -27.06 1.61 -0.35
C LEU A 408 -25.79 2.40 -0.16
N ASP A 409 -24.98 2.00 0.80
CA ASP A 409 -23.62 2.49 1.00
C ASP A 409 -22.74 1.39 1.62
N ASP A 410 -21.42 1.59 1.63
CA ASP A 410 -20.48 0.82 2.48
C ASP A 410 -20.56 -0.71 2.39
N ILE A 411 -20.43 -1.23 1.18
CA ILE A 411 -20.35 -2.66 0.88
C ILE A 411 -18.94 -3.19 1.17
N THR A 412 -18.81 -4.36 1.77
CA THR A 412 -17.55 -5.07 2.01
C THR A 412 -17.75 -6.55 1.70
N LEU A 413 -16.81 -7.20 1.02
CA LEU A 413 -16.85 -8.61 0.70
C LEU A 413 -15.57 -9.31 1.15
N THR A 414 -15.69 -10.27 2.06
CA THR A 414 -14.56 -10.99 2.66
C THR A 414 -14.71 -12.49 2.50
N GLU A 415 -13.62 -13.22 2.35
CA GLU A 415 -13.61 -14.67 2.23
C GLU A 415 -13.61 -15.36 3.60
N THR A 416 -14.65 -15.05 4.38
CA THR A 416 -14.83 -15.43 5.78
C THR A 416 -16.27 -15.89 6.01
N PRO A 417 -16.58 -16.58 7.12
CA PRO A 417 -17.93 -16.71 7.62
C PRO A 417 -18.56 -15.34 7.92
N CYS A 418 -19.88 -15.24 7.85
CA CYS A 418 -20.61 -14.10 8.41
C CYS A 418 -20.77 -14.26 9.92
N PRO A 419 -20.92 -13.16 10.68
CA PRO A 419 -21.23 -13.26 12.11
C PRO A 419 -22.57 -13.96 12.32
N THR A 420 -22.63 -14.86 13.29
CA THR A 420 -23.82 -15.67 13.58
C THR A 420 -24.97 -14.83 14.12
N GLY A 421 -24.68 -13.87 14.99
CA GLY A 421 -25.62 -12.89 15.49
C GLY A 421 -25.04 -11.50 15.41
N VAL A 422 -25.92 -10.53 15.16
CA VAL A 422 -25.61 -9.11 15.06
C VAL A 422 -26.67 -8.31 15.81
N TRP A 423 -26.26 -7.40 16.68
CA TRP A 423 -27.16 -6.58 17.49
C TRP A 423 -26.84 -5.11 17.30
N THR A 424 -27.83 -4.31 16.92
CA THR A 424 -27.71 -2.86 16.83
C THR A 424 -28.49 -2.23 17.97
N VAL A 425 -27.82 -1.46 18.81
CA VAL A 425 -28.45 -0.69 19.87
C VAL A 425 -28.47 0.78 19.44
N ARG A 426 -29.68 1.31 19.30
CA ARG A 426 -29.83 2.67 18.76
C ARG A 426 -29.69 3.75 19.84
N ASN A 427 -29.40 4.97 19.42
CA ASN A 427 -29.23 6.14 20.29
C ASN A 427 -28.38 5.85 21.53
N PHE A 428 -27.29 5.13 21.36
CA PHE A 428 -26.55 4.52 22.45
C PHE A 428 -25.98 5.55 23.41
N SER A 429 -25.55 6.72 22.94
CA SER A 429 -25.16 7.85 23.80
C SER A 429 -26.29 8.39 24.70
N GLN A 430 -27.55 8.37 24.23
CA GLN A 430 -28.71 8.74 25.03
C GLN A 430 -29.06 7.62 26.02
N VAL A 431 -29.03 6.36 25.58
CA VAL A 431 -29.15 5.17 26.45
C VAL A 431 -28.11 5.18 27.56
N LEU A 432 -26.87 5.56 27.26
CA LEU A 432 -25.75 5.66 28.20
C LEU A 432 -25.98 6.71 29.30
N GLU A 433 -26.83 7.71 29.06
CA GLU A 433 -27.26 8.71 30.04
C GLU A 433 -28.59 8.35 30.72
N ASN A 434 -29.50 7.67 30.04
CA ASN A 434 -30.81 7.27 30.56
C ASN A 434 -30.79 5.98 31.42
N THR A 435 -29.73 5.18 31.38
CA THR A 435 -29.65 3.88 32.06
C THR A 435 -28.80 3.97 33.34
N SER A 436 -29.37 3.62 34.49
CA SER A 436 -28.65 3.59 35.78
C SER A 436 -27.64 2.45 35.88
N LYS A 437 -26.70 2.50 36.84
CA LYS A 437 -25.68 1.46 37.02
C LYS A 437 -26.35 0.10 37.27
N GLY A 438 -25.91 -0.92 36.53
CA GLY A 438 -26.44 -2.28 36.65
C GLY A 438 -27.83 -2.51 36.03
N ASP A 439 -28.53 -1.50 35.51
CA ASP A 439 -29.61 -1.74 34.55
C ASP A 439 -29.05 -2.25 33.22
N LYS A 440 -29.82 -3.07 32.50
CA LYS A 440 -29.33 -3.85 31.35
C LYS A 440 -30.29 -3.85 30.17
N LEU A 441 -29.72 -4.16 29.01
CA LEU A 441 -30.37 -4.43 27.75
C LEU A 441 -30.08 -5.87 27.36
N GLN A 442 -30.99 -6.52 26.67
CA GLN A 442 -30.77 -7.85 26.14
C GLN A 442 -31.05 -7.91 24.64
N SER A 443 -30.17 -8.60 23.95
CA SER A 443 -30.28 -8.89 22.53
C SER A 443 -31.50 -9.74 22.20
N PRO A 444 -32.04 -9.68 20.98
CA PRO A 444 -32.82 -10.78 20.44
C PRO A 444 -32.03 -12.09 20.47
N ARG A 445 -32.73 -13.21 20.50
CA ARG A 445 -32.16 -14.56 20.39
C ARG A 445 -31.61 -14.81 18.99
N PHE A 446 -30.45 -15.44 18.94
CA PHE A 446 -29.79 -15.92 17.73
C PHE A 446 -29.69 -17.44 17.77
N TYR A 447 -29.62 -18.09 16.62
CA TYR A 447 -29.36 -19.51 16.49
C TYR A 447 -28.02 -19.77 15.80
N ASN A 448 -27.20 -20.67 16.32
CA ASN A 448 -25.96 -21.09 15.66
C ASN A 448 -26.20 -22.19 14.60
N SER A 449 -25.15 -22.57 13.86
CA SER A 449 -25.21 -23.63 12.83
C SER A 449 -25.64 -24.99 13.38
N GLU A 450 -25.27 -25.30 14.61
CA GLU A 450 -25.67 -26.53 15.33
C GLU A 450 -27.11 -26.48 15.87
N GLY A 451 -27.76 -25.32 15.86
CA GLY A 451 -29.12 -25.12 16.34
C GLY A 451 -29.25 -24.58 17.77
N TYR A 452 -28.18 -24.31 18.51
CA TYR A 452 -28.27 -23.74 19.85
C TYR A 452 -28.74 -22.29 19.81
N GLY A 453 -29.65 -21.93 20.70
CA GLY A 453 -30.06 -20.55 20.91
C GLY A 453 -29.09 -19.81 21.83
N PHE A 454 -28.78 -18.56 21.56
CA PHE A 454 -27.95 -17.73 22.42
C PHE A 454 -28.28 -16.25 22.28
N GLY A 455 -27.76 -15.42 23.18
CA GLY A 455 -27.91 -13.99 23.17
C GLY A 455 -26.84 -13.29 23.99
N VAL A 456 -26.85 -11.97 24.00
CA VAL A 456 -25.94 -11.13 24.77
C VAL A 456 -26.71 -10.15 25.64
N THR A 457 -26.17 -9.90 26.83
CA THR A 457 -26.60 -8.93 27.81
C THR A 457 -25.62 -7.76 27.79
N LEU A 458 -26.12 -6.55 27.72
CA LEU A 458 -25.34 -5.32 27.73
C LEU A 458 -25.72 -4.49 28.95
N TYR A 459 -24.74 -4.15 29.78
CA TYR A 459 -24.90 -3.25 30.90
C TYR A 459 -24.15 -1.98 30.51
N PRO A 460 -24.82 -0.92 30.03
CA PRO A 460 -24.13 0.23 29.47
C PRO A 460 -23.26 0.93 30.50
N ASN A 461 -23.73 1.01 31.74
CA ASN A 461 -23.02 1.49 32.90
C ASN A 461 -22.77 0.31 33.87
N SER A 462 -21.59 -0.31 33.78
CA SER A 462 -21.21 -1.43 34.64
C SER A 462 -21.06 -0.99 36.09
N ARG A 463 -21.73 -1.69 37.02
CA ARG A 463 -21.57 -1.47 38.46
C ARG A 463 -20.20 -1.94 38.96
N GLU A 464 -19.67 -2.98 38.31
CA GLU A 464 -18.45 -3.68 38.67
C GLU A 464 -17.17 -2.97 38.20
N SER A 465 -17.27 -2.00 37.29
CA SER A 465 -16.16 -1.24 36.75
C SER A 465 -16.67 0.12 36.26
N SER A 466 -16.48 1.18 37.06
CA SER A 466 -17.05 2.49 36.75
C SER A 466 -16.43 3.09 35.47
N GLY A 467 -17.28 3.61 34.59
CA GLY A 467 -16.87 4.16 33.28
C GLY A 467 -16.57 3.10 32.21
N TYR A 468 -17.05 1.87 32.41
CA TYR A 468 -16.97 0.77 31.46
C TYR A 468 -18.34 0.19 31.14
N LEU A 469 -18.41 -0.41 29.97
CA LEU A 469 -19.48 -1.23 29.46
C LEU A 469 -19.21 -2.71 29.81
N ARG A 470 -20.29 -3.44 30.13
CA ARG A 470 -20.16 -4.90 30.41
C ARG A 470 -20.97 -5.75 29.41
N LEU A 471 -20.31 -6.56 28.60
CA LEU A 471 -20.94 -7.51 27.70
C LEU A 471 -20.80 -8.90 28.27
N ALA A 472 -21.92 -9.58 28.39
CA ALA A 472 -21.98 -10.97 28.80
C ALA A 472 -22.83 -11.78 27.80
N PHE A 473 -22.48 -13.03 27.61
CA PHE A 473 -23.14 -13.96 26.71
C PHE A 473 -23.97 -14.93 27.53
N HIS A 474 -25.15 -15.29 27.05
CA HIS A 474 -25.98 -16.35 27.63
C HIS A 474 -26.52 -17.29 26.56
N VAL A 475 -26.78 -18.53 26.92
CA VAL A 475 -27.58 -19.45 26.12
C VAL A 475 -29.06 -19.13 26.30
N CYS A 476 -29.84 -19.22 25.22
CA CYS A 476 -31.29 -19.08 25.22
C CYS A 476 -31.93 -20.43 24.96
N SER A 477 -33.08 -20.69 25.55
CA SER A 477 -33.93 -21.78 25.07
C SER A 477 -34.35 -21.51 23.62
N GLY A 478 -34.51 -22.56 22.87
CA GLY A 478 -34.81 -22.50 21.45
C GLY A 478 -35.49 -23.77 20.97
N GLU A 479 -35.91 -23.74 19.72
CA GLU A 479 -36.77 -24.78 19.14
C GLU A 479 -36.10 -26.14 18.95
N ASN A 480 -34.78 -26.23 19.13
CA ASN A 480 -33.97 -27.42 18.89
C ASN A 480 -33.54 -28.15 20.15
N ASP A 481 -33.67 -27.54 21.33
CA ASP A 481 -32.94 -27.92 22.55
C ASP A 481 -33.07 -29.38 22.95
N ALA A 482 -34.19 -29.99 22.62
CA ALA A 482 -34.50 -31.38 22.91
C ALA A 482 -33.49 -32.38 22.32
N ILE A 483 -32.85 -32.08 21.18
CA ILE A 483 -31.89 -33.00 20.54
C ILE A 483 -30.42 -32.62 20.74
N LEU A 484 -30.13 -31.42 21.25
CA LEU A 484 -28.77 -30.93 21.40
C LEU A 484 -28.08 -31.47 22.65
N GLU A 485 -26.74 -31.57 22.65
CA GLU A 485 -26.04 -32.00 23.85
C GLU A 485 -25.99 -30.92 24.93
N TRP A 486 -26.11 -31.35 26.19
CA TRP A 486 -26.07 -30.49 27.36
C TRP A 486 -25.17 -31.10 28.45
N PRO A 487 -24.34 -30.30 29.14
CA PRO A 487 -24.15 -28.87 28.94
C PRO A 487 -23.46 -28.57 27.61
N VAL A 488 -23.72 -27.41 27.02
CA VAL A 488 -22.99 -26.98 25.85
C VAL A 488 -21.57 -26.58 26.29
N GLU A 489 -20.60 -27.33 25.82
CA GLU A 489 -19.19 -27.23 26.19
C GLU A 489 -18.32 -27.31 24.93
N ASN A 490 -17.07 -26.86 25.03
CA ASN A 490 -16.12 -26.79 23.92
C ASN A 490 -16.58 -25.89 22.77
N ARG A 491 -17.48 -24.98 23.11
CA ARG A 491 -17.97 -24.00 22.11
C ARG A 491 -17.31 -22.66 22.41
N GLN A 492 -16.55 -22.15 21.47
CA GLN A 492 -15.91 -20.87 21.57
C GLN A 492 -16.92 -19.78 21.28
N VAL A 493 -16.91 -18.75 22.12
CA VAL A 493 -17.71 -17.55 21.98
C VAL A 493 -16.77 -16.43 21.59
N ILE A 494 -16.97 -15.83 20.45
CA ILE A 494 -16.25 -14.63 20.02
C ILE A 494 -17.28 -13.50 19.99
N ILE A 495 -17.12 -12.48 20.83
CA ILE A 495 -17.92 -11.26 20.81
C ILE A 495 -17.05 -10.17 20.23
N THR A 496 -17.56 -9.37 19.30
CA THR A 496 -16.87 -8.22 18.75
C THR A 496 -17.75 -6.98 18.72
N ILE A 497 -17.25 -5.84 19.21
CA ILE A 497 -17.85 -4.52 18.96
C ILE A 497 -17.23 -3.96 17.69
N LEU A 498 -18.04 -3.80 16.65
CA LEU A 498 -17.59 -3.40 15.32
C LEU A 498 -17.14 -1.93 15.29
N ASP A 499 -15.93 -1.69 14.81
CA ASP A 499 -15.46 -0.39 14.40
C ASP A 499 -15.89 -0.14 12.95
N GLN A 500 -16.84 0.77 12.72
CA GLN A 500 -17.57 0.89 11.46
C GLN A 500 -16.80 1.62 10.35
N GLU A 501 -15.77 0.97 9.81
CA GLU A 501 -15.07 1.35 8.58
C GLU A 501 -15.38 0.32 7.47
N PRO A 502 -15.62 0.73 6.20
CA PRO A 502 -15.91 -0.19 5.11
C PRO A 502 -14.66 -0.97 4.62
N ASP A 503 -13.47 -0.38 4.73
CA ASP A 503 -12.20 -1.03 4.42
C ASP A 503 -11.68 -1.74 5.68
N VAL A 504 -11.56 -3.06 5.61
CA VAL A 504 -11.25 -3.90 6.77
C VAL A 504 -9.89 -3.58 7.37
N ARG A 505 -8.95 -3.11 6.56
CA ARG A 505 -7.60 -2.74 7.05
C ARG A 505 -7.65 -1.53 7.99
N ASN A 506 -8.67 -0.68 7.89
CA ASN A 506 -8.85 0.46 8.80
C ASN A 506 -9.51 0.09 10.13
N ARG A 507 -10.13 -1.09 10.21
CA ARG A 507 -10.92 -1.45 11.40
C ARG A 507 -10.13 -1.90 12.63
N MET A 508 -10.41 -1.33 13.79
CA MET A 508 -9.87 -1.82 15.06
C MET A 508 -10.98 -2.28 15.99
N SER A 509 -11.76 -3.26 15.56
CA SER A 509 -12.88 -3.79 16.34
C SER A 509 -12.40 -4.42 17.66
N SER A 510 -13.08 -4.13 18.76
CA SER A 510 -12.77 -4.75 20.06
C SER A 510 -13.35 -6.16 20.10
N SER A 511 -12.58 -7.16 20.47
CA SER A 511 -13.00 -8.56 20.46
C SER A 511 -12.58 -9.28 21.73
N MET A 512 -13.46 -10.10 22.30
CA MET A 512 -13.19 -10.93 23.46
C MET A 512 -13.62 -12.36 23.18
N VAL A 513 -12.87 -13.32 23.71
CA VAL A 513 -13.03 -14.75 23.45
C VAL A 513 -13.02 -15.54 24.76
N PHE A 514 -13.95 -16.48 24.91
CA PHE A 514 -13.91 -17.54 25.91
C PHE A 514 -14.43 -18.84 25.30
N THR A 515 -14.19 -19.97 25.97
CA THR A 515 -14.81 -21.26 25.61
C THR A 515 -15.68 -21.78 26.74
N THR A 516 -16.89 -22.23 26.43
CA THR A 516 -17.82 -22.87 27.38
C THR A 516 -17.25 -24.14 28.04
N SER A 517 -17.40 -24.27 29.36
CA SER A 517 -16.68 -25.26 30.17
C SER A 517 -17.49 -25.76 31.36
N LYS A 518 -17.26 -27.00 31.79
CA LYS A 518 -17.75 -27.58 33.07
C LYS A 518 -17.33 -26.79 34.31
N SER A 519 -16.22 -26.08 34.25
CA SER A 519 -15.76 -25.20 35.33
C SER A 519 -16.66 -23.98 35.55
N HIS A 520 -17.52 -23.61 34.60
CA HIS A 520 -18.43 -22.47 34.73
C HIS A 520 -19.70 -22.88 35.48
N THR A 521 -19.77 -22.51 36.74
CA THR A 521 -20.84 -22.86 37.67
C THR A 521 -21.21 -21.64 38.53
N SER A 522 -22.44 -21.57 39.07
CA SER A 522 -22.85 -20.47 39.93
C SER A 522 -23.62 -20.92 41.17
N PRO A 523 -23.37 -20.32 42.35
CA PRO A 523 -24.18 -20.54 43.55
C PRO A 523 -25.67 -20.19 43.37
N ALA A 524 -26.02 -19.33 42.41
CA ALA A 524 -27.41 -18.97 42.11
C ALA A 524 -28.25 -20.15 41.57
N ILE A 525 -27.59 -21.17 41.02
CA ILE A 525 -28.17 -22.36 40.39
C ILE A 525 -27.69 -23.62 41.09
N ASN A 526 -27.58 -23.56 42.42
CA ASN A 526 -27.12 -24.64 43.30
C ASN A 526 -25.76 -25.23 42.90
N ASP A 527 -24.83 -24.40 42.43
CA ASP A 527 -23.49 -24.79 41.99
C ASP A 527 -23.49 -25.87 40.88
N THR A 528 -24.41 -25.75 39.92
CA THR A 528 -24.45 -26.54 38.67
C THR A 528 -23.85 -25.77 37.49
N VAL A 529 -23.54 -26.47 36.41
CA VAL A 529 -22.93 -25.87 35.20
C VAL A 529 -23.87 -24.86 34.56
N ILE A 530 -23.38 -23.65 34.32
CA ILE A 530 -24.10 -22.51 33.74
C ILE A 530 -24.67 -22.83 32.35
N TRP A 531 -24.00 -23.70 31.61
CA TRP A 531 -24.32 -24.10 30.25
C TRP A 531 -25.21 -25.35 30.13
N ASP A 532 -25.78 -25.84 31.23
CA ASP A 532 -26.82 -26.86 31.14
C ASP A 532 -28.10 -26.29 30.50
N ARG A 533 -29.10 -27.13 30.21
CA ARG A 533 -30.26 -26.78 29.39
C ARG A 533 -31.01 -25.57 29.98
N PRO A 534 -31.33 -24.53 29.18
CA PRO A 534 -31.84 -23.27 29.72
C PRO A 534 -33.16 -23.38 30.49
N SER A 535 -34.04 -24.32 30.16
CA SER A 535 -35.28 -24.54 30.91
C SER A 535 -35.06 -24.97 32.37
N ARG A 536 -33.86 -25.48 32.69
CA ARG A 536 -33.56 -25.96 34.06
C ARG A 536 -32.63 -25.00 34.81
N VAL A 537 -31.77 -24.27 34.10
CA VAL A 537 -30.77 -23.37 34.70
C VAL A 537 -31.09 -21.89 34.51
N GLY A 538 -31.88 -21.54 33.51
CA GLY A 538 -32.21 -20.17 33.15
C GLY A 538 -33.48 -19.62 33.81
N THR A 539 -33.80 -18.38 33.47
CA THR A 539 -34.97 -17.62 33.96
C THR A 539 -35.79 -17.08 32.79
N TYR A 540 -37.11 -17.08 32.94
CA TYR A 540 -38.04 -16.78 31.85
C TYR A 540 -38.12 -15.29 31.53
N HIS A 541 -38.22 -14.96 30.26
CA HIS A 541 -38.34 -13.60 29.74
C HIS A 541 -39.51 -13.49 28.76
N THR A 542 -40.41 -12.54 28.99
CA THR A 542 -41.52 -12.25 28.08
C THR A 542 -41.05 -11.58 26.77
N ASP A 543 -39.87 -10.96 26.77
CA ASP A 543 -39.26 -10.29 25.63
C ASP A 543 -39.02 -11.19 24.40
N CYS A 544 -38.77 -12.49 24.62
CA CYS A 544 -38.53 -13.48 23.55
C CYS A 544 -39.19 -14.84 23.80
N ASN A 545 -40.00 -14.97 24.86
CA ASN A 545 -40.50 -16.24 25.38
C ASN A 545 -39.38 -17.25 25.69
N CYS A 546 -38.16 -16.76 25.94
CA CYS A 546 -37.01 -17.60 26.23
C CYS A 546 -36.85 -17.86 27.72
N PHE A 547 -36.11 -18.92 28.03
CA PHE A 547 -35.35 -19.02 29.25
C PHE A 547 -33.93 -18.57 28.86
N ARG A 548 -33.37 -17.64 29.62
CA ARG A 548 -31.98 -17.21 29.36
C ARG A 548 -31.09 -17.65 30.52
N SER A 549 -29.91 -18.19 30.23
CA SER A 549 -28.95 -18.65 31.24
C SER A 549 -28.39 -17.51 32.08
N ILE A 550 -27.70 -17.85 33.16
CA ILE A 550 -26.72 -16.93 33.77
C ILE A 550 -25.74 -16.51 32.68
N ASP A 551 -25.32 -15.25 32.68
CA ASP A 551 -24.53 -14.67 31.62
C ASP A 551 -23.06 -14.55 32.02
N LEU A 552 -22.16 -15.09 31.21
CA LEU A 552 -20.71 -15.06 31.41
C LEU A 552 -20.05 -14.11 30.40
N GLY A 553 -19.12 -13.30 30.84
CA GLY A 553 -18.38 -12.38 30.00
C GLY A 553 -17.59 -11.38 30.83
N TRP A 554 -17.48 -10.15 30.35
CA TRP A 554 -16.51 -9.20 30.87
C TRP A 554 -17.16 -7.91 31.35
N SER A 555 -17.12 -7.66 32.65
CA SER A 555 -17.15 -6.29 33.17
C SER A 555 -15.84 -5.62 32.78
N GLY A 556 -15.90 -4.46 32.16
CA GLY A 556 -14.72 -3.85 31.59
C GLY A 556 -14.38 -4.32 30.18
N PHE A 557 -15.38 -4.69 29.38
CA PHE A 557 -15.19 -5.09 27.98
C PHE A 557 -14.58 -3.95 27.16
N ILE A 558 -15.14 -2.74 27.27
CA ILE A 558 -14.62 -1.51 26.67
C ILE A 558 -14.95 -0.31 27.56
N SER A 559 -14.04 0.67 27.60
CA SER A 559 -14.25 1.95 28.29
C SER A 559 -15.20 2.85 27.52
N HIS A 560 -15.97 3.66 28.18
CA HIS A 560 -16.84 4.64 27.47
C HIS A 560 -15.96 5.61 26.66
N GLN A 561 -14.80 6.04 27.24
CA GLN A 561 -13.93 6.92 26.48
C GLN A 561 -13.40 6.25 25.22
N MET A 562 -13.03 4.98 25.27
CA MET A 562 -12.63 4.22 24.08
C MET A 562 -13.77 4.14 23.07
N LEU A 563 -14.98 3.92 23.54
CA LEU A 563 -16.17 3.83 22.70
C LEU A 563 -16.50 5.12 21.96
N LYS A 564 -16.01 6.27 22.45
CA LYS A 564 -16.09 7.57 21.76
C LYS A 564 -14.97 7.84 20.76
N ARG A 565 -13.94 6.95 20.73
CA ARG A 565 -12.89 7.08 19.69
C ARG A 565 -13.30 6.24 18.46
N ARG A 566 -12.67 6.47 17.29
CA ARG A 566 -12.95 5.66 16.07
C ARG A 566 -14.41 5.66 15.60
N SER A 567 -14.92 4.59 15.14
CA SER A 567 -16.26 4.40 14.57
C SER A 567 -17.07 3.33 15.30
N PHE A 568 -16.95 3.22 16.62
CA PHE A 568 -17.81 2.30 17.40
C PHE A 568 -19.26 2.76 17.54
N LEU A 569 -19.53 4.07 17.39
CA LEU A 569 -20.84 4.70 17.55
C LEU A 569 -21.15 5.62 16.35
N LYS A 570 -20.88 5.18 15.12
CA LYS A 570 -20.76 6.06 13.94
C LYS A 570 -21.98 6.97 13.69
N ASN A 571 -23.17 6.41 13.81
CA ASN A 571 -24.45 7.10 13.61
C ASN A 571 -25.26 7.11 14.92
N ASP A 572 -24.56 7.34 16.04
CA ASP A 572 -25.05 7.24 17.43
C ASP A 572 -25.52 5.83 17.85
N ASP A 573 -25.19 4.78 17.11
CA ASP A 573 -25.61 3.40 17.36
C ASP A 573 -24.44 2.41 17.44
N LEU A 574 -24.58 1.43 18.31
CA LEU A 574 -23.57 0.43 18.65
C LEU A 574 -23.91 -0.89 17.96
N ILE A 575 -22.98 -1.50 17.23
CA ILE A 575 -23.17 -2.77 16.53
C ILE A 575 -22.24 -3.82 17.13
N ILE A 576 -22.82 -4.88 17.69
CA ILE A 576 -22.12 -6.01 18.31
C ILE A 576 -22.30 -7.25 17.44
N PHE A 577 -21.23 -7.96 17.13
CA PHE A 577 -21.21 -9.28 16.48
C PHE A 577 -20.94 -10.39 17.49
N VAL A 578 -21.56 -11.54 17.28
CA VAL A 578 -21.37 -12.73 18.09
C VAL A 578 -21.23 -13.97 17.21
N ASP A 579 -20.26 -14.81 17.51
CA ASP A 579 -20.10 -16.17 16.98
C ASP A 579 -20.01 -17.19 18.11
N PHE A 580 -20.63 -18.34 17.92
CA PHE A 580 -20.73 -19.43 18.88
C PHE A 580 -20.57 -20.77 18.17
N GLU A 581 -19.40 -21.39 18.28
CA GLU A 581 -18.97 -22.46 17.39
C GLU A 581 -18.15 -23.54 18.10
N ASP A 582 -18.37 -24.80 17.73
CA ASP A 582 -17.71 -25.95 18.33
C ASP A 582 -16.24 -26.00 17.90
N ILE A 583 -15.32 -26.08 18.86
CA ILE A 583 -13.88 -26.23 18.62
C ILE A 583 -13.32 -27.55 19.15
N THR A 584 -14.18 -28.50 19.52
CA THR A 584 -13.80 -29.86 19.94
C THR A 584 -12.84 -30.54 18.96
N HIS A 585 -13.01 -30.33 17.65
CA HIS A 585 -12.14 -30.91 16.64
C HIS A 585 -10.68 -30.44 16.68
N LEU A 586 -10.34 -29.38 17.43
CA LEU A 586 -8.96 -28.92 17.61
C LEU A 586 -8.17 -29.73 18.65
N SER A 587 -8.85 -30.49 19.51
CA SER A 587 -8.25 -31.35 20.54
C SER A 587 -7.50 -32.55 19.98
N ASN B 53 -5.69 -5.54 -16.81
CA ASN B 53 -4.92 -5.38 -18.07
C ASN B 53 -3.44 -5.82 -17.93
N GLY B 54 -3.01 -6.46 -16.85
CA GLY B 54 -1.63 -6.91 -16.69
C GLY B 54 -1.43 -8.32 -17.22
N LEU B 55 -0.24 -8.64 -17.71
CA LEU B 55 0.11 -9.96 -18.23
C LEU B 55 0.24 -10.98 -17.08
N ARG B 56 -0.46 -12.10 -17.15
CA ARG B 56 -0.60 -13.08 -16.04
C ARG B 56 0.65 -13.91 -15.78
N ASP B 57 1.40 -14.29 -16.81
CA ASP B 57 2.59 -15.15 -16.69
C ASP B 57 3.74 -14.47 -15.91
N PRO B 58 4.14 -14.96 -14.73
CA PRO B 58 5.19 -14.33 -13.94
C PRO B 58 6.59 -14.40 -14.57
N ASN B 59 6.83 -15.24 -15.58
CA ASN B 59 8.11 -15.21 -16.31
C ASN B 59 8.27 -13.93 -17.17
N THR B 60 7.19 -13.21 -17.45
CA THR B 60 7.26 -11.93 -18.19
C THR B 60 7.67 -10.72 -17.33
N ARG B 61 7.81 -10.90 -16.01
CA ARG B 61 8.22 -9.87 -15.04
C ARG B 61 9.70 -9.54 -15.14
N TRP B 62 10.04 -8.29 -14.88
CA TRP B 62 11.42 -7.79 -14.78
C TRP B 62 12.05 -8.00 -13.40
N THR B 63 13.39 -7.99 -13.34
CA THR B 63 14.17 -7.75 -12.12
C THR B 63 14.70 -6.32 -12.12
N PHE B 64 14.51 -5.59 -11.03
CA PHE B 64 14.94 -4.20 -10.90
C PHE B 64 16.38 -4.07 -10.37
N PRO B 65 17.15 -3.04 -10.79
CA PRO B 65 16.81 -2.02 -11.78
C PRO B 65 16.82 -2.57 -13.22
N ILE B 66 15.86 -2.15 -14.04
CA ILE B 66 15.78 -2.50 -15.45
C ILE B 66 16.95 -1.85 -16.18
N PRO B 67 17.82 -2.61 -16.86
CA PRO B 67 18.88 -2.00 -17.62
C PRO B 67 18.34 -1.37 -18.91
N TYR B 68 18.78 -0.16 -19.23
CA TYR B 68 18.34 0.58 -20.42
C TYR B 68 19.49 1.12 -21.26
N ILE B 69 19.24 1.29 -22.55
CA ILE B 69 20.06 2.01 -23.52
C ILE B 69 19.23 3.14 -24.11
N LEU B 70 19.73 4.38 -24.10
CA LEU B 70 19.16 5.46 -24.89
C LEU B 70 19.93 5.54 -26.21
N ALA B 71 19.33 5.15 -27.33
CA ALA B 71 19.99 5.19 -28.63
C ALA B 71 20.17 6.62 -29.15
N ASP B 72 21.26 6.88 -29.88
CA ASP B 72 21.59 8.22 -30.38
C ASP B 72 20.70 8.75 -31.50
N ASN B 73 19.80 7.94 -32.06
CA ASN B 73 18.72 8.42 -32.93
C ASN B 73 17.59 9.14 -32.17
N LEU B 74 17.47 8.96 -30.85
CA LEU B 74 16.74 9.89 -30.00
C LEU B 74 17.45 11.25 -30.02
N GLY B 75 16.73 12.34 -30.23
CA GLY B 75 17.27 13.67 -29.99
C GLY B 75 17.48 13.93 -28.50
N LEU B 76 18.16 15.02 -28.14
CA LEU B 76 18.36 15.39 -26.74
C LEU B 76 17.04 15.48 -25.98
N ASN B 77 16.03 16.12 -26.58
CA ASN B 77 14.73 16.31 -25.94
C ASN B 77 14.12 14.99 -25.48
N ALA B 78 14.10 13.99 -26.35
CA ALA B 78 13.60 12.66 -26.06
C ALA B 78 14.40 11.96 -24.96
N LYS B 79 15.74 11.94 -25.03
CA LYS B 79 16.58 11.38 -23.95
C LYS B 79 16.29 12.04 -22.60
N GLY B 80 16.23 13.36 -22.54
CA GLY B 80 15.90 14.09 -21.32
C GLY B 80 14.50 13.79 -20.80
N ALA B 81 13.51 13.67 -21.68
CA ALA B 81 12.15 13.31 -21.32
C ALA B 81 12.07 11.88 -20.77
N ILE B 82 12.87 10.95 -21.28
CA ILE B 82 12.92 9.58 -20.77
C ILE B 82 13.50 9.55 -19.35
N LEU B 83 14.60 10.23 -19.10
CA LEU B 83 15.15 10.33 -17.76
C LEU B 83 14.19 10.99 -16.77
N TYR B 84 13.43 12.01 -17.19
CA TYR B 84 12.36 12.59 -16.40
C TYR B 84 11.23 11.61 -16.09
N ALA B 85 10.78 10.80 -17.05
CA ALA B 85 9.84 9.73 -16.80
C ALA B 85 10.37 8.68 -15.80
N PHE B 86 11.64 8.30 -15.83
CA PHE B 86 12.21 7.41 -14.82
C PHE B 86 12.17 8.01 -13.41
N GLU B 87 12.42 9.30 -13.25
CA GLU B 87 12.28 9.97 -11.96
C GLU B 87 10.84 9.86 -11.44
N MET B 88 9.84 9.98 -12.30
CA MET B 88 8.44 9.81 -11.92
C MET B 88 8.11 8.39 -11.46
N PHE B 89 8.72 7.37 -12.05
CA PHE B 89 8.60 6.01 -11.55
C PHE B 89 9.27 5.86 -10.18
N ARG B 90 10.49 6.35 -9.99
CA ARG B 90 11.19 6.30 -8.70
C ARG B 90 10.53 7.10 -7.58
N LEU B 91 9.73 8.10 -7.92
CA LEU B 91 8.96 8.94 -7.01
C LEU B 91 7.63 8.33 -6.57
N LYS B 92 7.01 7.48 -7.39
CA LYS B 92 5.66 6.96 -7.15
C LYS B 92 5.59 5.45 -7.03
N SER B 93 6.69 4.74 -7.24
CA SER B 93 6.78 3.29 -7.25
C SER B 93 8.16 2.81 -6.82
N CYS B 94 8.36 1.50 -6.68
CA CYS B 94 9.66 0.89 -6.50
C CYS B 94 10.35 0.47 -7.81
N VAL B 95 9.77 0.78 -8.97
CA VAL B 95 10.41 0.52 -10.26
C VAL B 95 11.69 1.33 -10.36
N ASP B 96 12.75 0.73 -10.87
CA ASP B 96 14.04 1.40 -11.02
C ASP B 96 14.72 0.98 -12.32
N PHE B 97 15.65 1.80 -12.78
CA PHE B 97 16.32 1.73 -14.06
C PHE B 97 17.82 1.96 -13.88
N LYS B 98 18.68 1.19 -14.57
CA LYS B 98 20.15 1.41 -14.59
C LYS B 98 20.67 1.53 -16.03
N PRO B 99 21.75 2.26 -16.29
CA PRO B 99 22.42 2.17 -17.58
C PRO B 99 22.85 0.74 -17.88
N TYR B 100 22.77 0.32 -19.13
CA TYR B 100 23.19 -1.01 -19.57
C TYR B 100 24.69 -1.22 -19.41
N GLU B 101 25.07 -2.41 -18.96
CA GLU B 101 26.46 -2.82 -18.71
C GLU B 101 26.69 -4.27 -19.13
N GLY B 102 25.94 -4.78 -20.11
CA GLY B 102 26.08 -6.15 -20.63
C GLY B 102 25.06 -7.17 -20.11
N GLU B 103 23.92 -6.75 -19.58
CA GLU B 103 22.83 -7.64 -19.14
C GLU B 103 22.14 -8.40 -20.31
N SER B 104 21.36 -9.43 -19.99
CA SER B 104 20.71 -10.30 -20.98
C SER B 104 19.43 -9.68 -21.55
N SER B 105 18.47 -9.29 -20.70
CA SER B 105 17.31 -8.48 -21.09
C SER B 105 17.46 -7.03 -20.66
N TYR B 106 17.11 -6.11 -21.54
CA TYR B 106 17.24 -4.67 -21.39
C TYR B 106 16.24 -3.95 -22.31
N ILE B 107 15.98 -2.67 -22.09
CA ILE B 107 15.16 -1.86 -23.00
C ILE B 107 16.07 -0.91 -23.74
N ILE B 108 16.01 -0.92 -25.07
CA ILE B 108 16.65 0.10 -25.89
C ILE B 108 15.59 1.06 -26.40
N PHE B 109 15.72 2.33 -26.03
CA PHE B 109 14.82 3.37 -26.48
C PHE B 109 15.39 3.96 -27.76
N GLN B 110 14.57 4.03 -28.82
CA GLN B 110 14.96 4.52 -30.15
C GLN B 110 13.88 5.42 -30.74
N GLN B 111 14.24 6.24 -31.70
CA GLN B 111 13.30 6.97 -32.54
C GLN B 111 13.03 6.19 -33.83
N PHE B 112 11.91 5.48 -33.87
CA PHE B 112 11.35 4.89 -35.09
C PHE B 112 10.00 5.54 -35.40
N ASP B 113 9.31 5.06 -36.44
CA ASP B 113 7.97 5.55 -36.79
C ASP B 113 6.96 5.17 -35.71
N GLY B 114 6.18 6.13 -35.24
CA GLY B 114 5.21 5.95 -34.17
C GLY B 114 5.82 5.73 -32.79
N CYS B 115 4.97 5.54 -31.79
CA CYS B 115 5.37 5.39 -30.40
C CYS B 115 4.81 4.07 -29.89
N TRP B 116 5.67 3.12 -29.56
CA TRP B 116 5.27 1.74 -29.27
C TRP B 116 6.30 0.98 -28.44
N SER B 117 5.86 -0.09 -27.81
CA SER B 117 6.64 -1.00 -26.99
C SER B 117 6.10 -2.42 -27.11
N GLU B 118 6.95 -3.42 -26.96
CA GLU B 118 6.52 -4.78 -26.66
C GLU B 118 5.91 -4.86 -25.24
N VAL B 119 5.12 -5.90 -24.95
CA VAL B 119 4.47 -6.05 -23.64
C VAL B 119 5.16 -7.11 -22.78
N GLY B 120 5.65 -6.72 -21.60
CA GLY B 120 6.44 -7.57 -20.70
C GLY B 120 7.91 -7.70 -21.10
N ASP B 121 8.72 -8.33 -20.25
CA ASP B 121 10.12 -8.67 -20.51
C ASP B 121 10.24 -9.67 -21.65
N GLN B 122 10.90 -9.26 -22.73
CA GLN B 122 11.38 -10.13 -23.79
C GLN B 122 12.87 -10.39 -23.51
N HIS B 123 13.21 -11.63 -23.19
CA HIS B 123 14.44 -11.94 -22.45
C HIS B 123 15.77 -11.65 -23.18
N VAL B 124 15.72 -11.31 -24.47
CA VAL B 124 16.86 -11.00 -25.35
C VAL B 124 17.10 -9.49 -25.56
N GLY B 125 16.31 -8.62 -24.95
CA GLY B 125 16.32 -7.18 -25.17
C GLY B 125 15.24 -6.71 -26.15
N GLN B 126 14.69 -5.52 -25.96
CA GLN B 126 13.54 -5.03 -26.72
C GLN B 126 13.58 -3.53 -26.99
N ASN B 127 12.93 -3.10 -28.08
CA ASN B 127 12.80 -1.71 -28.45
C ASN B 127 11.61 -1.03 -27.74
N ILE B 128 11.77 0.22 -27.33
CA ILE B 128 10.67 1.18 -27.20
C ILE B 128 10.91 2.28 -28.23
N SER B 129 9.93 2.52 -29.10
CA SER B 129 9.95 3.68 -29.97
C SER B 129 9.36 4.91 -29.30
N ILE B 130 10.07 6.03 -29.37
CA ILE B 130 9.60 7.36 -29.00
C ILE B 130 9.80 8.26 -30.21
N GLY B 131 8.74 8.42 -31.01
CA GLY B 131 8.77 9.17 -32.25
C GLY B 131 8.67 10.69 -32.07
N GLN B 132 8.62 11.40 -33.19
CA GLN B 132 8.28 12.82 -33.21
C GLN B 132 6.90 13.05 -32.56
N GLY B 133 6.81 14.04 -31.68
CA GLY B 133 5.58 14.38 -30.95
C GLY B 133 5.26 13.50 -29.72
N CYS B 134 6.18 12.63 -29.35
CA CYS B 134 5.93 11.71 -28.20
C CYS B 134 6.93 11.97 -27.08
N ALA B 135 7.66 13.09 -27.12
CA ALA B 135 8.57 13.40 -26.00
C ALA B 135 7.75 14.06 -24.88
N TYR B 136 6.85 13.28 -24.27
CA TYR B 136 5.96 13.83 -23.20
C TYR B 136 5.90 12.83 -22.05
N LYS B 137 5.98 13.30 -20.81
CA LYS B 137 6.01 12.44 -19.63
C LYS B 137 4.98 11.31 -19.71
N ALA B 138 3.72 11.67 -19.90
CA ALA B 138 2.59 10.75 -19.95
C ALA B 138 2.72 9.69 -21.06
N ILE B 139 3.19 10.07 -22.24
CA ILE B 139 3.43 9.12 -23.32
C ILE B 139 4.60 8.19 -22.99
N ILE B 140 5.71 8.70 -22.45
CA ILE B 140 6.83 7.85 -22.10
C ILE B 140 6.44 6.87 -20.98
N GLU B 141 5.71 7.33 -19.98
CA GLU B 141 5.14 6.50 -18.93
C GLU B 141 4.22 5.42 -19.48
N HIS B 142 3.39 5.73 -20.46
CA HIS B 142 2.54 4.75 -21.12
C HIS B 142 3.34 3.65 -21.84
N GLU B 143 4.41 3.99 -22.54
CA GLU B 143 5.26 2.97 -23.17
C GLU B 143 6.01 2.12 -22.15
N ILE B 144 6.51 2.72 -21.07
CA ILE B 144 7.18 1.97 -20.01
C ILE B 144 6.20 1.03 -19.30
N LEU B 145 4.95 1.41 -19.09
CA LEU B 145 3.91 0.52 -18.61
C LEU B 145 3.64 -0.66 -19.55
N HIS B 146 3.71 -0.50 -20.87
CA HIS B 146 3.72 -1.66 -21.77
C HIS B 146 4.90 -2.59 -21.50
N ALA B 147 6.13 -2.09 -21.46
CA ALA B 147 7.29 -2.93 -21.15
C ALA B 147 7.21 -3.63 -19.81
N LEU B 148 6.64 -2.99 -18.78
CA LEU B 148 6.43 -3.57 -17.46
C LEU B 148 5.36 -4.66 -17.43
N GLY B 149 4.44 -4.70 -18.40
CA GLY B 149 3.52 -5.81 -18.60
C GLY B 149 2.06 -5.45 -18.78
N PHE B 150 1.71 -4.19 -19.06
CA PHE B 150 0.32 -3.74 -19.15
C PHE B 150 -0.15 -3.52 -20.58
N TYR B 151 -1.35 -3.99 -20.91
CA TYR B 151 -2.07 -3.63 -22.13
C TYR B 151 -2.89 -2.36 -21.91
N HIS B 152 -3.54 -1.84 -22.94
CA HIS B 152 -4.48 -0.73 -22.77
C HIS B 152 -5.69 -1.11 -21.89
N GLU B 153 -6.30 -0.15 -21.23
CA GLU B 153 -7.45 -0.42 -20.36
C GLU B 153 -8.67 -0.90 -21.15
N GLN B 154 -8.89 -0.36 -22.36
CA GLN B 154 -9.90 -0.88 -23.27
C GLN B 154 -9.61 -2.28 -23.81
N SER B 155 -8.46 -2.89 -23.50
CA SER B 155 -8.15 -4.28 -23.81
C SER B 155 -8.48 -5.26 -22.70
N ARG B 156 -9.02 -4.81 -21.56
CA ARG B 156 -9.49 -5.68 -20.47
C ARG B 156 -10.53 -6.67 -20.97
N THR B 157 -10.69 -7.78 -20.26
CA THR B 157 -11.64 -8.83 -20.63
C THR B 157 -13.09 -8.37 -20.41
N ASP B 158 -13.33 -7.50 -19.43
CA ASP B 158 -14.63 -6.91 -19.09
C ASP B 158 -14.93 -5.57 -19.81
N ARG B 159 -14.08 -5.12 -20.74
CA ARG B 159 -14.15 -3.77 -21.32
C ARG B 159 -15.50 -3.43 -21.98
N ASP B 160 -16.16 -4.42 -22.57
CA ASP B 160 -17.46 -4.25 -23.22
C ASP B 160 -18.56 -3.78 -22.25
N ASP B 161 -18.38 -3.94 -20.94
CA ASP B 161 -19.31 -3.42 -19.95
C ASP B 161 -19.22 -1.90 -19.78
N TYR B 162 -18.12 -1.28 -20.24
CA TYR B 162 -17.76 0.10 -19.95
C TYR B 162 -17.63 0.98 -21.20
N VAL B 163 -17.20 0.42 -22.33
CA VAL B 163 -16.90 1.17 -23.56
C VAL B 163 -17.46 0.52 -24.81
N ASN B 164 -17.75 1.33 -25.82
CA ASN B 164 -18.07 0.92 -27.18
C ASN B 164 -16.85 1.14 -28.07
N ILE B 165 -16.48 0.15 -28.88
CA ILE B 165 -15.42 0.29 -29.89
C ILE B 165 -16.06 0.35 -31.27
N TRP B 166 -15.70 1.37 -32.04
CA TRP B 166 -16.23 1.63 -33.38
C TRP B 166 -15.21 1.20 -34.44
N TRP B 167 -15.15 -0.10 -34.73
CA TRP B 167 -14.11 -0.71 -35.57
C TRP B 167 -14.01 -0.10 -36.96
N ASP B 168 -15.14 0.21 -37.58
CA ASP B 168 -15.19 0.81 -38.92
C ASP B 168 -14.59 2.22 -38.97
N GLN B 169 -14.34 2.86 -37.82
CA GLN B 169 -13.65 4.13 -37.70
C GLN B 169 -12.13 4.01 -37.54
N ILE B 170 -11.57 2.83 -37.25
CA ILE B 170 -10.13 2.71 -36.99
C ILE B 170 -9.32 2.74 -38.29
N LEU B 171 -8.28 3.57 -38.34
CA LEU B 171 -7.30 3.61 -39.43
C LEU B 171 -6.57 2.29 -39.57
N SER B 172 -6.32 1.86 -40.81
CA SER B 172 -5.74 0.54 -41.10
C SER B 172 -4.39 0.33 -40.42
N GLY B 173 -4.19 -0.85 -39.84
CA GLY B 173 -2.97 -1.24 -39.14
C GLY B 173 -2.93 -0.88 -37.65
N TYR B 174 -3.89 -0.10 -37.13
CA TYR B 174 -3.93 0.29 -35.71
C TYR B 174 -4.91 -0.52 -34.86
N GLN B 175 -5.72 -1.38 -35.46
CA GLN B 175 -6.82 -2.07 -34.78
C GLN B 175 -6.39 -2.99 -33.62
N HIS B 176 -5.18 -3.53 -33.59
CA HIS B 176 -4.70 -4.37 -32.49
C HIS B 176 -4.57 -3.63 -31.16
N ASN B 177 -4.45 -2.31 -31.16
CA ASN B 177 -4.52 -1.50 -29.95
C ASN B 177 -5.90 -1.55 -29.26
N PHE B 178 -6.92 -2.04 -29.95
CA PHE B 178 -8.30 -2.13 -29.50
C PHE B 178 -8.76 -3.58 -29.27
N ASP B 179 -7.89 -4.57 -29.43
CA ASP B 179 -8.18 -5.97 -29.09
C ASP B 179 -8.44 -6.16 -27.60
N THR B 180 -9.30 -7.10 -27.24
CA THR B 180 -9.53 -7.56 -25.86
C THR B 180 -8.89 -8.92 -25.65
N TYR B 181 -8.22 -9.13 -24.52
CA TYR B 181 -7.50 -10.36 -24.21
C TYR B 181 -8.22 -11.14 -23.11
N ASP B 182 -8.17 -12.46 -23.18
CA ASP B 182 -8.86 -13.35 -22.25
C ASP B 182 -8.19 -13.41 -20.86
N ASP B 183 -8.95 -13.90 -19.89
CA ASP B 183 -8.52 -14.02 -18.50
C ASP B 183 -7.38 -15.03 -18.27
N SER B 184 -7.02 -15.86 -19.26
CA SER B 184 -5.84 -16.72 -19.19
C SER B 184 -4.57 -15.95 -19.55
N LEU B 185 -4.65 -15.00 -20.48
CA LEU B 185 -3.55 -14.09 -20.80
C LEU B 185 -3.37 -12.99 -19.76
N ILE B 186 -4.44 -12.35 -19.32
CA ILE B 186 -4.37 -11.12 -18.52
C ILE B 186 -5.14 -11.17 -17.20
N THR B 187 -4.59 -10.51 -16.18
CA THR B 187 -5.16 -10.29 -14.85
C THR B 187 -5.80 -8.91 -14.76
N ASP B 188 -6.90 -8.76 -14.02
CA ASP B 188 -7.39 -7.45 -13.56
C ASP B 188 -6.64 -6.92 -12.33
N LEU B 189 -5.80 -7.76 -11.70
CA LEU B 189 -5.13 -7.53 -10.42
C LEU B 189 -6.10 -7.21 -9.28
N ASN B 190 -7.33 -7.70 -9.34
CA ASN B 190 -8.46 -7.36 -8.48
C ASN B 190 -8.73 -5.84 -8.43
N THR B 191 -8.80 -5.20 -9.59
CA THR B 191 -9.09 -3.76 -9.74
C THR B 191 -10.28 -3.49 -10.66
N PRO B 192 -11.11 -2.48 -10.38
CA PRO B 192 -12.16 -2.03 -11.28
C PRO B 192 -11.61 -1.41 -12.56
N TYR B 193 -12.45 -1.30 -13.58
CA TYR B 193 -12.13 -0.60 -14.81
C TYR B 193 -11.96 0.89 -14.55
N ASP B 194 -10.82 1.46 -14.97
CA ASP B 194 -10.46 2.83 -14.69
C ASP B 194 -10.51 3.71 -15.94
N TYR B 195 -11.57 4.50 -16.05
CA TYR B 195 -11.69 5.55 -17.05
C TYR B 195 -10.56 6.58 -16.98
N GLU B 196 -10.02 6.88 -15.79
CA GLU B 196 -8.95 7.85 -15.56
C GLU B 196 -7.56 7.25 -15.77
N SER B 197 -7.44 6.02 -16.26
CA SER B 197 -6.18 5.34 -16.48
C SER B 197 -5.35 5.97 -17.58
N LEU B 198 -4.04 6.02 -17.41
CA LEU B 198 -3.05 6.43 -18.40
C LEU B 198 -2.97 5.45 -19.58
N MET B 199 -3.44 4.22 -19.39
CA MET B 199 -3.52 3.17 -20.40
C MET B 199 -4.83 3.17 -21.18
N HIS B 200 -5.74 4.11 -20.96
CA HIS B 200 -6.99 4.22 -21.71
C HIS B 200 -6.85 5.22 -22.87
N TYR B 201 -7.31 4.87 -24.06
CA TYR B 201 -7.35 5.77 -25.22
C TYR B 201 -8.41 6.88 -25.12
N GLN B 202 -8.15 8.03 -25.74
CA GLN B 202 -9.12 9.11 -25.90
C GLN B 202 -10.15 8.78 -26.97
N PRO B 203 -11.32 9.46 -27.02
CA PRO B 203 -12.38 9.11 -27.96
C PRO B 203 -11.96 9.17 -29.43
N PHE B 204 -11.23 10.22 -29.80
CA PHE B 204 -10.66 10.44 -31.11
C PHE B 204 -9.24 9.88 -31.19
N SER B 205 -9.12 8.56 -31.18
CA SER B 205 -7.87 7.82 -31.31
C SER B 205 -7.88 6.97 -32.57
N PHE B 206 -6.90 7.16 -33.46
CA PHE B 206 -6.78 6.46 -34.75
C PHE B 206 -8.06 6.49 -35.61
N ASN B 207 -8.88 7.54 -35.51
CA ASN B 207 -10.13 7.67 -36.23
C ASN B 207 -9.92 8.11 -37.68
N LYS B 208 -10.67 7.53 -38.63
CA LYS B 208 -10.69 7.91 -40.05
C LYS B 208 -11.23 9.32 -40.27
N ASN B 209 -12.27 9.69 -39.54
CA ASN B 209 -12.99 10.96 -39.65
C ASN B 209 -12.81 11.78 -38.37
N ALA B 210 -12.34 13.03 -38.47
CA ALA B 210 -11.99 13.85 -37.33
C ALA B 210 -13.16 14.19 -36.40
N SER B 211 -14.40 14.10 -36.87
CA SER B 211 -15.61 14.40 -36.11
C SER B 211 -16.18 13.18 -35.35
N VAL B 212 -15.74 11.97 -35.68
CA VAL B 212 -16.34 10.71 -35.19
C VAL B 212 -15.36 9.96 -34.28
N PRO B 213 -15.73 9.64 -33.03
CA PRO B 213 -14.85 8.90 -32.13
C PRO B 213 -14.72 7.42 -32.52
N THR B 214 -13.58 6.84 -32.19
CA THR B 214 -13.29 5.40 -32.27
C THR B 214 -13.74 4.66 -31.03
N ILE B 215 -13.74 5.33 -29.87
CA ILE B 215 -14.08 4.75 -28.58
C ILE B 215 -14.98 5.72 -27.83
N THR B 216 -16.04 5.23 -27.22
CA THR B 216 -16.92 6.03 -26.36
C THR B 216 -17.28 5.27 -25.11
N ALA B 217 -17.41 5.95 -23.99
CA ALA B 217 -17.93 5.37 -22.76
C ALA B 217 -19.43 5.10 -22.90
N LYS B 218 -19.93 4.01 -22.32
CA LYS B 218 -21.37 3.72 -22.32
C LYS B 218 -22.19 4.72 -21.48
N ILE B 219 -21.58 5.29 -20.44
CA ILE B 219 -22.13 6.42 -19.69
C ILE B 219 -21.46 7.70 -20.23
N PRO B 220 -22.20 8.67 -20.79
CA PRO B 220 -21.60 9.73 -21.61
C PRO B 220 -20.77 10.76 -20.83
N GLU B 221 -20.94 10.89 -19.52
CA GLU B 221 -20.11 11.76 -18.68
C GLU B 221 -18.61 11.45 -18.80
N PHE B 222 -18.25 10.17 -18.89
CA PHE B 222 -16.86 9.74 -18.99
C PHE B 222 -16.21 10.00 -20.34
N ASN B 223 -16.94 10.37 -21.39
CA ASN B 223 -16.34 10.78 -22.66
C ASN B 223 -15.43 12.02 -22.50
N SER B 224 -15.70 12.86 -21.50
CA SER B 224 -14.88 14.00 -21.13
C SER B 224 -13.65 13.65 -20.28
N ILE B 225 -13.52 12.40 -19.83
CA ILE B 225 -12.56 11.94 -18.82
C ILE B 225 -11.58 10.90 -19.40
N ILE B 226 -12.03 9.99 -20.27
CA ILE B 226 -11.16 8.97 -20.87
C ILE B 226 -10.07 9.59 -21.73
N GLY B 227 -8.88 8.98 -21.71
CA GLY B 227 -7.73 9.48 -22.43
C GLY B 227 -7.00 10.64 -21.77
N GLN B 228 -7.03 10.75 -20.45
CA GLN B 228 -6.21 11.71 -19.72
C GLN B 228 -4.72 11.49 -20.02
N ARG B 229 -3.96 12.58 -20.10
CA ARG B 229 -2.52 12.61 -20.40
C ARG B 229 -1.72 13.35 -19.33
N LEU B 230 -2.16 13.26 -18.08
CA LEU B 230 -1.54 13.91 -16.94
C LEU B 230 -0.40 13.07 -16.37
N ASP B 231 -0.71 11.88 -15.90
CA ASP B 231 0.10 11.11 -14.96
C ASP B 231 -0.53 9.74 -14.72
N PHE B 232 0.06 8.91 -13.88
CA PHE B 232 -0.58 7.68 -13.41
C PHE B 232 -1.84 8.00 -12.62
N SER B 233 -2.90 7.23 -12.81
CA SER B 233 -4.05 7.25 -11.90
C SER B 233 -3.71 6.55 -10.58
N ALA B 234 -4.59 6.68 -9.59
CA ALA B 234 -4.49 5.92 -8.36
C ALA B 234 -4.60 4.41 -8.58
N ILE B 235 -5.41 3.95 -9.53
CA ILE B 235 -5.56 2.53 -9.85
C ILE B 235 -4.36 2.00 -10.65
N ASP B 236 -3.80 2.77 -11.57
CA ASP B 236 -2.58 2.36 -12.29
C ASP B 236 -1.40 2.15 -11.34
N LEU B 237 -1.19 3.03 -10.36
CA LEU B 237 -0.20 2.80 -9.32
C LEU B 237 -0.51 1.57 -8.45
N GLU B 238 -1.77 1.34 -8.08
CA GLU B 238 -2.16 0.12 -7.36
C GLU B 238 -1.89 -1.15 -8.16
N ARG B 239 -2.10 -1.11 -9.47
CA ARG B 239 -1.81 -2.29 -10.33
C ARG B 239 -0.30 -2.53 -10.42
N LEU B 240 0.48 -1.48 -10.65
CA LEU B 240 1.93 -1.57 -10.71
C LEU B 240 2.52 -2.10 -9.40
N ASN B 241 2.03 -1.65 -8.25
CA ASN B 241 2.44 -2.15 -6.95
C ASN B 241 2.08 -3.61 -6.74
N ARG B 242 0.86 -4.04 -7.09
CA ARG B 242 0.44 -5.45 -6.97
C ARG B 242 1.26 -6.37 -7.87
N MET B 243 1.59 -5.95 -9.08
CA MET B 243 2.39 -6.75 -10.01
C MET B 243 3.85 -6.92 -9.55
N TYR B 244 4.47 -5.91 -8.96
CA TYR B 244 5.90 -5.90 -8.60
C TYR B 244 6.21 -5.89 -7.10
N ASN B 245 5.19 -6.01 -6.24
CA ASN B 245 5.29 -5.98 -4.78
C ASN B 245 5.93 -4.73 -4.15
N CYS B 246 5.72 -3.57 -4.75
CA CYS B 246 6.17 -2.30 -4.19
C CYS B 246 5.32 -1.86 -2.99
N THR B 247 5.95 -1.31 -1.97
CA THR B 247 5.27 -0.71 -0.80
C THR B 247 5.80 0.68 -0.54
N THR B 248 7.09 0.80 -0.32
CA THR B 248 7.85 2.06 -0.35
C THR B 248 8.01 2.58 -1.79
N THR B 249 8.59 3.76 -1.94
CA THR B 249 9.08 4.27 -3.21
C THR B 249 10.49 4.85 -3.01
N HIS B 250 11.30 4.96 -4.06
CA HIS B 250 12.72 5.33 -3.91
C HIS B 250 12.95 6.78 -3.47
N THR B 251 12.00 7.68 -3.70
CA THR B 251 12.25 9.13 -3.61
C THR B 251 11.31 9.93 -2.68
N LEU B 252 10.14 9.43 -2.27
CA LEU B 252 9.34 10.07 -1.23
C LEU B 252 9.88 9.72 0.15
N LEU B 253 10.35 10.71 0.91
CA LEU B 253 11.04 10.51 2.17
C LEU B 253 10.13 10.82 3.38
N ASP B 254 9.32 11.88 3.31
CA ASP B 254 8.32 12.18 4.33
C ASP B 254 7.13 12.98 3.77
N HIS B 255 5.97 12.92 4.40
CA HIS B 255 4.89 13.89 4.21
C HIS B 255 4.04 14.03 5.47
N CYS B 256 3.41 15.19 5.67
CA CYS B 256 2.61 15.48 6.85
C CYS B 256 1.53 16.52 6.59
N THR B 257 0.27 16.15 6.84
CA THR B 257 -0.93 16.99 6.78
C THR B 257 -1.41 17.44 8.16
N PHE B 258 -0.80 16.88 9.21
CA PHE B 258 -1.15 17.20 10.62
C PHE B 258 -2.56 16.71 11.02
N GLU B 259 -3.15 15.75 10.30
CA GLU B 259 -4.53 15.36 10.63
C GLU B 259 -4.71 14.47 11.85
N LYS B 260 -3.69 13.69 12.23
CA LYS B 260 -3.69 12.84 13.43
C LYS B 260 -3.09 13.59 14.62
N ALA B 261 -3.51 13.31 15.85
CA ALA B 261 -2.99 13.96 17.06
C ALA B 261 -1.48 13.73 17.28
N ASN B 262 -0.96 12.62 16.75
CA ASN B 262 0.45 12.24 16.68
C ASN B 262 1.31 13.20 15.82
N ILE B 263 0.70 14.07 15.01
CA ILE B 263 1.35 15.01 14.09
C ILE B 263 2.56 14.42 13.35
N CYS B 264 2.39 13.26 12.73
CA CYS B 264 3.40 12.60 11.91
C CYS B 264 4.72 12.34 12.65
N GLY B 265 4.68 12.16 13.97
CA GLY B 265 5.85 12.00 14.83
C GLY B 265 6.63 13.27 15.10
N MET B 266 6.12 14.46 14.78
CA MET B 266 6.78 15.70 15.14
C MET B 266 6.76 15.95 16.64
N ILE B 267 7.83 16.54 17.13
CA ILE B 267 8.12 16.76 18.54
C ILE B 267 8.39 18.24 18.77
N GLN B 268 8.18 18.69 20.00
CA GLN B 268 8.48 20.05 20.42
C GLN B 268 9.46 20.03 21.58
N GLY B 269 10.60 20.69 21.40
CA GLY B 269 11.62 20.80 22.43
C GLY B 269 11.25 21.76 23.56
N THR B 270 12.19 21.97 24.47
CA THR B 270 12.09 22.91 25.60
C THR B 270 13.28 23.87 25.69
N ARG B 271 14.24 23.80 24.75
CA ARG B 271 15.29 24.81 24.55
C ARG B 271 14.77 26.12 23.96
N ASP B 272 13.62 26.07 23.29
CA ASP B 272 12.81 27.22 22.87
C ASP B 272 12.07 27.90 24.03
N ASP B 273 11.20 28.88 23.75
CA ASP B 273 10.43 29.60 24.77
C ASP B 273 8.98 29.13 24.92
N THR B 274 8.38 28.61 23.86
CA THR B 274 6.93 28.33 23.74
C THR B 274 6.68 27.14 22.82
N ASP B 275 5.41 26.79 22.56
CA ASP B 275 5.00 25.69 21.69
C ASP B 275 4.09 26.14 20.54
N TRP B 276 4.16 25.43 19.43
CA TRP B 276 3.18 25.42 18.35
C TRP B 276 1.91 24.70 18.81
N ALA B 277 0.75 25.31 18.60
CA ALA B 277 -0.55 24.72 18.85
C ALA B 277 -1.01 23.86 17.66
N HIS B 278 -1.54 22.68 17.93
CA HIS B 278 -2.24 21.86 16.94
C HIS B 278 -3.70 22.33 16.88
N GLN B 279 -4.07 23.07 15.83
CA GLN B 279 -5.25 23.93 15.81
C GLN B 279 -6.36 23.40 14.90
N ASP B 280 -7.61 23.55 15.35
CA ASP B 280 -8.73 22.67 15.02
C ASP B 280 -9.54 23.04 13.77
N SER B 281 -9.31 24.21 13.16
CA SER B 281 -10.14 24.76 12.05
C SER B 281 -11.61 25.09 12.39
N ALA B 282 -11.94 25.00 13.69
CA ALA B 282 -13.33 25.27 14.13
C ALA B 282 -13.47 26.74 14.55
N GLN B 283 -12.64 27.61 13.99
CA GLN B 283 -12.70 29.07 14.31
C GLN B 283 -13.08 29.83 13.03
N ALA B 284 -14.06 30.74 13.12
CA ALA B 284 -14.53 31.45 11.91
C ALA B 284 -13.39 32.30 11.33
N GLY B 285 -13.25 32.30 10.00
CA GLY B 285 -12.23 33.15 9.34
C GLY B 285 -10.82 32.58 9.45
N GLU B 286 -10.69 31.30 9.80
CA GLU B 286 -9.35 30.66 9.87
C GLU B 286 -9.59 29.16 9.73
N VAL B 287 -8.88 28.51 8.80
CA VAL B 287 -9.12 27.06 8.53
C VAL B 287 -7.78 26.41 8.18
N ASP B 288 -7.66 25.24 7.81
CA ASP B 288 -6.36 24.61 7.41
C ASP B 288 -6.28 24.58 5.88
N HIS B 289 -5.18 24.20 5.32
CA HIS B 289 -4.99 24.15 3.89
C HIS B 289 -5.47 22.81 3.31
N THR B 290 -5.43 21.75 4.10
CA THR B 290 -5.72 20.40 3.60
C THR B 290 -7.16 20.24 3.14
N LEU B 291 -8.14 20.76 3.87
CA LEU B 291 -9.57 20.62 3.62
C LEU B 291 -10.30 21.95 3.47
N LEU B 292 -9.72 23.09 3.86
CA LEU B 292 -10.27 24.43 3.64
C LEU B 292 -11.71 24.61 4.15
N GLY B 293 -12.05 23.96 5.27
CA GLY B 293 -13.37 24.05 5.89
C GLY B 293 -14.45 23.20 5.25
N GLN B 294 -14.11 22.27 4.36
CA GLN B 294 -15.05 21.37 3.68
C GLN B 294 -15.77 20.41 4.64
N CYS B 295 -15.18 20.14 5.80
CA CYS B 295 -15.38 18.92 6.55
C CYS B 295 -15.35 19.19 8.05
N THR B 296 -16.48 19.06 8.74
CA THR B 296 -16.60 19.46 10.15
C THR B 296 -15.76 18.59 11.09
N GLY B 297 -15.05 19.22 12.02
CA GLY B 297 -14.17 18.56 12.98
C GLY B 297 -12.91 17.90 12.41
N ALA B 298 -12.54 18.15 11.15
CA ALA B 298 -11.56 17.33 10.44
C ALA B 298 -10.16 17.93 10.25
N GLY B 299 -10.03 19.19 9.81
CA GLY B 299 -8.79 19.69 9.22
C GLY B 299 -7.87 20.42 10.18
N TYR B 300 -6.64 19.96 10.36
CA TYR B 300 -5.70 20.49 11.34
C TYR B 300 -4.48 21.15 10.74
N PHE B 301 -4.00 22.19 11.36
CA PHE B 301 -2.77 22.88 11.02
C PHE B 301 -2.01 23.17 12.30
N MET B 302 -0.72 23.46 12.20
CA MET B 302 0.03 23.99 13.33
C MET B 302 -0.07 25.51 13.31
N GLN B 303 -0.22 26.12 14.48
CA GLN B 303 -0.34 27.55 14.64
C GLN B 303 0.64 28.03 15.71
N PHE B 304 1.37 29.09 15.43
CA PHE B 304 2.19 29.80 16.40
C PHE B 304 1.72 31.26 16.44
N SER B 305 1.13 31.68 17.55
CA SER B 305 0.61 33.02 17.70
C SER B 305 1.68 34.02 18.06
N THR B 306 1.56 35.24 17.58
CA THR B 306 2.56 36.31 17.74
C THR B 306 1.97 37.60 18.32
N SER B 307 0.69 37.60 18.68
CA SER B 307 -0.07 38.76 19.16
C SER B 307 0.06 39.06 20.67
N SER B 308 0.91 38.34 21.39
CA SER B 308 1.13 38.50 22.84
C SER B 308 2.53 38.03 23.26
N GLY B 309 2.99 38.45 24.44
CA GLY B 309 4.32 38.13 24.99
C GLY B 309 5.42 39.09 24.57
N SER B 310 6.68 38.70 24.77
CA SER B 310 7.85 39.47 24.35
C SER B 310 8.14 39.27 22.87
N ALA B 311 8.78 40.26 22.23
CA ALA B 311 9.46 40.05 20.96
C ALA B 311 10.64 39.07 21.15
N GLU B 312 11.02 38.41 20.05
CA GLU B 312 12.05 37.37 19.97
C GLU B 312 11.76 36.07 20.76
N GLU B 313 10.55 35.88 21.29
CA GLU B 313 10.12 34.56 21.75
C GLU B 313 9.92 33.62 20.56
N ALA B 314 10.23 32.34 20.74
CA ALA B 314 10.23 31.36 19.66
C ALA B 314 9.71 29.98 20.08
N ALA B 315 9.27 29.21 19.10
CA ALA B 315 8.87 27.83 19.23
C ALA B 315 9.54 26.99 18.14
N LEU B 316 10.03 25.81 18.49
CA LEU B 316 10.58 24.82 17.56
C LEU B 316 9.61 23.66 17.37
N LEU B 317 9.25 23.36 16.13
CA LEU B 317 8.63 22.12 15.73
C LEU B 317 9.65 21.29 14.97
N GLU B 318 9.84 20.04 15.32
CA GLU B 318 10.96 19.22 14.88
C GLU B 318 10.48 17.85 14.37
N SER B 319 10.93 17.42 13.19
CA SER B 319 10.54 16.15 12.59
C SER B 319 11.09 14.93 13.31
N ARG B 320 10.62 13.79 12.83
CA ARG B 320 11.22 12.51 13.27
C ARG B 320 12.53 12.37 12.47
N ILE B 321 13.40 11.46 12.86
CA ILE B 321 14.69 11.23 12.19
C ILE B 321 14.45 10.56 10.83
N LEU B 322 15.19 10.99 9.82
CA LEU B 322 15.05 10.60 8.43
C LEU B 322 16.38 10.09 7.91
N TYR B 323 16.36 9.02 7.13
CA TYR B 323 17.52 8.41 6.51
C TYR B 323 17.49 8.68 5.00
N PRO B 324 18.15 9.74 4.49
CA PRO B 324 18.16 10.04 3.07
C PRO B 324 18.88 8.98 2.24
N LYS B 325 18.28 8.54 1.14
CA LYS B 325 18.86 7.66 0.13
C LYS B 325 19.65 8.41 -0.94
N ARG B 326 19.42 9.71 -1.16
CA ARG B 326 20.19 10.57 -2.08
C ARG B 326 20.91 11.71 -1.34
N LYS B 327 21.66 12.52 -2.08
CA LYS B 327 22.46 13.65 -1.59
C LYS B 327 21.71 14.99 -1.58
N GLN B 328 20.56 15.08 -2.22
CA GLN B 328 19.74 16.29 -2.29
C GLN B 328 18.26 15.97 -2.08
N GLN B 329 17.56 16.80 -1.33
CA GLN B 329 16.15 16.70 -1.02
C GLN B 329 15.46 18.05 -1.18
N CYS B 330 14.16 18.04 -1.41
CA CYS B 330 13.32 19.21 -1.45
C CYS B 330 12.23 19.14 -0.40
N LEU B 331 12.18 20.11 0.52
CA LEU B 331 11.10 20.26 1.47
C LEU B 331 10.08 21.26 0.93
N GLN B 332 8.90 20.80 0.54
CA GLN B 332 7.74 21.61 0.17
C GLN B 332 6.77 21.73 1.36
N PHE B 333 6.23 22.91 1.63
CA PHE B 333 5.16 23.12 2.61
C PHE B 333 4.29 24.34 2.29
N PHE B 334 3.15 24.47 2.96
CA PHE B 334 2.22 25.60 2.86
C PHE B 334 2.16 26.38 4.17
N TYR B 335 2.09 27.70 4.12
CA TYR B 335 2.15 28.55 5.30
C TYR B 335 1.35 29.86 5.16
N LYS B 336 1.01 30.50 6.27
CA LYS B 336 0.47 31.86 6.35
C LYS B 336 1.24 32.65 7.39
N MET B 337 1.38 33.94 7.19
CA MET B 337 1.96 34.89 8.13
C MET B 337 1.07 36.12 8.24
N THR B 338 0.12 36.07 9.16
CA THR B 338 -0.90 37.09 9.39
C THR B 338 -0.52 38.08 10.49
N GLY B 339 0.67 37.94 11.07
CA GLY B 339 1.13 38.71 12.22
C GLY B 339 1.91 39.96 11.83
N SER B 340 2.96 40.25 12.55
CA SER B 340 3.83 41.39 12.32
C SER B 340 4.76 41.16 11.12
N PRO B 341 5.12 42.20 10.35
CA PRO B 341 6.20 42.12 9.37
C PRO B 341 7.57 41.70 9.93
N SER B 342 7.77 41.76 11.25
CA SER B 342 9.01 41.34 11.91
C SER B 342 8.97 39.89 12.43
N ASP B 343 7.86 39.17 12.29
CA ASP B 343 7.83 37.74 12.54
C ASP B 343 8.69 36.98 11.53
N ARG B 344 9.29 35.87 11.95
CA ARG B 344 10.06 34.97 11.08
C ARG B 344 9.58 33.54 11.21
N LEU B 345 9.47 32.86 10.09
CA LEU B 345 9.46 31.42 10.02
C LEU B 345 10.81 30.99 9.45
N VAL B 346 11.56 30.17 10.17
CA VAL B 346 12.91 29.76 9.80
C VAL B 346 12.97 28.25 9.72
N VAL B 347 13.53 27.72 8.65
CA VAL B 347 13.75 26.28 8.46
C VAL B 347 15.19 25.93 8.79
N TRP B 348 15.37 24.88 9.58
CA TRP B 348 16.63 24.39 10.11
C TRP B 348 16.74 22.90 9.84
N VAL B 349 17.96 22.40 9.84
CA VAL B 349 18.29 20.97 9.91
C VAL B 349 19.01 20.71 11.22
N ARG B 350 18.75 19.56 11.83
CA ARG B 350 19.58 18.95 12.85
C ARG B 350 20.13 17.64 12.29
N ARG B 351 21.46 17.55 12.13
CA ARG B 351 22.09 16.37 11.45
C ARG B 351 23.07 15.57 12.30
N ASP B 352 23.23 14.28 12.02
CA ASP B 352 24.22 13.40 12.64
C ASP B 352 25.59 14.07 12.68
N ASP B 353 26.19 14.19 13.86
CA ASP B 353 27.50 14.79 14.09
C ASP B 353 28.69 13.86 13.77
N SER B 354 28.45 12.76 13.08
CA SER B 354 29.33 11.62 12.80
C SER B 354 29.50 10.60 13.93
N THR B 355 29.02 10.84 15.15
CA THR B 355 28.99 9.81 16.20
C THR B 355 27.78 8.88 16.12
N GLY B 356 26.81 9.16 15.25
CA GLY B 356 25.49 8.54 15.24
C GLY B 356 24.44 9.36 15.99
N ASN B 357 24.79 10.53 16.53
CA ASN B 357 23.93 11.37 17.34
C ASN B 357 23.43 12.56 16.52
N VAL B 358 22.10 12.71 16.40
CA VAL B 358 21.53 13.79 15.55
C VAL B 358 21.43 15.09 16.35
N ARG B 359 22.55 15.80 16.57
CA ARG B 359 22.52 17.03 17.41
C ARG B 359 23.21 18.23 16.73
N LYS B 360 23.44 18.20 15.42
CA LYS B 360 24.21 19.31 14.77
C LYS B 360 23.27 20.24 13.98
N LEU B 361 23.18 21.51 14.38
CA LEU B 361 22.28 22.47 13.71
C LEU B 361 22.90 23.09 12.47
N VAL B 362 22.08 23.29 11.45
CA VAL B 362 22.36 24.10 10.27
C VAL B 362 21.11 24.89 9.92
N LYS B 363 21.15 26.22 9.82
CA LYS B 363 20.03 27.00 9.29
C LYS B 363 19.96 26.86 7.78
N VAL B 364 18.79 26.59 7.20
CA VAL B 364 18.62 26.44 5.76
C VAL B 364 17.91 27.63 5.08
N GLN B 365 16.81 28.18 5.60
CA GLN B 365 16.07 29.27 4.95
C GLN B 365 15.21 30.11 5.90
N THR B 366 14.86 31.36 5.55
CA THR B 366 13.96 32.24 6.32
C THR B 366 12.80 32.78 5.47
N PHE B 367 11.63 32.91 6.07
CA PHE B 367 10.37 33.42 5.51
C PHE B 367 9.80 34.53 6.39
N GLN B 368 9.25 35.57 5.77
CA GLN B 368 8.67 36.73 6.43
C GLN B 368 7.36 37.16 5.76
N GLY B 369 6.50 37.86 6.51
CA GLY B 369 5.15 38.20 6.07
C GLY B 369 5.03 39.55 5.37
N ASP B 370 4.55 39.54 4.13
CA ASP B 370 4.01 40.71 3.42
C ASP B 370 2.50 40.87 3.69
N ASP B 371 1.80 41.69 2.91
CA ASP B 371 0.37 41.99 3.08
C ASP B 371 -0.60 40.89 2.58
N ASP B 372 -0.11 39.84 1.93
CA ASP B 372 -0.91 38.67 1.58
C ASP B 372 -1.12 37.74 2.79
N HIS B 373 -2.31 37.54 3.25
CA HIS B 373 -2.54 36.70 4.46
C HIS B 373 -3.13 35.33 4.10
N ASN B 374 -3.23 35.00 2.79
CA ASN B 374 -3.66 33.67 2.34
C ASN B 374 -2.50 32.64 2.36
N TRP B 375 -2.81 31.36 2.21
CA TRP B 375 -1.82 30.27 2.16
C TRP B 375 -0.82 30.43 1.01
N LYS B 376 0.47 30.36 1.31
CA LYS B 376 1.58 30.45 0.36
C LYS B 376 2.31 29.12 0.30
N ILE B 377 2.79 28.71 -0.87
CA ILE B 377 3.68 27.55 -1.02
C ILE B 377 5.16 27.94 -0.82
N ALA B 378 5.97 27.05 -0.26
CA ALA B 378 7.39 27.23 -0.03
C ALA B 378 8.16 25.96 -0.34
N HIS B 379 9.35 26.12 -0.92
CA HIS B 379 10.29 25.05 -1.22
C HIS B 379 11.64 25.39 -0.64
N VAL B 380 12.27 24.43 0.04
CA VAL B 380 13.59 24.57 0.64
C VAL B 380 14.47 23.41 0.15
N VAL B 381 15.63 23.74 -0.42
CA VAL B 381 16.63 22.74 -0.78
C VAL B 381 17.37 22.29 0.46
N LEU B 382 17.43 20.99 0.67
CA LEU B 382 18.22 20.32 1.69
C LEU B 382 19.27 19.46 0.99
N LYS B 383 20.46 19.35 1.57
CA LYS B 383 21.55 18.53 1.03
C LYS B 383 22.14 17.66 2.11
N GLU B 384 21.37 16.68 2.53
CA GLU B 384 21.67 15.77 3.62
C GLU B 384 22.12 14.41 3.09
N GLU B 385 23.24 13.90 3.59
CA GLU B 385 23.81 12.61 3.18
C GLU B 385 23.98 11.62 4.34
N GLN B 386 23.47 11.98 5.51
CA GLN B 386 23.43 11.23 6.77
C GLN B 386 22.09 11.52 7.46
N LYS B 387 21.72 10.77 8.50
CA LYS B 387 20.43 10.96 9.16
C LYS B 387 20.23 12.34 9.78
N PHE B 388 19.02 12.88 9.71
CA PHE B 388 18.70 14.26 10.05
C PHE B 388 17.24 14.46 10.47
N ARG B 389 16.97 15.68 10.96
CA ARG B 389 15.59 16.12 11.28
C ARG B 389 15.40 17.53 10.70
N TYR B 390 14.28 17.84 10.04
CA TYR B 390 13.91 19.17 9.58
C TYR B 390 13.04 19.89 10.63
N LEU B 391 13.29 21.17 10.82
CA LEU B 391 12.85 21.96 11.97
C LEU B 391 12.22 23.28 11.49
N PHE B 392 11.13 23.71 12.11
CA PHE B 392 10.51 25.02 11.92
C PHE B 392 10.61 25.84 13.20
N GLN B 393 11.27 26.98 13.13
CA GLN B 393 11.30 27.95 14.20
C GLN B 393 10.33 29.07 13.83
N GLY B 394 9.27 29.24 14.61
CA GLY B 394 8.44 30.43 14.58
C GLY B 394 9.00 31.45 15.54
N THR B 395 9.06 32.71 15.18
CA THR B 395 9.60 33.77 16.03
C THR B 395 8.67 34.96 16.05
N LYS B 396 8.34 35.47 17.24
CA LYS B 396 7.56 36.69 17.43
C LYS B 396 8.41 37.90 17.14
N GLY B 397 7.95 38.81 16.31
CA GLY B 397 8.42 40.18 16.24
C GLY B 397 7.26 41.14 16.52
N ASP B 398 7.49 42.16 17.34
CA ASP B 398 6.50 43.20 17.65
C ASP B 398 5.08 42.69 18.03
N PRO B 399 4.87 41.98 19.14
CA PRO B 399 3.54 41.52 19.55
C PRO B 399 2.51 42.63 19.81
N GLN B 400 2.95 43.85 20.11
CA GLN B 400 2.09 45.05 20.16
C GLN B 400 1.59 45.53 18.78
N ASN B 401 2.13 45.00 17.68
CA ASN B 401 1.72 45.26 16.30
C ASN B 401 1.34 43.97 15.54
N SER B 402 0.85 42.95 16.25
CA SER B 402 0.38 41.71 15.65
C SER B 402 -1.00 41.32 16.16
N THR B 403 -1.90 40.93 15.25
CA THR B 403 -3.22 40.34 15.55
C THR B 403 -3.35 38.92 15.02
N GLY B 404 -2.23 38.26 14.74
CA GLY B 404 -2.18 36.95 14.12
C GLY B 404 -0.89 36.20 14.41
N GLY B 405 -0.42 35.42 13.44
CA GLY B 405 0.75 34.57 13.63
C GLY B 405 1.13 33.76 12.42
N ILE B 406 1.77 32.63 12.68
CA ILE B 406 2.40 31.75 11.71
C ILE B 406 1.64 30.43 11.67
N TYR B 407 1.35 29.93 10.48
CA TYR B 407 0.53 28.76 10.22
C TYR B 407 1.30 27.78 9.36
N LEU B 408 1.19 26.49 9.61
CA LEU B 408 1.82 25.44 8.80
C LEU B 408 0.86 24.32 8.49
N ASP B 409 0.89 23.86 7.25
CA ASP B 409 0.16 22.68 6.80
C ASP B 409 0.89 21.99 5.63
N ASP B 410 0.50 20.77 5.30
CA ASP B 410 0.81 20.14 4.00
C ASP B 410 2.30 20.06 3.61
N ILE B 411 3.10 19.44 4.48
CA ILE B 411 4.54 19.25 4.30
C ILE B 411 4.80 18.01 3.43
N THR B 412 5.70 18.10 2.47
CA THR B 412 6.16 16.99 1.63
C THR B 412 7.67 17.07 1.48
N LEU B 413 8.38 15.97 1.68
CA LEU B 413 9.83 15.86 1.53
C LEU B 413 10.21 14.77 0.54
N THR B 414 10.87 15.16 -0.55
CA THR B 414 11.27 14.24 -1.63
C THR B 414 12.74 14.37 -1.94
N GLU B 415 13.36 13.30 -2.41
CA GLU B 415 14.76 13.24 -2.77
C GLU B 415 14.99 13.64 -4.23
N THR B 416 14.60 14.87 -4.53
CA THR B 416 14.55 15.50 -5.86
C THR B 416 15.16 16.91 -5.76
N PRO B 417 15.47 17.55 -6.90
CA PRO B 417 15.57 19.00 -6.95
C PRO B 417 14.28 19.66 -6.51
N CYS B 418 14.36 20.92 -6.07
CA CYS B 418 13.20 21.79 -5.98
C CYS B 418 12.93 22.44 -7.35
N PRO B 419 11.69 22.87 -7.65
CA PRO B 419 11.39 23.60 -8.86
C PRO B 419 12.17 24.91 -8.93
N THR B 420 12.68 25.25 -10.10
CA THR B 420 13.52 26.44 -10.33
C THR B 420 12.75 27.74 -10.17
N GLY B 421 11.48 27.76 -10.59
CA GLY B 421 10.59 28.90 -10.46
C GLY B 421 9.16 28.45 -10.20
N VAL B 422 8.48 29.12 -9.30
CA VAL B 422 7.11 28.80 -8.89
C VAL B 422 6.26 30.06 -8.96
N TRP B 423 5.15 30.00 -9.68
CA TRP B 423 4.21 31.08 -9.84
C TRP B 423 2.86 30.71 -9.24
N THR B 424 2.31 31.54 -8.37
CA THR B 424 0.93 31.42 -7.91
C THR B 424 0.08 32.54 -8.50
N VAL B 425 -0.96 32.19 -9.24
CA VAL B 425 -1.97 33.14 -9.70
C VAL B 425 -3.17 33.00 -8.79
N ARG B 426 -3.49 34.09 -8.09
CA ARG B 426 -4.60 34.09 -7.12
C ARG B 426 -5.95 34.39 -7.79
N ASN B 427 -7.05 34.00 -7.17
CA ASN B 427 -8.43 34.19 -7.63
C ASN B 427 -8.66 33.76 -9.08
N PHE B 428 -8.22 32.55 -9.42
CA PHE B 428 -8.10 32.17 -10.82
C PHE B 428 -9.44 32.04 -11.53
N SER B 429 -10.50 31.57 -10.86
CA SER B 429 -11.86 31.52 -11.42
C SER B 429 -12.38 32.92 -11.80
N GLN B 430 -12.09 33.93 -11.00
CA GLN B 430 -12.41 35.32 -11.28
C GLN B 430 -11.52 35.93 -12.37
N VAL B 431 -10.23 35.60 -12.43
CA VAL B 431 -9.36 35.92 -13.57
C VAL B 431 -9.88 35.33 -14.87
N LEU B 432 -10.32 34.08 -14.84
CA LEU B 432 -10.79 33.32 -15.98
C LEU B 432 -12.10 33.88 -16.55
N GLU B 433 -12.95 34.47 -15.71
CA GLU B 433 -14.09 35.26 -16.14
C GLU B 433 -13.69 36.65 -16.66
N ASN B 434 -12.83 37.36 -15.97
CA ASN B 434 -12.57 38.80 -16.20
C ASN B 434 -11.49 39.11 -17.25
N THR B 435 -10.87 38.10 -17.86
CA THR B 435 -9.83 38.26 -18.89
C THR B 435 -10.40 37.95 -20.27
N SER B 436 -10.29 38.86 -21.24
CA SER B 436 -10.74 38.62 -22.62
C SER B 436 -9.84 37.62 -23.37
N LYS B 437 -10.34 37.01 -24.45
CA LYS B 437 -9.58 36.06 -25.27
C LYS B 437 -8.29 36.70 -25.79
N GLY B 438 -7.16 36.03 -25.57
CA GLY B 438 -5.85 36.50 -25.99
C GLY B 438 -5.20 37.57 -25.09
N ASP B 439 -5.88 38.08 -24.05
CA ASP B 439 -5.20 38.86 -23.00
C ASP B 439 -4.36 37.92 -22.10
N LYS B 440 -3.28 38.45 -21.51
CA LYS B 440 -2.23 37.63 -20.89
C LYS B 440 -1.77 38.13 -19.52
N LEU B 441 -1.23 37.20 -18.76
CA LEU B 441 -0.53 37.38 -17.49
C LEU B 441 0.92 36.93 -17.66
N GLN B 442 1.85 37.55 -16.97
CA GLN B 442 3.25 37.16 -17.00
C GLN B 442 3.80 37.00 -15.59
N SER B 443 4.54 35.93 -15.40
CA SER B 443 5.18 35.58 -14.13
C SER B 443 6.27 36.57 -13.77
N PRO B 444 6.62 36.70 -12.48
CA PRO B 444 7.93 37.24 -12.10
C PRO B 444 9.06 36.49 -12.82
N ARG B 445 10.21 37.15 -12.87
CA ARG B 445 11.40 36.57 -13.52
C ARG B 445 12.12 35.65 -12.56
N PHE B 446 12.36 34.43 -12.99
CA PHE B 446 13.15 33.43 -12.28
C PHE B 446 14.58 33.41 -12.81
N TYR B 447 15.50 32.80 -12.07
CA TYR B 447 16.86 32.55 -12.50
C TYR B 447 17.17 31.06 -12.32
N ASN B 448 17.83 30.42 -13.28
CA ASN B 448 18.28 29.03 -13.14
C ASN B 448 19.68 28.92 -12.49
N SER B 449 20.15 27.69 -12.26
CA SER B 449 21.45 27.43 -11.64
C SER B 449 22.63 28.01 -12.41
N GLU B 450 22.55 28.03 -13.74
CA GLU B 450 23.53 28.65 -14.62
C GLU B 450 23.44 30.18 -14.67
N GLY B 451 22.39 30.79 -14.14
CA GLY B 451 22.20 32.24 -14.09
C GLY B 451 21.38 32.85 -15.23
N TYR B 452 20.80 32.08 -16.14
CA TYR B 452 19.86 32.59 -17.14
C TYR B 452 18.56 33.02 -16.47
N GLY B 453 18.02 34.16 -16.90
CA GLY B 453 16.70 34.60 -16.50
C GLY B 453 15.60 34.00 -17.37
N PHE B 454 14.47 33.62 -16.79
CA PHE B 454 13.34 33.11 -17.55
C PHE B 454 12.02 33.40 -16.85
N GLY B 455 10.93 33.25 -17.56
CA GLY B 455 9.59 33.41 -17.03
C GLY B 455 8.58 32.64 -17.87
N VAL B 456 7.31 32.80 -17.53
CA VAL B 456 6.18 32.18 -18.23
C VAL B 456 5.08 33.18 -18.51
N THR B 457 4.38 32.98 -19.62
CA THR B 457 3.20 33.73 -20.05
C THR B 457 1.99 32.84 -19.98
N LEU B 458 0.92 33.30 -19.34
CA LEU B 458 -0.35 32.60 -19.22
C LEU B 458 -1.45 33.40 -19.92
N TYR B 459 -2.15 32.78 -20.85
CA TYR B 459 -3.29 33.35 -21.55
C TYR B 459 -4.52 32.58 -21.06
N PRO B 460 -5.27 33.07 -20.04
CA PRO B 460 -6.28 32.28 -19.36
C PRO B 460 -7.39 31.79 -20.29
N ASN B 461 -7.81 32.62 -21.24
CA ASN B 461 -8.71 32.27 -22.33
C ASN B 461 -7.93 32.28 -23.65
N SER B 462 -7.51 31.11 -24.10
CA SER B 462 -6.68 30.98 -25.34
C SER B 462 -7.51 31.26 -26.58
N ARG B 463 -7.13 32.26 -27.37
CA ARG B 463 -7.83 32.56 -28.64
C ARG B 463 -7.64 31.39 -29.61
N GLU B 464 -6.44 30.80 -29.66
CA GLU B 464 -6.13 29.73 -30.63
C GLU B 464 -6.92 28.45 -30.32
N SER B 465 -7.32 28.24 -29.07
CA SER B 465 -8.00 27.00 -28.70
C SER B 465 -9.07 27.27 -27.64
N SER B 466 -10.33 27.46 -28.07
CA SER B 466 -11.43 27.82 -27.17
C SER B 466 -11.69 26.75 -26.11
N GLY B 467 -11.90 27.17 -24.86
CA GLY B 467 -12.03 26.30 -23.70
C GLY B 467 -10.70 25.75 -23.14
N TYR B 468 -9.56 26.27 -23.59
CA TYR B 468 -8.24 25.94 -23.08
C TYR B 468 -7.47 27.14 -22.55
N LEU B 469 -6.64 26.86 -21.56
CA LEU B 469 -5.58 27.70 -21.06
C LEU B 469 -4.33 27.48 -21.92
N ARG B 470 -3.72 28.60 -22.34
CA ARG B 470 -2.45 28.56 -23.12
C ARG B 470 -1.32 29.03 -22.20
N LEU B 471 -0.26 28.26 -22.11
CA LEU B 471 0.88 28.51 -21.22
C LEU B 471 2.17 28.38 -22.02
N ALA B 472 3.07 29.33 -21.83
CA ALA B 472 4.26 29.47 -22.65
C ALA B 472 5.46 29.96 -21.83
N PHE B 473 6.65 29.69 -22.33
CA PHE B 473 7.94 29.96 -21.73
C PHE B 473 8.64 31.06 -22.49
N HIS B 474 9.33 31.96 -21.80
CA HIS B 474 10.23 32.93 -22.40
C HIS B 474 11.51 33.10 -21.57
N VAL B 475 12.57 33.57 -22.21
CA VAL B 475 13.81 33.95 -21.55
C VAL B 475 13.73 35.45 -21.21
N CYS B 476 14.01 35.79 -19.96
CA CYS B 476 14.09 37.17 -19.49
C CYS B 476 15.53 37.67 -19.56
N SER B 477 15.73 38.96 -19.79
CA SER B 477 17.02 39.56 -19.49
C SER B 477 17.31 39.49 -18.00
N GLY B 478 18.58 39.44 -17.63
CA GLY B 478 19.02 39.37 -16.26
C GLY B 478 20.47 39.78 -16.08
N GLU B 479 20.90 39.85 -14.83
CA GLU B 479 22.19 40.42 -14.43
C GLU B 479 23.43 39.66 -14.91
N ASN B 480 23.27 38.44 -15.43
CA ASN B 480 24.35 37.56 -15.85
C ASN B 480 24.57 37.52 -17.37
N ASP B 481 23.66 38.08 -18.17
CA ASP B 481 23.55 37.77 -19.61
C ASP B 481 24.83 38.02 -20.39
N ALA B 482 25.65 38.97 -19.96
CA ALA B 482 26.89 39.33 -20.60
C ALA B 482 27.91 38.20 -20.71
N ILE B 483 27.90 37.19 -19.82
CA ILE B 483 28.89 36.11 -19.80
C ILE B 483 28.32 34.73 -20.12
N LEU B 484 27.02 34.65 -20.37
CA LEU B 484 26.31 33.43 -20.76
C LEU B 484 26.35 33.19 -22.27
N GLU B 485 26.26 31.93 -22.71
CA GLU B 485 26.25 31.62 -24.14
C GLU B 485 24.89 31.90 -24.77
N TRP B 486 24.91 32.45 -25.99
CA TRP B 486 23.73 32.83 -26.75
C TRP B 486 23.83 32.34 -28.20
N PRO B 487 22.76 31.81 -28.87
CA PRO B 487 21.43 31.50 -28.28
C PRO B 487 21.48 30.29 -27.35
N VAL B 488 20.41 30.08 -26.57
CA VAL B 488 20.37 28.85 -25.72
C VAL B 488 20.36 27.69 -26.72
N GLU B 489 21.26 26.71 -26.56
CA GLU B 489 21.36 25.64 -27.58
C GLU B 489 20.62 24.37 -27.15
N ASN B 490 20.81 23.92 -25.91
CA ASN B 490 20.22 22.62 -25.50
C ASN B 490 19.71 22.66 -24.06
N ARG B 491 18.82 23.59 -23.73
CA ARG B 491 18.22 23.59 -22.38
C ARG B 491 16.79 23.09 -22.43
N GLN B 492 16.51 22.03 -21.68
CA GLN B 492 15.18 21.49 -21.56
C GLN B 492 14.36 22.35 -20.62
N VAL B 493 13.14 22.66 -21.04
CA VAL B 493 12.13 23.34 -20.24
C VAL B 493 11.10 22.30 -19.82
N ILE B 494 10.84 22.20 -18.53
CA ILE B 494 9.71 21.45 -17.99
C ILE B 494 8.79 22.43 -17.30
N ILE B 495 7.52 22.49 -17.69
CA ILE B 495 6.48 23.30 -17.06
C ILE B 495 5.43 22.38 -16.48
N THR B 496 5.01 22.60 -15.24
CA THR B 496 4.05 21.75 -14.53
C THR B 496 2.97 22.54 -13.81
N ILE B 497 1.70 22.22 -14.04
CA ILE B 497 0.60 22.68 -13.20
C ILE B 497 0.41 21.70 -12.06
N LEU B 498 0.63 22.13 -10.83
CA LEU B 498 0.59 21.31 -9.63
C LEU B 498 -0.85 20.89 -9.32
N ASP B 499 -1.09 19.59 -9.28
CA ASP B 499 -2.24 19.03 -8.59
C ASP B 499 -1.95 19.08 -7.08
N GLN B 500 -2.63 19.94 -6.31
CA GLN B 500 -2.28 20.21 -4.92
C GLN B 500 -2.75 19.10 -3.98
N GLU B 501 -2.00 18.01 -3.94
CA GLU B 501 -2.12 16.95 -2.93
C GLU B 501 -0.77 16.83 -2.19
N PRO B 502 -0.74 16.68 -0.86
CA PRO B 502 0.50 16.58 -0.10
C PRO B 502 1.20 15.22 -0.27
N ASP B 503 0.44 14.14 -0.46
CA ASP B 503 0.99 12.84 -0.84
C ASP B 503 1.20 12.79 -2.36
N VAL B 504 2.45 12.64 -2.78
CA VAL B 504 2.87 12.67 -4.17
C VAL B 504 2.24 11.54 -5.00
N ARG B 505 1.90 10.43 -4.37
CA ARG B 505 1.24 9.30 -5.08
C ARG B 505 -0.21 9.66 -5.46
N ASN B 506 -0.81 10.67 -4.82
CA ASN B 506 -2.16 11.14 -5.14
C ASN B 506 -2.16 12.28 -6.17
N ARG B 507 -1.02 12.78 -6.63
CA ARG B 507 -0.98 13.90 -7.58
C ARG B 507 -1.05 13.41 -9.02
N MET B 508 -1.79 14.12 -9.86
CA MET B 508 -1.74 14.00 -11.31
C MET B 508 -1.42 15.32 -11.96
N SER B 509 -0.26 15.88 -11.64
CA SER B 509 0.15 17.18 -12.16
C SER B 509 0.32 17.15 -13.68
N SER B 510 -0.21 18.14 -14.38
CA SER B 510 -0.04 18.29 -15.82
C SER B 510 1.37 18.80 -16.11
N SER B 511 2.08 18.22 -17.06
CA SER B 511 3.43 18.62 -17.41
C SER B 511 3.67 18.63 -18.92
N MET B 512 4.46 19.57 -19.39
CA MET B 512 4.92 19.67 -20.78
C MET B 512 6.43 19.90 -20.81
N VAL B 513 7.08 19.34 -21.83
CA VAL B 513 8.52 19.35 -22.00
C VAL B 513 8.84 19.79 -23.42
N PHE B 514 9.84 20.64 -23.58
CA PHE B 514 10.49 20.89 -24.85
C PHE B 514 11.95 21.27 -24.60
N THR B 515 12.79 21.21 -25.61
CA THR B 515 14.18 21.67 -25.51
C THR B 515 14.38 22.87 -26.42
N THR B 516 14.94 23.95 -25.88
CA THR B 516 15.37 25.11 -26.66
C THR B 516 16.28 24.67 -27.82
N SER B 517 16.17 25.32 -28.98
CA SER B 517 16.71 24.82 -30.24
C SER B 517 17.06 25.93 -31.21
N LYS B 518 18.06 25.72 -32.07
CA LYS B 518 18.40 26.60 -33.20
C LYS B 518 17.25 26.74 -34.22
N SER B 519 16.38 25.74 -34.31
CA SER B 519 15.22 25.73 -35.19
C SER B 519 14.06 26.63 -34.74
N HIS B 520 14.05 27.13 -33.50
CA HIS B 520 13.00 28.03 -33.00
C HIS B 520 13.29 29.45 -33.44
N THR B 521 12.51 29.96 -34.38
CA THR B 521 12.75 31.23 -35.08
C THR B 521 11.42 31.93 -35.38
N SER B 522 11.40 33.25 -35.54
CA SER B 522 10.16 34.00 -35.80
C SER B 522 10.31 35.09 -36.87
N PRO B 523 9.30 35.31 -37.74
CA PRO B 523 9.24 36.44 -38.66
C PRO B 523 9.26 37.81 -37.96
N ALA B 524 8.84 37.89 -36.71
CA ALA B 524 8.88 39.12 -35.91
C ALA B 524 10.30 39.61 -35.60
N ILE B 525 11.30 38.72 -35.74
CA ILE B 525 12.72 38.96 -35.42
C ILE B 525 13.62 38.61 -36.60
N ASN B 526 13.14 38.82 -37.83
CA ASN B 526 13.87 38.62 -39.09
C ASN B 526 14.45 37.20 -39.24
N ASP B 527 13.70 36.18 -38.82
CA ASP B 527 14.10 34.77 -38.89
C ASP B 527 15.39 34.45 -38.09
N THR B 528 15.64 35.18 -37.00
CA THR B 528 16.68 34.85 -36.01
C THR B 528 16.16 33.94 -34.91
N VAL B 529 17.07 33.25 -34.22
CA VAL B 529 16.75 32.27 -33.16
C VAL B 529 16.06 32.97 -31.99
N ILE B 530 14.88 32.48 -31.59
CA ILE B 530 14.06 33.01 -30.49
C ILE B 530 14.84 33.07 -29.17
N TRP B 531 15.78 32.13 -28.97
CA TRP B 531 16.58 31.99 -27.76
C TRP B 531 17.90 32.76 -27.78
N ASP B 532 18.09 33.67 -28.74
CA ASP B 532 19.20 34.63 -28.68
C ASP B 532 18.97 35.65 -27.55
N ARG B 533 19.97 36.47 -27.24
CA ARG B 533 20.04 37.32 -26.06
C ARG B 533 18.82 38.26 -25.96
N PRO B 534 18.08 38.29 -24.84
CA PRO B 534 16.78 38.98 -24.78
C PRO B 534 16.78 40.48 -25.05
N SER B 535 17.88 41.20 -24.87
CA SER B 535 17.98 42.61 -25.24
C SER B 535 18.02 42.85 -26.76
N ARG B 536 18.31 41.82 -27.55
CA ARG B 536 18.40 41.98 -29.03
C ARG B 536 17.18 41.34 -29.72
N VAL B 537 16.40 40.54 -29.01
CA VAL B 537 15.29 39.79 -29.57
C VAL B 537 13.96 39.99 -28.82
N GLY B 538 13.99 40.50 -27.59
CA GLY B 538 12.83 40.72 -26.74
C GLY B 538 12.34 42.17 -26.67
N THR B 539 11.20 42.37 -26.03
CA THR B 539 10.54 43.67 -25.83
C THR B 539 10.58 44.08 -24.36
N TYR B 540 10.85 45.37 -24.10
CA TYR B 540 11.01 45.90 -22.75
C TYR B 540 9.68 45.93 -21.98
N HIS B 541 9.73 45.58 -20.69
CA HIS B 541 8.57 45.56 -19.80
C HIS B 541 8.81 46.39 -18.54
N THR B 542 7.93 47.37 -18.28
CA THR B 542 7.96 48.16 -17.03
C THR B 542 7.67 47.33 -15.77
N ASP B 543 6.98 46.20 -15.92
CA ASP B 543 6.61 45.28 -14.83
C ASP B 543 7.80 44.65 -14.09
N CYS B 544 8.95 44.46 -14.76
CA CYS B 544 10.17 43.88 -14.16
C CYS B 544 11.47 44.52 -14.63
N ASN B 545 11.40 45.60 -15.42
CA ASN B 545 12.53 46.21 -16.13
C ASN B 545 13.28 45.24 -17.07
N CYS B 546 12.71 44.06 -17.34
CA CYS B 546 13.28 43.08 -18.22
C CYS B 546 13.02 43.41 -19.69
N PHE B 547 13.76 42.73 -20.54
CA PHE B 547 13.34 42.40 -21.88
C PHE B 547 12.86 40.95 -21.81
N ARG B 548 11.68 40.68 -22.33
CA ARG B 548 11.20 39.27 -22.38
C ARG B 548 11.21 38.81 -23.84
N SER B 549 11.78 37.62 -24.12
CA SER B 549 11.83 37.03 -25.46
C SER B 549 10.42 36.79 -26.03
N ILE B 550 10.33 36.49 -27.32
CA ILE B 550 9.14 35.82 -27.86
C ILE B 550 8.93 34.52 -27.06
N ASP B 551 7.70 34.23 -26.68
CA ASP B 551 7.36 33.01 -25.94
C ASP B 551 7.05 31.82 -26.86
N LEU B 552 7.35 30.62 -26.37
CA LEU B 552 7.06 29.35 -27.02
C LEU B 552 6.32 28.46 -26.02
N GLY B 553 5.31 27.74 -26.47
CA GLY B 553 4.44 27.01 -25.55
C GLY B 553 3.33 26.25 -26.24
N TRP B 554 2.24 26.07 -25.53
CA TRP B 554 1.16 25.18 -25.92
C TRP B 554 -0.19 25.86 -25.75
N SER B 555 -0.79 26.27 -26.87
CA SER B 555 -2.24 26.51 -26.94
C SER B 555 -2.93 25.16 -26.78
N GLY B 556 -3.74 25.02 -25.74
CA GLY B 556 -4.20 23.70 -25.33
C GLY B 556 -3.27 23.01 -24.34
N PHE B 557 -2.67 23.74 -23.40
CA PHE B 557 -1.90 23.14 -22.32
C PHE B 557 -2.83 22.33 -21.40
N ILE B 558 -3.96 22.91 -21.01
CA ILE B 558 -5.01 22.25 -20.21
C ILE B 558 -6.37 22.86 -20.52
N SER B 559 -7.44 22.06 -20.51
CA SER B 559 -8.80 22.58 -20.64
C SER B 559 -9.29 23.21 -19.36
N HIS B 560 -10.09 24.27 -19.45
CA HIS B 560 -10.86 24.82 -18.34
C HIS B 560 -11.66 23.76 -17.57
N GLN B 561 -12.25 22.77 -18.26
CA GLN B 561 -12.98 21.71 -17.57
C GLN B 561 -12.07 20.78 -16.77
N MET B 562 -10.87 20.48 -17.28
CA MET B 562 -9.87 19.69 -16.55
C MET B 562 -9.34 20.47 -15.35
N LEU B 563 -9.13 21.77 -15.52
CA LEU B 563 -8.63 22.65 -14.48
C LEU B 563 -9.61 22.80 -13.31
N LYS B 564 -10.91 22.65 -13.60
CA LYS B 564 -11.93 22.70 -12.51
C LYS B 564 -12.14 21.28 -11.96
N ARG B 565 -11.10 20.46 -11.99
CA ARG B 565 -11.19 19.06 -11.48
C ARG B 565 -9.98 18.77 -10.59
N ARG B 566 -10.08 17.75 -9.73
CA ARG B 566 -8.95 17.34 -8.85
C ARG B 566 -8.56 18.47 -7.89
N SER B 567 -7.27 18.78 -7.80
CA SER B 567 -6.80 19.78 -6.86
C SER B 567 -5.94 20.86 -7.54
N PHE B 568 -6.19 21.14 -8.82
CA PHE B 568 -5.48 22.18 -9.58
C PHE B 568 -5.79 23.62 -9.14
N LEU B 569 -6.96 23.87 -8.53
CA LEU B 569 -7.41 25.21 -8.12
C LEU B 569 -7.83 25.25 -6.64
N LYS B 570 -7.09 24.55 -5.77
CA LYS B 570 -7.57 24.10 -4.45
C LYS B 570 -8.21 25.19 -3.58
N ASN B 571 -7.55 26.35 -3.46
CA ASN B 571 -8.00 27.49 -2.67
C ASN B 571 -8.34 28.69 -3.58
N ASP B 572 -8.93 28.41 -4.75
CA ASP B 572 -9.16 29.34 -5.86
C ASP B 572 -7.88 29.95 -6.48
N ASP B 573 -6.75 29.26 -6.38
CA ASP B 573 -5.47 29.70 -6.95
C ASP B 573 -4.72 28.59 -7.70
N LEU B 574 -3.97 29.01 -8.72
CA LEU B 574 -3.25 28.15 -9.64
C LEU B 574 -1.76 28.20 -9.33
N ILE B 575 -1.09 27.06 -9.24
CA ILE B 575 0.36 26.97 -8.98
C ILE B 575 1.06 26.30 -10.15
N ILE B 576 2.00 27.01 -10.76
CA ILE B 576 2.80 26.58 -11.90
C ILE B 576 4.25 26.45 -11.46
N PHE B 577 4.86 25.31 -11.71
CA PHE B 577 6.29 25.03 -11.55
C PHE B 577 6.99 25.11 -12.89
N VAL B 578 8.23 25.57 -12.88
CA VAL B 578 9.07 25.67 -14.06
C VAL B 578 10.49 25.22 -13.71
N ASP B 579 11.09 24.43 -14.58
CA ASP B 579 12.50 24.07 -14.58
C ASP B 579 13.11 24.32 -15.95
N PHE B 580 14.34 24.81 -15.99
CA PHE B 580 15.05 25.21 -17.20
C PHE B 580 16.52 24.86 -17.07
N GLU B 581 16.93 23.75 -17.67
CA GLU B 581 18.19 23.07 -17.34
C GLU B 581 18.88 22.46 -18.56
N ASP B 582 20.22 22.49 -18.59
CA ASP B 582 21.04 21.97 -19.69
C ASP B 582 21.00 20.45 -19.75
N ILE B 583 20.76 19.89 -20.94
CA ILE B 583 20.83 18.45 -21.21
C ILE B 583 21.87 18.09 -22.26
N THR B 584 22.79 18.99 -22.59
CA THR B 584 23.91 18.71 -23.50
C THR B 584 24.77 17.54 -23.05
N HIS B 585 24.90 17.25 -21.76
CA HIS B 585 25.69 16.11 -21.26
C HIS B 585 25.13 14.74 -21.65
N LEU B 586 23.90 14.66 -22.18
CA LEU B 586 23.29 13.43 -22.70
C LEU B 586 23.64 13.17 -24.18
N SER B 587 24.22 14.13 -24.90
CA SER B 587 24.61 14.01 -26.31
C SER B 587 25.81 13.09 -26.55
N ASN C 53 69.72 18.07 11.28
CA ASN C 53 69.21 17.47 12.56
C ASN C 53 68.38 16.19 12.34
N GLY C 54 68.55 15.44 11.24
CA GLY C 54 67.76 14.25 10.94
C GLY C 54 68.49 12.94 11.24
N LEU C 55 67.82 11.99 11.87
CA LEU C 55 68.32 10.65 12.18
C LEU C 55 68.81 9.93 10.90
N ARG C 56 70.11 9.70 10.76
CA ARG C 56 70.71 9.21 9.48
C ARG C 56 70.16 7.89 8.96
N ASP C 57 69.75 6.97 9.83
CA ASP C 57 69.37 5.63 9.43
C ASP C 57 68.15 5.59 8.49
N PRO C 58 68.29 5.18 7.21
CA PRO C 58 67.17 5.07 6.28
C PRO C 58 66.11 4.04 6.72
N ASN C 59 66.42 3.13 7.65
CA ASN C 59 65.42 2.21 8.18
C ASN C 59 64.46 2.89 9.18
N THR C 60 64.80 4.04 9.77
CA THR C 60 63.97 4.69 10.82
C THR C 60 62.83 5.56 10.28
N ARG C 61 62.55 5.43 8.97
CA ARG C 61 61.54 6.33 8.35
C ARG C 61 60.15 5.72 8.29
N TRP C 62 59.13 6.53 8.57
CA TRP C 62 57.75 6.13 8.36
C TRP C 62 57.46 5.85 6.89
N THR C 63 56.41 5.06 6.63
CA THR C 63 55.75 4.96 5.33
C THR C 63 54.36 5.56 5.49
N PHE C 64 54.00 6.54 4.67
CA PHE C 64 52.74 7.27 4.85
C PHE C 64 51.51 6.50 4.33
N PRO C 65 50.32 6.71 4.93
CA PRO C 65 50.06 7.60 6.07
C PRO C 65 50.56 7.03 7.40
N ILE C 66 51.01 7.88 8.32
CA ILE C 66 51.29 7.49 9.70
C ILE C 66 49.98 7.08 10.36
N PRO C 67 49.84 5.86 10.88
CA PRO C 67 48.65 5.49 11.61
C PRO C 67 48.73 6.05 13.04
N TYR C 68 47.60 6.49 13.59
CA TYR C 68 47.56 7.10 14.92
C TYR C 68 46.39 6.64 15.79
N ILE C 69 46.57 6.80 17.09
CA ILE C 69 45.55 6.67 18.12
C ILE C 69 45.56 7.96 18.95
N LEU C 70 44.40 8.56 19.20
CA LEU C 70 44.27 9.61 20.23
C LEU C 70 43.74 8.95 21.51
N ALA C 71 44.53 8.89 22.57
CA ALA C 71 44.09 8.28 23.82
C ALA C 71 43.00 9.11 24.51
N ASP C 72 42.03 8.46 25.16
CA ASP C 72 40.91 9.17 25.81
C ASP C 72 41.28 9.92 27.09
N ASN C 73 42.51 9.80 27.57
CA ASN C 73 43.05 10.70 28.60
C ASN C 73 43.40 12.10 28.08
N LEU C 74 43.49 12.30 26.76
CA LEU C 74 43.49 13.62 26.15
C LEU C 74 42.13 14.26 26.35
N GLY C 75 42.08 15.55 26.69
CA GLY C 75 40.83 16.30 26.68
C GLY C 75 40.33 16.55 25.27
N LEU C 76 39.07 16.99 25.12
CA LEU C 76 38.52 17.44 23.85
C LEU C 76 39.41 18.49 23.18
N ASN C 77 39.93 19.46 23.93
CA ASN C 77 40.74 20.51 23.34
C ASN C 77 42.03 19.98 22.69
N ALA C 78 42.74 19.10 23.38
CA ALA C 78 43.93 18.46 22.87
C ALA C 78 43.63 17.56 21.67
N LYS C 79 42.54 16.78 21.68
CA LYS C 79 42.11 16.02 20.50
C LYS C 79 41.93 16.94 19.29
N GLY C 80 41.18 18.03 19.45
CA GLY C 80 40.98 19.03 18.42
C GLY C 80 42.28 19.66 17.94
N ALA C 81 43.17 20.06 18.84
CA ALA C 81 44.45 20.66 18.47
C ALA C 81 45.37 19.72 17.69
N ILE C 82 45.39 18.42 18.00
CA ILE C 82 46.14 17.43 17.23
C ILE C 82 45.55 17.26 15.83
N LEU C 83 44.23 17.18 15.70
CA LEU C 83 43.56 17.12 14.39
C LEU C 83 43.76 18.39 13.56
N TYR C 84 43.85 19.56 14.19
CA TYR C 84 44.26 20.80 13.56
C TYR C 84 45.73 20.80 13.13
N ALA C 85 46.66 20.32 13.95
CA ALA C 85 48.07 20.22 13.58
C ALA C 85 48.29 19.26 12.40
N PHE C 86 47.53 18.16 12.32
CA PHE C 86 47.55 17.27 11.18
C PHE C 86 47.24 17.99 9.87
N GLU C 87 46.30 18.93 9.87
CA GLU C 87 45.97 19.70 8.69
C GLU C 87 47.09 20.60 8.23
N MET C 88 47.97 21.05 9.11
CA MET C 88 49.17 21.82 8.73
C MET C 88 50.21 20.97 8.01
N PHE C 89 50.45 19.75 8.46
CA PHE C 89 51.26 18.79 7.72
C PHE C 89 50.69 18.54 6.33
N ARG C 90 49.38 18.33 6.22
CA ARG C 90 48.70 18.07 4.92
C ARG C 90 48.69 19.30 3.99
N LEU C 91 48.77 20.51 4.52
CA LEU C 91 48.79 21.74 3.74
C LEU C 91 50.19 22.11 3.22
N LYS C 92 51.25 21.81 3.97
CA LYS C 92 52.63 22.23 3.65
C LYS C 92 53.60 21.10 3.29
N SER C 93 53.17 19.85 3.30
CA SER C 93 53.99 18.67 3.04
C SER C 93 53.14 17.54 2.47
N CYS C 94 53.75 16.44 2.07
CA CYS C 94 53.04 15.20 1.71
C CYS C 94 52.99 14.16 2.84
N VAL C 95 53.35 14.55 4.07
CA VAL C 95 53.07 13.76 5.28
C VAL C 95 51.57 13.64 5.47
N ASP C 96 51.08 12.45 5.77
CA ASP C 96 49.66 12.22 6.03
C ASP C 96 49.47 11.25 7.18
N PHE C 97 48.27 11.27 7.74
CA PHE C 97 47.86 10.55 8.93
C PHE C 97 46.57 9.79 8.67
N LYS C 98 46.44 8.59 9.23
CA LYS C 98 45.22 7.76 9.19
C LYS C 98 44.89 7.19 10.57
N PRO C 99 43.64 6.88 10.89
CA PRO C 99 43.36 6.14 12.11
C PRO C 99 44.06 4.78 12.11
N TYR C 100 44.49 4.32 13.28
CA TYR C 100 45.04 2.98 13.47
C TYR C 100 44.06 1.88 13.07
N GLU C 101 44.53 0.92 12.28
CA GLU C 101 43.81 -0.22 11.73
C GLU C 101 44.68 -1.49 11.78
N GLY C 102 45.35 -1.70 12.91
CA GLY C 102 46.12 -2.92 13.20
C GLY C 102 47.52 -2.95 12.59
N GLU C 103 48.11 -1.82 12.24
CA GLU C 103 49.49 -1.73 11.75
C GLU C 103 50.53 -2.14 12.80
N SER C 104 51.75 -2.45 12.36
CA SER C 104 52.87 -2.77 13.25
C SER C 104 53.40 -1.55 14.01
N SER C 105 53.62 -0.41 13.33
CA SER C 105 54.05 0.84 13.95
C SER C 105 53.06 1.97 13.73
N TYR C 106 52.94 2.83 14.73
CA TYR C 106 51.90 3.84 14.89
C TYR C 106 52.32 4.84 15.96
N ILE C 107 51.67 5.99 16.00
CA ILE C 107 51.77 6.93 17.13
C ILE C 107 50.53 6.80 18.01
N ILE C 108 50.68 6.77 19.33
CA ILE C 108 49.60 7.06 20.26
C ILE C 108 49.88 8.38 20.98
N PHE C 109 48.91 9.29 21.00
CA PHE C 109 49.00 10.57 21.67
C PHE C 109 48.33 10.45 23.03
N GLN C 110 49.00 10.86 24.10
CA GLN C 110 48.50 10.76 25.47
C GLN C 110 48.78 12.02 26.29
N GLN C 111 48.00 12.27 27.33
CA GLN C 111 48.22 13.36 28.28
C GLN C 111 49.07 12.88 29.47
N PHE C 112 50.32 12.50 29.20
CA PHE C 112 51.31 12.33 30.26
C PHE C 112 51.90 13.69 30.67
N ASP C 113 52.73 13.71 31.72
CA ASP C 113 53.32 14.95 32.20
C ASP C 113 54.32 15.52 31.17
N GLY C 114 54.14 16.79 30.78
CA GLY C 114 55.00 17.48 29.83
C GLY C 114 54.81 17.09 28.36
N CYS C 115 55.63 17.70 27.50
CA CYS C 115 55.65 17.46 26.06
C CYS C 115 56.91 16.68 25.69
N TRP C 116 56.77 15.48 25.13
CA TRP C 116 57.89 14.65 24.71
C TRP C 116 57.47 13.58 23.69
N SER C 117 58.45 13.09 22.94
CA SER C 117 58.30 12.08 21.90
C SER C 117 59.59 11.30 21.74
N GLU C 118 59.50 10.05 21.35
CA GLU C 118 60.61 9.30 20.77
C GLU C 118 61.00 9.87 19.40
N VAL C 119 62.20 9.59 18.90
CA VAL C 119 62.66 10.09 17.60
C VAL C 119 62.66 8.98 16.55
N GLY C 120 62.09 9.26 15.38
CA GLY C 120 61.97 8.29 14.28
C GLY C 120 60.87 7.24 14.49
N ASP C 121 60.55 6.51 13.44
CA ASP C 121 59.66 5.35 13.53
C ASP C 121 60.31 4.26 14.38
N GLN C 122 59.73 3.98 15.54
CA GLN C 122 60.10 2.86 16.40
C GLN C 122 59.05 1.78 16.17
N HIS C 123 59.44 0.66 15.56
CA HIS C 123 58.50 -0.14 14.79
C HIS C 123 57.49 -0.97 15.61
N VAL C 124 57.58 -0.93 16.94
CA VAL C 124 56.59 -1.52 17.86
C VAL C 124 55.41 -0.58 18.18
N GLY C 125 55.48 0.69 17.76
CA GLY C 125 54.58 1.77 18.20
C GLY C 125 55.24 2.67 19.25
N GLN C 126 54.75 3.90 19.42
CA GLN C 126 55.38 4.90 20.27
C GLN C 126 54.41 5.93 20.82
N ASN C 127 54.80 6.62 21.90
CA ASN C 127 54.02 7.69 22.52
C ASN C 127 54.49 9.08 22.04
N ILE C 128 53.54 9.98 21.86
CA ILE C 128 53.73 11.43 21.98
C ILE C 128 52.96 11.87 23.22
N SER C 129 53.58 12.66 24.07
CA SER C 129 52.92 13.29 25.21
C SER C 129 52.54 14.73 24.91
N ILE C 130 51.29 15.06 25.22
CA ILE C 130 50.73 16.42 25.17
C ILE C 130 50.12 16.69 26.54
N GLY C 131 50.94 17.21 27.46
CA GLY C 131 50.52 17.55 28.82
C GLY C 131 49.66 18.81 28.91
N GLN C 132 49.38 19.26 30.13
CA GLN C 132 48.65 20.50 30.38
C GLN C 132 49.42 21.70 29.80
N GLY C 133 48.75 22.54 29.03
CA GLY C 133 49.36 23.69 28.35
C GLY C 133 50.19 23.36 27.10
N CYS C 134 50.23 22.06 26.77
CA CYS C 134 51.01 21.57 25.59
C CYS C 134 50.09 21.47 24.38
N ALA C 135 48.79 21.75 24.57
CA ALA C 135 47.82 21.58 23.47
C ALA C 135 47.83 22.81 22.56
N TYR C 136 48.91 22.99 21.79
CA TYR C 136 49.01 24.14 20.86
C TYR C 136 49.59 23.67 19.53
N LYS C 137 49.13 24.26 18.42
CA LYS C 137 49.56 23.85 17.07
C LYS C 137 51.06 23.62 17.00
N ALA C 138 51.84 24.64 17.34
CA ALA C 138 53.29 24.63 17.26
C ALA C 138 53.96 23.54 18.10
N ILE C 139 53.40 23.24 19.26
CA ILE C 139 54.02 22.31 20.20
C ILE C 139 53.74 20.88 19.76
N ILE C 140 52.55 20.60 19.26
CA ILE C 140 52.21 19.32 18.65
C ILE C 140 53.02 19.10 17.35
N GLU C 141 53.19 20.14 16.53
CA GLU C 141 54.10 20.15 15.39
C GLU C 141 55.54 19.82 15.79
N HIS C 142 56.07 20.40 16.86
CA HIS C 142 57.37 20.06 17.43
C HIS C 142 57.47 18.57 17.79
N GLU C 143 56.44 17.98 18.38
CA GLU C 143 56.51 16.58 18.79
C GLU C 143 56.41 15.61 17.62
N ILE C 144 55.53 15.86 16.65
CA ILE C 144 55.41 14.99 15.48
C ILE C 144 56.69 15.05 14.64
N LEU C 145 57.37 16.20 14.56
CA LEU C 145 58.70 16.26 13.96
C LEU C 145 59.72 15.38 14.67
N HIS C 146 59.67 15.19 15.99
CA HIS C 146 60.51 14.19 16.64
C HIS C 146 60.17 12.80 16.11
N ALA C 147 58.89 12.40 16.16
CA ALA C 147 58.49 11.09 15.69
C ALA C 147 58.86 10.83 14.21
N LEU C 148 58.83 11.85 13.36
CA LEU C 148 59.30 11.78 11.97
C LEU C 148 60.81 11.56 11.81
N GLY C 149 61.61 11.66 12.86
CA GLY C 149 63.06 11.44 12.80
C GLY C 149 63.94 12.65 13.07
N PHE C 150 63.42 13.75 13.61
CA PHE C 150 64.24 14.94 13.88
C PHE C 150 64.64 15.09 15.36
N TYR C 151 65.91 15.40 15.58
CA TYR C 151 66.41 15.97 16.84
C TYR C 151 66.18 17.49 16.90
N HIS C 152 66.33 18.08 18.08
CA HIS C 152 66.31 19.53 18.26
C HIS C 152 67.38 20.23 17.44
N GLU C 153 67.20 21.50 17.14
CA GLU C 153 68.18 22.24 16.35
C GLU C 153 69.47 22.49 17.12
N GLN C 154 69.40 22.78 18.43
CA GLN C 154 70.59 22.84 19.27
C GLN C 154 71.33 21.50 19.42
N SER C 155 70.75 20.37 19.00
CA SER C 155 71.37 19.04 19.04
C SER C 155 72.17 18.68 17.78
N ARG C 156 72.26 19.57 16.80
CA ARG C 156 73.16 19.39 15.64
C ARG C 156 74.61 19.16 16.08
N THR C 157 75.40 18.47 15.27
CA THR C 157 76.82 18.17 15.56
C THR C 157 77.70 19.43 15.49
N ASP C 158 77.31 20.43 14.68
CA ASP C 158 78.01 21.71 14.49
C ASP C 158 77.50 22.87 15.38
N ARG C 159 76.51 22.62 16.25
CA ARG C 159 75.77 23.64 17.02
C ARG C 159 76.66 24.58 17.87
N ASP C 160 77.83 24.11 18.30
CA ASP C 160 78.78 24.90 19.09
C ASP C 160 79.32 26.13 18.34
N ASP C 161 79.25 26.16 17.01
CA ASP C 161 79.59 27.35 16.20
C ASP C 161 78.49 28.44 16.25
N TYR C 162 77.29 28.11 16.72
CA TYR C 162 76.09 28.93 16.60
C TYR C 162 75.46 29.36 17.93
N VAL C 163 75.59 28.54 18.99
CA VAL C 163 74.95 28.78 20.29
C VAL C 163 75.86 28.49 21.49
N ASN C 164 75.54 29.11 22.62
CA ASN C 164 76.02 28.78 23.96
C ASN C 164 74.97 27.96 24.69
N ILE C 165 75.38 26.85 25.30
CA ILE C 165 74.55 26.10 26.25
C ILE C 165 75.15 26.34 27.64
N TRP C 166 74.38 26.91 28.55
CA TRP C 166 74.86 27.25 29.90
C TRP C 166 74.57 26.12 30.88
N TRP C 167 75.43 25.10 30.86
CA TRP C 167 75.14 23.77 31.43
C TRP C 167 74.74 23.75 32.89
N ASP C 168 75.30 24.64 33.72
CA ASP C 168 75.00 24.70 35.14
C ASP C 168 73.53 25.06 35.44
N GLN C 169 72.84 25.71 34.50
CA GLN C 169 71.55 26.37 34.72
C GLN C 169 70.35 25.59 34.17
N ILE C 170 70.55 24.42 33.58
CA ILE C 170 69.47 23.50 33.21
C ILE C 170 68.93 22.81 34.48
N LEU C 171 67.62 22.69 34.62
CA LEU C 171 66.98 21.89 35.66
C LEU C 171 67.32 20.41 35.54
N SER C 172 67.57 19.74 36.67
CA SER C 172 67.92 18.31 36.68
C SER C 172 66.83 17.43 36.04
N GLY C 173 67.25 16.43 35.29
CA GLY C 173 66.36 15.52 34.54
C GLY C 173 66.02 15.98 33.11
N TYR C 174 66.50 17.15 32.67
CA TYR C 174 66.22 17.70 31.33
C TYR C 174 67.45 17.88 30.44
N GLN C 175 68.65 17.52 30.89
CA GLN C 175 69.91 17.81 30.21
C GLN C 175 70.05 17.20 28.80
N HIS C 176 69.39 16.07 28.53
CA HIS C 176 69.45 15.40 27.22
C HIS C 176 68.79 16.20 26.08
N ASN C 177 67.91 17.15 26.39
CA ASN C 177 67.38 18.10 25.41
C ASN C 177 68.42 19.12 24.92
N PHE C 178 69.61 19.15 25.53
CA PHE C 178 70.74 20.00 25.18
C PHE C 178 71.97 19.18 24.74
N ASP C 179 71.89 17.86 24.71
CA ASP C 179 72.94 17.00 24.14
C ASP C 179 73.09 17.20 22.63
N THR C 180 74.26 16.85 22.11
CA THR C 180 74.55 16.79 20.68
C THR C 180 74.92 15.36 20.30
N TYR C 181 74.53 14.95 19.09
CA TYR C 181 74.73 13.60 18.57
C TYR C 181 75.78 13.62 17.45
N ASP C 182 76.64 12.61 17.41
CA ASP C 182 77.70 12.55 16.40
C ASP C 182 77.14 12.30 14.99
N ASP C 183 77.95 12.61 13.98
CA ASP C 183 77.53 12.55 12.58
C ASP C 183 77.25 11.13 12.06
N SER C 184 77.49 10.06 12.82
CA SER C 184 76.98 8.73 12.49
C SER C 184 75.50 8.59 12.83
N LEU C 185 75.02 9.30 13.85
CA LEU C 185 73.62 9.28 14.27
C LEU C 185 72.77 10.29 13.50
N ILE C 186 73.30 11.46 13.15
CA ILE C 186 72.53 12.56 12.55
C ILE C 186 73.18 13.17 11.31
N THR C 187 72.35 13.75 10.44
CA THR C 187 72.73 14.33 9.15
C THR C 187 72.26 15.79 9.04
N ASP C 188 73.01 16.65 8.35
CA ASP C 188 72.63 18.07 8.12
C ASP C 188 71.58 18.28 7.01
N LEU C 189 71.30 17.25 6.20
CA LEU C 189 70.47 17.30 4.98
C LEU C 189 70.90 18.43 4.00
N ASN C 190 72.18 18.82 4.04
CA ASN C 190 72.75 19.98 3.35
C ASN C 190 72.00 21.30 3.67
N THR C 191 71.69 21.54 4.94
CA THR C 191 71.01 22.77 5.42
C THR C 191 71.76 23.47 6.56
N PRO C 192 71.74 24.82 6.61
CA PRO C 192 72.40 25.59 7.66
C PRO C 192 71.65 25.51 9.00
N TYR C 193 72.26 26.05 10.06
CA TYR C 193 71.64 26.17 11.37
C TYR C 193 70.49 27.18 11.30
N ASP C 194 69.25 26.72 11.41
CA ASP C 194 68.08 27.58 11.35
C ASP C 194 67.66 28.02 12.75
N TYR C 195 68.07 29.22 13.15
CA TYR C 195 67.66 29.80 14.42
C TYR C 195 66.14 29.92 14.54
N GLU C 196 65.41 30.04 13.43
CA GLU C 196 63.95 30.16 13.41
C GLU C 196 63.25 28.80 13.38
N SER C 197 64.00 27.71 13.43
CA SER C 197 63.44 26.36 13.47
C SER C 197 62.54 26.15 14.67
N LEU C 198 61.38 25.57 14.44
CA LEU C 198 60.43 25.17 15.47
C LEU C 198 61.04 24.13 16.43
N MET C 199 62.07 23.44 15.98
CA MET C 199 62.82 22.47 16.75
C MET C 199 63.94 23.10 17.58
N HIS C 200 64.10 24.42 17.59
CA HIS C 200 65.03 25.12 18.47
C HIS C 200 64.35 25.53 19.78
N TYR C 201 65.08 25.52 20.90
CA TYR C 201 64.56 26.02 22.18
C TYR C 201 64.68 27.54 22.31
N GLN C 202 63.76 28.11 23.09
CA GLN C 202 63.80 29.51 23.52
C GLN C 202 64.88 29.71 24.58
N PRO C 203 65.32 30.95 24.84
CA PRO C 203 66.39 31.22 25.79
C PRO C 203 66.09 30.68 27.20
N PHE C 204 64.90 30.96 27.71
CA PHE C 204 64.43 30.53 29.02
C PHE C 204 63.74 29.17 28.93
N SER C 205 64.51 28.14 28.60
CA SER C 205 64.05 26.75 28.48
C SER C 205 64.65 25.90 29.59
N PHE C 206 63.79 25.31 30.43
CA PHE C 206 64.17 24.50 31.59
C PHE C 206 65.26 25.12 32.48
N ASN C 207 65.25 26.45 32.68
CA ASN C 207 66.24 27.15 33.49
C ASN C 207 65.97 27.06 35.01
N LYS C 208 67.03 27.07 35.82
CA LYS C 208 66.99 27.16 37.30
C LYS C 208 66.48 28.50 37.81
N ASN C 209 66.97 29.60 37.24
CA ASN C 209 66.64 30.97 37.63
C ASN C 209 66.00 31.69 36.45
N ALA C 210 64.80 32.24 36.63
CA ALA C 210 64.01 32.87 35.58
C ALA C 210 64.70 34.05 34.89
N SER C 211 65.67 34.69 35.55
CA SER C 211 66.43 35.83 35.02
C SER C 211 67.56 35.41 34.07
N VAL C 212 67.99 34.16 34.12
CA VAL C 212 69.17 33.66 33.39
C VAL C 212 68.76 32.69 32.27
N PRO C 213 69.15 32.90 31.01
CA PRO C 213 68.81 32.02 29.90
C PRO C 213 69.68 30.75 29.87
N THR C 214 69.09 29.60 29.53
CA THR C 214 69.80 28.33 29.34
C THR C 214 70.56 28.27 28.02
N ILE C 215 70.02 28.85 26.96
CA ILE C 215 70.58 28.87 25.61
C ILE C 215 70.60 30.30 25.05
N THR C 216 71.70 30.71 24.43
CA THR C 216 71.81 31.99 23.72
C THR C 216 72.61 31.81 22.45
N ALA C 217 72.34 32.61 21.41
CA ALA C 217 73.13 32.60 20.19
C ALA C 217 74.47 33.31 20.42
N LYS C 218 75.54 32.85 19.76
CA LYS C 218 76.87 33.49 19.88
C LYS C 218 76.93 34.92 19.31
N ILE C 219 75.94 35.32 18.50
CA ILE C 219 75.62 36.71 18.18
C ILE C 219 74.29 37.06 18.89
N PRO C 220 74.22 38.12 19.72
CA PRO C 220 73.10 38.34 20.63
C PRO C 220 71.75 38.67 19.98
N GLU C 221 71.70 39.20 18.77
CA GLU C 221 70.45 39.59 18.11
C GLU C 221 69.45 38.43 17.97
N PHE C 222 69.95 37.24 17.63
CA PHE C 222 69.11 36.05 17.44
C PHE C 222 68.44 35.56 18.71
N ASN C 223 68.82 36.04 19.90
CA ASN C 223 68.12 35.72 21.15
C ASN C 223 66.65 36.17 21.11
N SER C 224 66.31 37.17 20.29
CA SER C 224 64.92 37.57 19.99
C SER C 224 64.17 36.59 19.07
N ILE C 225 64.88 35.76 18.32
CA ILE C 225 64.35 34.89 17.26
C ILE C 225 64.26 33.43 17.72
N ILE C 226 65.28 32.91 18.43
CA ILE C 226 65.34 31.48 18.78
C ILE C 226 64.13 31.05 19.61
N GLY C 227 63.56 29.89 19.26
CA GLY C 227 62.41 29.35 19.98
C GLY C 227 61.07 30.00 19.63
N GLN C 228 60.87 30.45 18.39
CA GLN C 228 59.54 30.81 17.88
C GLN C 228 58.55 29.65 18.02
N ARG C 229 57.28 29.97 18.32
CA ARG C 229 56.16 29.03 18.47
C ARG C 229 54.99 29.38 17.56
N LEU C 230 55.29 29.88 16.37
CA LEU C 230 54.30 30.21 15.34
C LEU C 230 53.92 29.00 14.52
N ASP C 231 54.90 28.38 13.85
CA ASP C 231 54.68 27.47 12.73
C ASP C 231 55.99 26.76 12.33
N PHE C 232 55.91 25.84 11.38
CA PHE C 232 57.08 25.33 10.69
C PHE C 232 57.86 26.46 10.02
N SER C 233 59.19 26.46 10.11
CA SER C 233 60.01 27.34 9.29
C SER C 233 60.14 26.84 7.84
N ALA C 234 60.63 27.67 6.94
CA ALA C 234 60.94 27.27 5.57
C ALA C 234 62.00 26.15 5.51
N ILE C 235 63.05 26.22 6.34
CA ILE C 235 64.10 25.21 6.39
C ILE C 235 63.62 23.94 7.10
N ASP C 236 62.72 24.00 8.08
CA ASP C 236 62.10 22.80 8.65
C ASP C 236 61.24 22.04 7.64
N LEU C 237 60.45 22.73 6.82
CA LEU C 237 59.74 22.11 5.70
C LEU C 237 60.70 21.58 4.63
N GLU C 238 61.76 22.31 4.32
CA GLU C 238 62.78 21.82 3.39
C GLU C 238 63.46 20.57 3.90
N ARG C 239 63.76 20.53 5.20
CA ARG C 239 64.38 19.32 5.80
C ARG C 239 63.40 18.14 5.77
N LEU C 240 62.14 18.34 6.17
CA LEU C 240 61.11 17.29 6.12
C LEU C 240 60.86 16.80 4.71
N ASN C 241 60.83 17.69 3.72
CA ASN C 241 60.79 17.32 2.30
C ASN C 241 62.02 16.49 1.92
N ARG C 242 63.24 16.96 2.23
CA ARG C 242 64.50 16.27 1.89
C ARG C 242 64.59 14.89 2.52
N MET C 243 63.96 14.67 3.68
CA MET C 243 63.94 13.35 4.32
C MET C 243 62.93 12.37 3.67
N TYR C 244 61.80 12.86 3.16
CA TYR C 244 60.67 12.02 2.70
C TYR C 244 60.27 12.17 1.22
N ASN C 245 61.02 12.95 0.45
CA ASN C 245 60.84 13.27 -0.98
C ASN C 245 59.53 13.98 -1.38
N CYS C 246 58.81 14.56 -0.43
CA CYS C 246 57.65 15.38 -0.74
C CYS C 246 58.07 16.66 -1.50
N THR C 247 57.25 17.06 -2.46
CA THR C 247 57.39 18.34 -3.20
C THR C 247 56.02 18.98 -3.41
N THR C 248 55.03 18.17 -3.80
CA THR C 248 53.60 18.46 -3.68
C THR C 248 53.13 18.42 -2.22
N THR C 249 51.91 18.87 -1.98
CA THR C 249 51.21 18.80 -0.69
C THR C 249 49.80 18.28 -0.89
N HIS C 250 49.11 17.88 0.17
CA HIS C 250 47.81 17.25 0.01
C HIS C 250 46.66 18.25 -0.20
N THR C 251 46.80 19.52 0.17
CA THR C 251 45.66 20.46 0.16
C THR C 251 45.92 21.85 -0.41
N LEU C 252 47.12 22.20 -0.88
CA LEU C 252 47.33 23.43 -1.65
C LEU C 252 47.12 23.15 -3.14
N LEU C 253 46.01 23.60 -3.69
CA LEU C 253 45.54 23.22 -5.02
C LEU C 253 45.89 24.27 -6.09
N ASP C 254 45.84 25.56 -5.79
CA ASP C 254 46.31 26.62 -6.66
C ASP C 254 46.74 27.87 -5.89
N HIS C 255 47.63 28.68 -6.45
CA HIS C 255 47.93 30.02 -5.96
C HIS C 255 48.44 30.89 -7.10
N CYS C 256 48.15 32.19 -7.05
CA CYS C 256 48.51 33.11 -8.11
C CYS C 256 48.67 34.54 -7.63
N THR C 257 49.90 35.02 -7.63
CA THR C 257 50.25 36.43 -7.47
C THR C 257 50.24 37.21 -8.77
N PHE C 258 50.07 36.50 -9.91
CA PHE C 258 50.06 37.11 -11.28
C PHE C 258 51.47 37.49 -11.77
N GLU C 259 52.54 36.97 -11.16
CA GLU C 259 53.91 37.24 -11.62
C GLU C 259 54.49 36.07 -12.43
N LYS C 260 53.80 35.68 -13.51
CA LYS C 260 54.25 34.71 -14.52
C LYS C 260 53.79 35.16 -15.92
N ALA C 261 54.54 34.82 -16.96
CA ALA C 261 54.19 35.17 -18.35
C ALA C 261 52.86 34.54 -18.82
N ASN C 262 52.50 33.37 -18.27
CA ASN C 262 51.23 32.68 -18.50
C ASN C 262 50.10 33.09 -17.52
N ILE C 263 50.32 34.08 -16.65
CA ILE C 263 49.47 34.45 -15.50
C ILE C 263 48.91 33.22 -14.75
N CYS C 264 49.79 32.32 -14.33
CA CYS C 264 49.47 31.09 -13.59
C CYS C 264 48.60 30.09 -14.36
N GLY C 265 48.57 30.20 -15.69
CA GLY C 265 47.68 29.42 -16.56
C GLY C 265 46.25 29.96 -16.66
N MET C 266 45.97 31.16 -16.12
CA MET C 266 44.66 31.80 -16.31
C MET C 266 44.45 32.22 -17.77
N ILE C 267 43.20 32.21 -18.21
CA ILE C 267 42.75 32.54 -19.58
C ILE C 267 41.53 33.46 -19.51
N GLN C 268 41.17 34.07 -20.64
CA GLN C 268 39.97 34.91 -20.73
C GLN C 268 39.04 34.41 -21.84
N GLY C 269 37.74 34.36 -21.56
CA GLY C 269 36.74 33.89 -22.51
C GLY C 269 36.52 34.87 -23.68
N THR C 270 36.05 34.33 -24.81
CA THR C 270 35.52 35.15 -25.93
C THR C 270 34.07 35.56 -25.70
N ARG C 271 33.27 34.74 -24.98
CA ARG C 271 31.85 34.97 -24.64
C ARG C 271 31.67 35.91 -23.45
N ASP C 272 32.13 37.14 -23.62
CA ASP C 272 31.97 38.29 -22.74
C ASP C 272 32.12 39.58 -23.59
N ASP C 273 32.13 40.77 -22.98
CA ASP C 273 32.26 42.01 -23.73
C ASP C 273 33.70 42.53 -23.85
N THR C 274 34.57 42.25 -22.88
CA THR C 274 35.91 42.86 -22.71
C THR C 274 36.92 41.91 -22.04
N ASP C 275 38.13 42.39 -21.75
CA ASP C 275 39.18 41.67 -21.02
C ASP C 275 39.64 42.42 -19.76
N TRP C 276 40.04 41.66 -18.74
CA TRP C 276 40.89 42.09 -17.64
C TRP C 276 42.29 42.45 -18.17
N ALA C 277 42.93 43.46 -17.59
CA ALA C 277 44.27 43.91 -17.95
C ALA C 277 45.32 43.42 -16.96
N HIS C 278 46.43 42.86 -17.44
CA HIS C 278 47.60 42.58 -16.63
C HIS C 278 48.39 43.87 -16.38
N GLN C 279 48.39 44.36 -15.15
CA GLN C 279 48.73 45.75 -14.82
C GLN C 279 50.05 45.87 -14.04
N ASP C 280 50.88 46.80 -14.47
CA ASP C 280 52.35 46.85 -14.25
C ASP C 280 52.81 47.48 -12.94
N SER C 281 51.89 48.01 -12.12
CA SER C 281 52.20 48.72 -10.85
C SER C 281 53.12 49.93 -11.01
N ALA C 282 53.02 50.65 -12.14
CA ALA C 282 53.95 51.71 -12.56
C ALA C 282 53.57 53.14 -12.15
N GLU C 286 49.02 53.56 -7.64
CA GLU C 286 48.28 52.35 -8.04
C GLU C 286 49.21 51.13 -8.07
N VAL C 287 49.18 50.33 -7.00
CA VAL C 287 50.18 49.28 -6.71
C VAL C 287 49.55 47.93 -6.40
N ASP C 288 50.27 46.83 -6.59
CA ASP C 288 49.66 45.50 -6.42
C ASP C 288 49.55 45.14 -4.93
N HIS C 289 49.10 43.93 -4.61
CA HIS C 289 49.15 43.45 -3.25
C HIS C 289 50.39 42.59 -2.96
N THR C 290 51.01 41.93 -3.94
CA THR C 290 52.13 41.05 -3.62
C THR C 290 53.31 41.81 -3.07
N LEU C 291 53.65 42.98 -3.60
CA LEU C 291 54.87 43.72 -3.23
C LEU C 291 54.60 45.16 -2.78
N LEU C 292 53.35 45.62 -2.79
CA LEU C 292 52.94 46.99 -2.45
C LEU C 292 53.75 48.04 -3.22
N GLY C 293 54.11 47.76 -4.48
CA GLY C 293 54.80 48.71 -5.36
C GLY C 293 56.29 48.93 -5.04
N GLN C 294 56.96 47.96 -4.42
CA GLN C 294 58.39 48.04 -4.07
C GLN C 294 59.30 48.39 -5.28
N CYS C 295 58.94 47.96 -6.49
CA CYS C 295 59.50 48.43 -7.75
C CYS C 295 58.44 48.38 -8.88
N THR C 296 58.52 49.30 -9.84
CA THR C 296 57.73 49.25 -11.08
C THR C 296 58.03 47.96 -11.86
N GLY C 297 57.00 47.28 -12.38
CA GLY C 297 57.15 46.02 -13.10
C GLY C 297 57.62 44.81 -12.27
N ALA C 298 57.79 44.93 -10.95
CA ALA C 298 58.06 43.79 -10.08
C ALA C 298 56.77 43.11 -9.58
N GLY C 299 55.75 43.90 -9.23
CA GLY C 299 54.44 43.43 -8.75
C GLY C 299 53.37 43.56 -9.82
N TYR C 300 52.61 42.51 -10.07
CA TYR C 300 51.57 42.47 -11.08
C TYR C 300 50.24 42.09 -10.49
N PHE C 301 49.17 42.58 -11.11
CA PHE C 301 47.79 42.35 -10.70
C PHE C 301 46.91 42.37 -11.93
N MET C 302 45.67 41.92 -11.78
CA MET C 302 44.67 42.11 -12.81
C MET C 302 43.82 43.31 -12.45
N GLN C 303 43.57 44.19 -13.41
CA GLN C 303 42.70 45.34 -13.25
C GLN C 303 41.60 45.33 -14.32
N PHE C 304 40.41 45.77 -13.95
CA PHE C 304 39.25 45.91 -14.81
C PHE C 304 38.65 47.31 -14.64
N SER C 305 38.87 48.19 -15.62
CA SER C 305 38.36 49.55 -15.59
C SER C 305 36.84 49.60 -15.74
N THR C 306 36.18 50.47 -15.01
CA THR C 306 34.72 50.66 -15.06
C THR C 306 34.32 52.11 -15.34
N SER C 307 35.27 52.97 -15.68
CA SER C 307 35.04 54.41 -15.90
C SER C 307 34.52 54.78 -17.29
N SER C 308 34.46 53.83 -18.24
CA SER C 308 34.08 54.05 -19.64
C SER C 308 33.28 52.88 -20.22
N GLY C 309 32.56 53.09 -21.32
CA GLY C 309 31.68 52.11 -21.96
C GLY C 309 30.23 52.14 -21.45
N SER C 310 29.46 51.10 -21.76
CA SER C 310 28.08 50.92 -21.27
C SER C 310 28.04 50.30 -19.87
N ALA C 311 26.97 50.57 -19.13
CA ALA C 311 26.61 49.75 -17.97
C ALA C 311 26.23 48.31 -18.43
N GLU C 312 26.41 47.33 -17.55
CA GLU C 312 26.28 45.89 -17.80
C GLU C 312 27.25 45.29 -18.85
N GLU C 313 28.38 45.94 -19.14
CA GLU C 313 29.54 45.31 -19.79
C GLU C 313 30.38 44.54 -18.79
N ALA C 314 31.05 43.46 -19.23
CA ALA C 314 31.75 42.52 -18.36
C ALA C 314 32.98 41.87 -19.00
N ALA C 315 33.87 41.33 -18.15
CA ALA C 315 35.00 40.50 -18.51
C ALA C 315 35.12 39.29 -17.60
N LEU C 316 35.40 38.10 -18.15
CA LEU C 316 35.73 36.88 -17.42
C LEU C 316 37.24 36.62 -17.38
N LEU C 317 37.76 36.32 -16.20
CA LEU C 317 39.07 35.71 -16.00
C LEU C 317 38.86 34.30 -15.46
N GLU C 318 39.32 33.28 -16.18
CA GLU C 318 39.13 31.87 -15.83
C GLU C 318 40.47 31.27 -15.39
N SER C 319 40.50 30.50 -14.31
CA SER C 319 41.68 29.72 -13.95
C SER C 319 42.02 28.64 -14.98
N ARG C 320 43.20 28.03 -14.83
CA ARG C 320 43.46 26.68 -15.34
C ARG C 320 42.43 25.66 -14.83
N ILE C 321 42.29 24.51 -15.49
CA ILE C 321 41.48 23.40 -14.97
C ILE C 321 42.19 22.76 -13.76
N LEU C 322 41.42 22.48 -12.71
CA LEU C 322 41.88 22.04 -11.39
C LEU C 322 41.24 20.71 -11.04
N TYR C 323 41.98 19.79 -10.45
CA TYR C 323 41.52 18.46 -10.07
C TYR C 323 41.51 18.34 -8.53
N PRO C 324 40.34 18.28 -7.87
CA PRO C 324 40.25 18.30 -6.42
C PRO C 324 40.49 16.91 -5.81
N LYS C 325 41.01 16.89 -4.57
CA LYS C 325 41.18 15.68 -3.73
C LYS C 325 40.24 15.67 -2.53
N ARG C 326 39.47 16.73 -2.29
CA ARG C 326 38.43 16.82 -1.25
C ARG C 326 37.14 17.43 -1.80
N LYS C 327 36.04 17.35 -1.06
CA LYS C 327 34.70 17.84 -1.46
C LYS C 327 34.44 19.33 -1.21
N GLN C 328 35.30 20.03 -0.47
CA GLN C 328 35.16 21.47 -0.16
C GLN C 328 36.48 22.21 -0.31
N GLN C 329 36.46 23.37 -0.96
CA GLN C 329 37.62 24.23 -1.13
C GLN C 329 37.35 25.65 -0.67
N CYS C 330 38.41 26.34 -0.31
CA CYS C 330 38.41 27.72 0.03
C CYS C 330 39.21 28.51 -0.98
N LEU C 331 38.60 29.51 -1.61
CA LEU C 331 39.27 30.47 -2.45
C LEU C 331 39.47 31.76 -1.64
N GLN C 332 40.71 32.16 -1.44
CA GLN C 332 41.13 33.36 -0.76
C GLN C 332 41.72 34.32 -1.80
N PHE C 333 41.32 35.57 -1.84
CA PHE C 333 41.91 36.56 -2.76
C PHE C 333 41.83 37.98 -2.22
N PHE C 334 42.68 38.86 -2.73
CA PHE C 334 42.68 40.28 -2.40
C PHE C 334 42.10 41.08 -3.54
N TYR C 335 41.26 42.05 -3.24
CA TYR C 335 40.63 42.88 -4.26
C TYR C 335 40.47 44.35 -3.84
N LYS C 336 40.27 45.26 -4.81
CA LYS C 336 39.80 46.64 -4.59
C LYS C 336 38.64 46.91 -5.51
N MET C 337 37.72 47.75 -5.09
CA MET C 337 36.62 48.25 -5.91
C MET C 337 36.53 49.75 -5.72
N THR C 338 37.11 50.50 -6.65
CA THR C 338 37.22 51.96 -6.59
C THR C 338 36.17 52.67 -7.45
N GLY C 339 35.32 51.92 -8.15
CA GLY C 339 34.37 52.43 -9.12
C GLY C 339 33.03 52.84 -8.53
N SER C 340 31.96 52.61 -9.27
CA SER C 340 30.59 52.87 -8.87
C SER C 340 30.12 51.89 -7.79
N PRO C 341 29.21 52.28 -6.89
CA PRO C 341 28.52 51.35 -6.00
C PRO C 341 27.77 50.23 -6.72
N SER C 342 27.48 50.37 -8.01
CA SER C 342 26.76 49.38 -8.83
C SER C 342 27.66 48.42 -9.61
N ASP C 343 28.99 48.55 -9.52
CA ASP C 343 29.90 47.54 -10.04
C ASP C 343 29.82 46.26 -9.19
N ARG C 344 30.00 45.11 -9.82
CA ARG C 344 29.90 43.83 -9.09
C ARG C 344 31.01 42.84 -9.46
N LEU C 345 31.90 42.50 -8.52
CA LEU C 345 32.84 41.41 -8.74
C LEU C 345 32.10 40.12 -8.36
N VAL C 346 31.89 39.23 -9.32
CA VAL C 346 31.18 37.98 -9.14
C VAL C 346 32.14 36.82 -9.32
N VAL C 347 32.11 35.86 -8.41
CA VAL C 347 32.92 34.65 -8.47
C VAL C 347 32.04 33.52 -8.97
N TRP C 348 32.56 32.76 -9.93
CA TRP C 348 31.87 31.71 -10.64
C TRP C 348 32.73 30.46 -10.63
N VAL C 349 32.11 29.30 -10.79
CA VAL C 349 32.78 28.05 -11.14
C VAL C 349 32.28 27.58 -12.49
N ARG C 350 33.20 27.16 -13.37
CA ARG C 350 32.90 26.42 -14.59
C ARG C 350 33.39 25.00 -14.38
N ARG C 351 32.48 24.04 -14.44
CA ARG C 351 32.87 22.65 -14.06
C ARG C 351 32.51 21.55 -15.06
N ASP C 352 33.19 20.40 -14.98
CA ASP C 352 32.91 19.21 -15.76
C ASP C 352 31.41 18.86 -15.73
N ASP C 353 30.81 18.76 -16.92
CA ASP C 353 29.39 18.45 -17.11
C ASP C 353 29.05 16.97 -16.92
N SER C 354 30.02 16.15 -16.50
CA SER C 354 30.03 14.69 -16.36
C SER C 354 30.36 13.89 -17.64
N THR C 355 30.56 14.54 -18.78
CA THR C 355 31.17 13.93 -19.97
C THR C 355 32.69 14.09 -19.99
N GLY C 356 33.24 14.93 -19.11
CA GLY C 356 34.62 15.38 -19.14
C GLY C 356 34.78 16.81 -19.68
N ASN C 357 33.75 17.36 -20.34
CA ASN C 357 33.79 18.73 -20.86
C ASN C 357 33.53 19.74 -19.74
N VAL C 358 34.51 20.60 -19.46
CA VAL C 358 34.36 21.61 -18.36
C VAL C 358 33.59 22.83 -18.89
N ARG C 359 32.26 22.73 -18.99
CA ARG C 359 31.46 23.84 -19.59
C ARG C 359 30.25 24.24 -18.72
N LYS C 360 30.18 23.85 -17.45
CA LYS C 360 28.95 24.12 -16.65
C LYS C 360 29.17 25.29 -15.67
N LEU C 361 28.44 26.40 -15.87
CA LEU C 361 28.55 27.55 -14.96
C LEU C 361 27.73 27.39 -13.68
N VAL C 362 28.29 27.86 -12.56
CA VAL C 362 27.64 28.02 -11.26
C VAL C 362 28.09 29.36 -10.66
N LYS C 363 27.19 30.28 -10.33
CA LYS C 363 27.55 31.51 -9.58
C LYS C 363 27.76 31.19 -8.10
N VAL C 364 28.83 31.68 -7.48
CA VAL C 364 29.14 31.37 -6.07
C VAL C 364 29.07 32.56 -5.11
N GLN C 365 29.50 33.77 -5.49
CA GLN C 365 29.43 34.92 -4.59
C GLN C 365 29.49 36.24 -5.36
N THR C 366 29.00 37.32 -4.77
CA THR C 366 29.05 38.68 -5.31
C THR C 366 29.65 39.65 -4.29
N PHE C 367 30.46 40.58 -4.75
CA PHE C 367 31.08 41.65 -3.99
C PHE C 367 30.73 43.00 -4.63
N GLN C 368 30.51 44.03 -3.82
CA GLN C 368 30.13 45.38 -4.25
C GLN C 368 30.84 46.43 -3.41
N GLY C 369 31.05 47.63 -3.96
CA GLY C 369 31.94 48.64 -3.40
C GLY C 369 31.32 49.56 -2.34
N ASP C 370 31.92 49.57 -1.14
CA ASP C 370 31.72 50.59 -0.10
C ASP C 370 32.64 51.81 -0.33
N ASP C 371 32.77 52.69 0.66
CA ASP C 371 33.67 53.86 0.62
C ASP C 371 35.16 53.55 0.95
N ASP C 372 35.48 52.36 1.45
CA ASP C 372 36.87 51.91 1.60
C ASP C 372 37.46 51.52 0.24
N HIS C 373 38.46 52.11 -0.26
CA HIS C 373 39.04 51.76 -1.58
C HIS C 373 40.40 51.08 -1.43
N ASN C 374 40.81 50.72 -0.19
CA ASN C 374 42.01 49.92 0.03
C ASN C 374 41.77 48.41 -0.21
N TRP C 375 42.83 47.61 -0.36
CA TRP C 375 42.76 46.16 -0.61
C TRP C 375 41.97 45.40 0.46
N LYS C 376 41.09 44.48 0.07
CA LYS C 376 40.22 43.72 0.95
C LYS C 376 40.43 42.25 0.73
N ILE C 377 40.46 41.45 1.79
CA ILE C 377 40.54 39.99 1.67
C ILE C 377 39.12 39.43 1.48
N ALA C 378 38.99 38.45 0.63
CA ALA C 378 37.75 37.76 0.32
C ALA C 378 37.96 36.27 0.47
N HIS C 379 37.01 35.59 1.09
CA HIS C 379 36.96 34.14 1.17
C HIS C 379 35.67 33.63 0.58
N VAL C 380 35.77 32.73 -0.39
CA VAL C 380 34.65 32.09 -1.07
C VAL C 380 34.74 30.59 -0.88
N VAL C 381 33.69 29.97 -0.35
CA VAL C 381 33.56 28.52 -0.28
C VAL C 381 33.15 27.97 -1.65
N LEU C 382 33.95 27.07 -2.18
CA LEU C 382 33.61 26.21 -3.31
C LEU C 382 33.28 24.81 -2.80
N LYS C 383 32.51 24.02 -3.55
CA LYS C 383 32.20 22.62 -3.23
C LYS C 383 32.36 21.74 -4.47
N GLU C 384 33.58 21.65 -4.98
CA GLU C 384 33.87 21.01 -6.25
C GLU C 384 34.47 19.62 -6.02
N GLU C 385 33.87 18.60 -6.63
CA GLU C 385 34.29 17.19 -6.53
C GLU C 385 34.74 16.58 -7.87
N GLN C 386 34.63 17.35 -8.96
CA GLN C 386 35.06 17.02 -10.32
C GLN C 386 35.81 18.22 -10.89
N LYS C 387 36.57 18.04 -11.96
CA LYS C 387 37.49 19.06 -12.46
C LYS C 387 36.80 20.37 -12.86
N PHE C 388 37.41 21.50 -12.56
CA PHE C 388 36.77 22.80 -12.63
C PHE C 388 37.74 23.93 -12.94
N ARG C 389 37.13 25.09 -13.19
CA ARG C 389 37.89 26.35 -13.35
C ARG C 389 37.15 27.40 -12.52
N TYR C 390 37.83 28.13 -11.62
CA TYR C 390 37.22 29.27 -10.93
C TYR C 390 37.37 30.52 -11.78
N LEU C 391 36.36 31.38 -11.71
CA LEU C 391 36.12 32.48 -12.63
C LEU C 391 35.86 33.75 -11.85
N PHE C 392 36.39 34.88 -12.31
CA PHE C 392 36.05 36.21 -11.83
C PHE C 392 35.38 37.00 -12.95
N GLN C 393 34.15 37.43 -12.74
CA GLN C 393 33.43 38.35 -13.61
C GLN C 393 33.47 39.74 -12.96
N GLY C 394 34.09 40.71 -13.62
CA GLY C 394 33.95 42.12 -13.27
C GLY C 394 32.88 42.74 -14.15
N THR C 395 31.91 43.43 -13.56
CA THR C 395 30.80 44.06 -14.29
C THR C 395 30.80 45.56 -14.06
N LYS C 396 30.78 46.34 -15.14
CA LYS C 396 30.59 47.79 -15.12
C LYS C 396 29.16 48.14 -14.75
N GLY C 397 28.97 49.06 -13.82
CA GLY C 397 27.68 49.66 -13.48
C GLY C 397 27.83 51.16 -13.34
N ASP C 398 26.96 51.94 -13.97
CA ASP C 398 27.03 53.41 -13.98
C ASP C 398 28.43 53.99 -14.29
N PRO C 399 29.05 53.73 -15.47
CA PRO C 399 30.37 54.25 -15.79
C PRO C 399 30.49 55.78 -15.70
N GLN C 400 29.40 56.51 -15.97
CA GLN C 400 29.30 57.96 -15.79
C GLN C 400 29.51 58.45 -14.34
N ASN C 401 29.43 57.57 -13.33
CA ASN C 401 29.72 57.83 -11.92
C ASN C 401 30.85 56.95 -11.36
N SER C 402 31.70 56.38 -12.22
CA SER C 402 32.87 55.61 -11.82
C SER C 402 34.14 56.31 -12.27
N THR C 403 35.03 56.62 -11.34
CA THR C 403 36.39 57.10 -11.64
C THR C 403 37.43 55.98 -11.55
N GLY C 404 36.99 54.72 -11.47
CA GLY C 404 37.83 53.60 -11.05
C GLY C 404 37.40 52.25 -11.59
N GLY C 405 37.66 51.19 -10.83
CA GLY C 405 37.51 49.83 -11.32
C GLY C 405 37.70 48.75 -10.26
N ILE C 406 37.87 47.52 -10.74
CA ILE C 406 38.03 46.30 -9.94
C ILE C 406 39.46 45.78 -10.08
N TYR C 407 40.07 45.37 -8.98
CA TYR C 407 41.47 44.94 -8.89
C TYR C 407 41.55 43.55 -8.26
N LEU C 408 42.46 42.70 -8.70
CA LEU C 408 42.71 41.36 -8.14
C LEU C 408 44.20 41.07 -7.97
N ASP C 409 44.57 40.50 -6.83
CA ASP C 409 45.91 39.98 -6.60
C ASP C 409 45.90 38.89 -5.54
N ASP C 410 47.00 38.15 -5.42
CA ASP C 410 47.29 37.22 -4.31
C ASP C 410 46.19 36.18 -4.05
N ILE C 411 45.80 35.47 -5.09
CA ILE C 411 44.81 34.42 -5.04
C ILE C 411 45.44 33.14 -4.46
N THR C 412 44.74 32.46 -3.56
CA THR C 412 45.11 31.15 -3.02
C THR C 412 43.88 30.25 -3.00
N LEU C 413 44.02 28.99 -3.36
CA LEU C 413 42.98 27.99 -3.34
C LEU C 413 43.46 26.77 -2.56
N THR C 414 42.77 26.43 -1.48
CA THR C 414 43.10 25.30 -0.61
C THR C 414 41.93 24.37 -0.45
N GLU C 415 42.21 23.10 -0.28
CA GLU C 415 41.23 22.07 0.04
C GLU C 415 41.05 21.99 1.56
N THR C 416 40.54 23.08 2.11
CA THR C 416 40.31 23.33 3.53
C THR C 416 39.02 24.13 3.70
N PRO C 417 38.42 24.18 4.90
CA PRO C 417 37.39 25.17 5.20
C PRO C 417 37.92 26.61 5.08
N CYS C 418 37.05 27.56 4.78
CA CYS C 418 37.34 28.99 4.92
C CYS C 418 37.09 29.43 6.37
N PRO C 419 37.78 30.47 6.87
CA PRO C 419 37.62 30.91 8.25
C PRO C 419 36.21 31.43 8.52
N THR C 420 35.65 31.08 9.66
CA THR C 420 34.24 31.40 10.02
C THR C 420 33.99 32.90 10.17
N GLY C 421 34.93 33.63 10.73
CA GLY C 421 34.93 35.08 10.85
C GLY C 421 36.28 35.65 10.48
N VAL C 422 36.29 36.76 9.75
CA VAL C 422 37.50 37.51 9.42
C VAL C 422 37.34 38.96 9.85
N TRP C 423 38.26 39.47 10.64
CA TRP C 423 38.32 40.86 11.05
C TRP C 423 39.60 41.50 10.52
N THR C 424 39.48 42.64 9.85
CA THR C 424 40.63 43.44 9.41
C THR C 424 40.67 44.75 10.18
N VAL C 425 41.79 45.06 10.81
CA VAL C 425 41.99 46.32 11.54
C VAL C 425 42.98 47.16 10.77
N ARG C 426 42.51 48.30 10.29
CA ARG C 426 43.36 49.12 9.42
C ARG C 426 44.29 50.02 10.22
N ASN C 427 45.27 50.60 9.54
CA ASN C 427 46.27 51.50 10.12
C ASN C 427 46.78 51.05 11.50
N PHE C 428 47.08 49.76 11.63
CA PHE C 428 47.33 49.13 12.91
C PHE C 428 48.54 49.74 13.62
N SER C 429 49.63 50.02 12.90
CA SER C 429 50.82 50.65 13.47
C SER C 429 50.59 52.07 14.00
N GLN C 430 49.52 52.75 13.59
CA GLN C 430 49.07 54.02 14.15
C GLN C 430 48.09 53.81 15.31
N VAL C 431 47.13 52.90 15.17
CA VAL C 431 46.21 52.46 16.24
C VAL C 431 46.97 52.03 17.49
N LEU C 432 48.09 51.32 17.31
CA LEU C 432 48.98 50.82 18.34
C LEU C 432 49.66 51.93 19.16
N GLU C 433 49.79 53.13 18.60
CA GLU C 433 50.30 54.32 19.30
C GLU C 433 49.17 55.18 19.87
N ASN C 434 48.07 55.31 19.15
CA ASN C 434 46.90 56.10 19.56
C ASN C 434 46.08 55.49 20.71
N THR C 435 46.25 54.20 21.01
CA THR C 435 45.43 53.45 21.98
C THR C 435 46.21 53.21 23.28
N SER C 436 45.67 53.62 24.44
CA SER C 436 46.30 53.43 25.75
C SER C 436 46.21 51.97 26.26
N LYS C 437 47.03 51.60 27.25
CA LYS C 437 47.00 50.25 27.86
C LYS C 437 45.61 49.93 28.39
N GLY C 438 45.09 48.76 28.05
CA GLY C 438 43.76 48.31 28.48
C GLY C 438 42.56 48.97 27.79
N ASP C 439 42.75 49.93 26.88
CA ASP C 439 41.69 50.29 25.93
C ASP C 439 41.49 49.17 24.88
N LYS C 440 40.26 49.02 24.37
CA LYS C 440 39.85 47.89 23.53
C LYS C 440 39.23 48.30 22.20
N LEU C 441 39.39 47.43 21.21
CA LEU C 441 38.65 47.38 19.96
C LEU C 441 37.77 46.12 19.98
N GLN C 442 36.56 46.17 19.41
CA GLN C 442 35.70 44.99 19.28
C GLN C 442 35.24 44.79 17.84
N SER C 443 35.26 43.53 17.43
CA SER C 443 34.91 43.05 16.11
C SER C 443 33.44 43.24 15.77
N PRO C 444 33.06 43.31 14.48
CA PRO C 444 31.70 42.97 14.08
C PRO C 444 31.30 41.59 14.60
N ARG C 445 30.00 41.39 14.83
CA ARG C 445 29.42 40.10 15.16
C ARG C 445 29.53 39.14 13.98
N PHE C 446 29.89 37.91 14.27
CA PHE C 446 30.02 36.78 13.35
C PHE C 446 29.05 35.69 13.74
N TYR C 447 28.54 34.95 12.77
CA TYR C 447 27.72 33.78 13.00
C TYR C 447 28.45 32.52 12.54
N ASN C 448 28.49 31.48 13.38
CA ASN C 448 28.99 30.17 12.98
C ASN C 448 27.94 29.33 12.25
N SER C 449 28.30 28.13 11.82
CA SER C 449 27.40 27.20 11.11
C SER C 449 26.17 26.79 11.94
N GLU C 450 26.33 26.67 13.26
CA GLU C 450 25.25 26.37 14.19
C GLU C 450 24.32 27.57 14.47
N GLY C 451 24.71 28.78 14.09
CA GLY C 451 23.98 30.01 14.30
C GLY C 451 24.35 30.81 15.55
N TYR C 452 25.37 30.43 16.31
CA TYR C 452 25.82 31.22 17.46
C TYR C 452 26.51 32.49 16.99
N GLY C 453 26.21 33.59 17.65
CA GLY C 453 26.90 34.84 17.46
C GLY C 453 28.17 34.88 18.27
N PHE C 454 29.26 35.34 17.69
CA PHE C 454 30.53 35.51 18.38
C PHE C 454 31.27 36.71 17.84
N GLY C 455 32.30 37.13 18.57
CA GLY C 455 33.21 38.17 18.18
C GLY C 455 34.50 38.08 18.97
N VAL C 456 35.41 38.98 18.67
CA VAL C 456 36.71 39.09 19.33
C VAL C 456 36.97 40.52 19.79
N THR C 457 37.56 40.64 20.96
CA THR C 457 38.09 41.85 21.55
C THR C 457 39.60 41.87 21.36
N LEU C 458 40.12 42.98 20.89
CA LEU C 458 41.54 43.21 20.70
C LEU C 458 41.98 44.36 21.60
N TYR C 459 42.98 44.13 22.43
CA TYR C 459 43.59 45.18 23.23
C TYR C 459 44.97 45.46 22.63
N PRO C 460 45.17 46.55 21.86
CA PRO C 460 46.41 46.80 21.13
C PRO C 460 47.63 46.90 22.04
N ASN C 461 47.48 47.47 23.24
CA ASN C 461 48.48 47.46 24.29
C ASN C 461 47.90 46.73 25.52
N SER C 462 48.41 45.53 25.84
CA SER C 462 47.97 44.75 27.00
C SER C 462 48.52 45.34 28.29
N ARG C 463 47.64 45.64 29.25
CA ARG C 463 48.02 46.06 30.61
C ARG C 463 48.61 44.91 31.40
N GLU C 464 48.20 43.69 31.07
CA GLU C 464 48.60 42.43 31.69
C GLU C 464 50.01 41.97 31.28
N SER C 465 50.51 42.41 30.13
CA SER C 465 51.86 42.12 29.63
C SER C 465 52.30 43.20 28.63
N SER C 466 53.13 44.14 29.06
CA SER C 466 53.60 45.25 28.21
C SER C 466 54.45 44.75 27.04
N GLY C 467 54.30 45.39 25.87
CA GLY C 467 54.92 44.95 24.62
C GLY C 467 54.26 43.71 23.99
N TYR C 468 53.04 43.38 24.42
CA TYR C 468 52.22 42.33 23.83
C TYR C 468 50.79 42.80 23.53
N LEU C 469 50.21 42.11 22.55
CA LEU C 469 48.82 42.15 22.16
C LEU C 469 48.01 41.16 23.01
N ARG C 470 46.71 41.47 23.21
CA ARG C 470 45.78 40.55 23.90
C ARG C 470 44.51 40.35 23.08
N LEU C 471 44.25 39.14 22.58
CA LEU C 471 43.06 38.73 21.86
C LEU C 471 42.19 37.88 22.78
N ALA C 472 40.92 38.21 22.83
CA ALA C 472 39.94 37.47 23.60
C ALA C 472 38.64 37.29 22.80
N PHE C 473 38.14 36.08 22.76
CA PHE C 473 36.87 35.71 22.18
C PHE C 473 35.72 36.05 23.12
N HIS C 474 34.56 36.42 22.58
CA HIS C 474 33.30 36.51 23.31
C HIS C 474 32.14 35.98 22.46
N VAL C 475 31.04 35.61 23.11
CA VAL C 475 29.79 35.25 22.47
C VAL C 475 28.89 36.47 22.38
N CYS C 476 28.36 36.76 21.21
CA CYS C 476 27.42 37.82 20.93
C CYS C 476 25.99 37.30 20.93
N SER C 477 25.04 38.05 21.45
CA SER C 477 23.63 37.76 21.20
C SER C 477 23.34 37.87 19.71
N GLY C 478 22.51 36.99 19.20
CA GLY C 478 22.14 36.91 17.80
C GLY C 478 20.71 36.44 17.60
N GLU C 479 20.26 36.44 16.35
CA GLU C 479 18.86 36.24 15.99
C GLU C 479 18.34 34.81 16.23
N ASN C 480 19.25 33.87 16.47
CA ASN C 480 18.99 32.45 16.69
C ASN C 480 18.95 32.05 18.17
N ASP C 481 19.40 32.90 19.10
CA ASP C 481 19.72 32.52 20.48
C ASP C 481 18.63 31.74 21.20
N ALA C 482 17.38 32.10 20.92
CA ALA C 482 16.18 31.52 21.48
C ALA C 482 16.04 30.01 21.26
N ILE C 483 16.82 29.38 20.37
CA ILE C 483 16.76 27.93 20.13
C ILE C 483 18.10 27.20 20.31
N LEU C 484 19.20 27.91 20.52
CA LEU C 484 20.53 27.32 20.67
C LEU C 484 20.75 26.82 22.11
N GLU C 485 21.55 25.78 22.34
CA GLU C 485 21.80 25.29 23.69
C GLU C 485 22.74 26.21 24.47
N TRP C 486 22.48 26.38 25.77
CA TRP C 486 23.25 27.24 26.66
C TRP C 486 23.59 26.52 27.98
N PRO C 487 24.81 26.68 28.52
CA PRO C 487 25.93 27.41 27.95
C PRO C 487 26.48 26.74 26.70
N VAL C 488 27.05 27.52 25.79
CA VAL C 488 27.77 26.99 24.64
C VAL C 488 29.12 26.44 25.11
N GLU C 489 29.28 25.14 25.07
CA GLU C 489 30.46 24.41 25.51
C GLU C 489 30.83 23.34 24.49
N ASN C 490 32.05 22.82 24.58
CA ASN C 490 32.64 21.89 23.61
C ASN C 490 32.79 22.48 22.21
N ARG C 491 32.89 23.80 22.18
CA ARG C 491 33.12 24.51 20.91
C ARG C 491 34.55 25.03 20.94
N GLN C 492 35.36 24.60 20.00
CA GLN C 492 36.74 25.00 19.89
C GLN C 492 36.85 26.34 19.18
N VAL C 493 37.57 27.26 19.78
CA VAL C 493 37.89 28.57 19.24
C VAL C 493 39.31 28.50 18.74
N ILE C 494 39.52 28.69 17.45
CA ILE C 494 40.84 28.86 16.86
C ILE C 494 40.92 30.30 16.41
N ILE C 495 41.80 31.09 17.02
CA ILE C 495 42.10 32.45 16.58
C ILE C 495 43.43 32.39 15.86
N THR C 496 43.53 32.98 14.69
CA THR C 496 44.72 32.96 13.85
C THR C 496 45.00 34.34 13.31
N ILE C 497 46.24 34.81 13.36
CA ILE C 497 46.68 36.05 12.71
C ILE C 497 47.45 35.66 11.47
N LEU C 498 46.89 36.00 10.30
CA LEU C 498 47.44 35.48 9.01
C LEU C 498 48.79 36.08 8.57
N ASP C 499 49.64 35.25 7.98
CA ASP C 499 50.89 35.76 7.36
C ASP C 499 50.45 36.05 5.93
N GLN C 500 50.56 37.30 5.46
CA GLN C 500 49.98 37.67 4.14
C GLN C 500 50.69 37.00 2.96
N GLU C 501 51.68 36.13 3.20
CA GLU C 501 52.31 35.33 2.11
C GLU C 501 51.24 34.71 1.19
N PRO C 502 51.18 34.98 -0.14
CA PRO C 502 50.21 34.34 -1.04
C PRO C 502 50.43 32.83 -1.23
N ASP C 503 51.63 32.34 -0.91
CA ASP C 503 51.99 30.91 -0.93
C ASP C 503 51.94 30.34 0.49
N VAL C 504 51.13 29.32 0.71
CA VAL C 504 50.92 28.71 2.02
C VAL C 504 52.15 27.99 2.57
N ARG C 505 53.07 27.49 1.73
CA ARG C 505 54.35 26.94 2.18
C ARG C 505 55.27 27.99 2.79
N ASN C 506 55.06 29.27 2.51
CA ASN C 506 55.83 30.36 3.11
C ASN C 506 55.22 30.91 4.41
N ARG C 507 53.95 30.60 4.67
CA ARG C 507 53.26 31.23 5.83
C ARG C 507 53.61 30.66 7.20
N MET C 508 53.78 31.52 8.20
CA MET C 508 53.97 31.13 9.59
C MET C 508 52.95 31.82 10.48
N SER C 509 51.68 31.58 10.22
CA SER C 509 50.59 32.25 10.94
C SER C 509 50.59 31.92 12.43
N SER C 510 50.48 32.94 13.27
CA SER C 510 50.21 32.77 14.70
C SER C 510 48.81 32.22 14.90
N SER C 511 48.64 31.26 15.78
CA SER C 511 47.37 30.64 16.10
C SER C 511 47.34 30.23 17.56
N MET C 512 46.18 30.32 18.19
CA MET C 512 45.91 29.88 19.56
C MET C 512 44.57 29.18 19.57
N VAL C 513 44.44 28.20 20.44
CA VAL C 513 43.30 27.28 20.50
C VAL C 513 42.85 27.13 21.93
N PHE C 514 41.55 27.18 22.17
CA PHE C 514 40.92 26.74 23.41
C PHE C 514 39.56 26.12 23.11
N THR C 515 38.97 25.42 24.06
CA THR C 515 37.61 24.88 23.97
C THR C 515 36.74 25.39 25.09
N THR C 516 35.58 25.95 24.76
CA THR C 516 34.59 26.45 25.72
C THR C 516 34.17 25.36 26.70
N SER C 517 34.22 25.66 27.99
CA SER C 517 34.02 24.71 29.08
C SER C 517 33.09 25.26 30.13
N LYS C 518 32.31 24.40 30.80
CA LYS C 518 31.52 24.76 31.98
C LYS C 518 32.38 25.24 33.16
N SER C 519 33.68 24.91 33.17
CA SER C 519 34.63 25.45 34.15
C SER C 519 34.98 26.93 33.97
N HIS C 520 34.70 27.54 32.82
CA HIS C 520 34.96 28.96 32.58
C HIS C 520 33.89 29.83 33.23
N THR C 521 34.24 30.47 34.34
CA THR C 521 33.31 31.18 35.23
C THR C 521 33.94 32.49 35.72
N SER C 522 33.14 33.50 36.07
CA SER C 522 33.65 34.79 36.55
C SER C 522 32.88 35.33 37.75
N PRO C 523 33.55 35.93 38.76
CA PRO C 523 32.90 36.68 39.84
C PRO C 523 32.01 37.83 39.36
N ALA C 524 32.31 38.45 38.22
CA ALA C 524 31.51 39.54 37.66
C ALA C 524 30.07 39.13 37.32
N ILE C 525 29.85 37.84 37.07
CA ILE C 525 28.54 37.23 36.79
C ILE C 525 28.17 36.23 37.88
N ASN C 526 28.56 36.50 39.13
CA ASN C 526 28.21 35.74 40.32
C ASN C 526 28.57 34.25 40.23
N ASP C 527 29.75 33.94 39.69
CA ASP C 527 30.24 32.58 39.47
C ASP C 527 29.33 31.72 38.57
N THR C 528 28.60 32.35 37.64
CA THR C 528 27.93 31.64 36.54
C THR C 528 28.86 31.47 35.33
N VAL C 529 28.54 30.52 34.45
CA VAL C 529 29.35 30.19 33.27
C VAL C 529 29.44 31.36 32.31
N ILE C 530 30.64 31.72 31.87
CA ILE C 530 30.91 32.81 30.94
C ILE C 530 30.13 32.64 29.63
N TRP C 531 29.98 31.40 29.18
CA TRP C 531 29.36 30.98 27.92
C TRP C 531 27.86 30.73 28.00
N ASP C 532 27.19 31.14 29.07
CA ASP C 532 25.74 31.15 29.13
C ASP C 532 25.14 32.26 28.25
N ARG C 533 23.82 32.32 28.11
CA ARG C 533 23.14 33.18 27.14
C ARG C 533 23.46 34.67 27.31
N PRO C 534 23.96 35.38 26.28
CA PRO C 534 24.51 36.72 26.47
C PRO C 534 23.55 37.77 27.02
N SER C 535 22.25 37.65 26.81
CA SER C 535 21.27 38.60 27.35
C SER C 535 21.18 38.59 28.89
N ARG C 536 21.69 37.56 29.57
CA ARG C 536 21.71 37.46 31.04
C ARG C 536 23.09 37.24 31.68
N VAL C 537 24.15 37.06 30.89
CA VAL C 537 25.56 37.05 31.35
C VAL C 537 26.48 37.98 30.55
N GLY C 538 25.92 38.98 29.87
CA GLY C 538 26.64 39.95 29.04
C GLY C 538 26.01 41.34 29.08
N THR C 539 26.69 42.31 28.49
CA THR C 539 26.37 43.75 28.55
C THR C 539 26.15 44.34 27.17
N TYR C 540 25.29 45.35 27.10
CA TYR C 540 24.77 45.87 25.85
C TYR C 540 25.74 46.84 25.16
N HIS C 541 25.87 46.72 23.84
CA HIS C 541 26.73 47.55 23.01
C HIS C 541 25.94 48.14 21.83
N THR C 542 26.02 49.46 21.69
CA THR C 542 25.33 50.19 20.60
C THR C 542 25.97 49.96 19.23
N ASP C 543 27.25 49.59 19.17
CA ASP C 543 27.98 49.33 17.93
C ASP C 543 27.41 48.19 17.07
N CYS C 544 26.69 47.22 17.68
CA CYS C 544 26.05 46.10 16.99
C CYS C 544 24.66 45.74 17.51
N ASN C 545 24.12 46.50 18.48
CA ASN C 545 22.91 46.19 19.22
C ASN C 545 22.95 44.82 19.93
N CYS C 546 24.14 44.32 20.24
CA CYS C 546 24.36 43.03 20.88
C CYS C 546 24.46 43.14 22.40
N PHE C 547 24.29 42.01 23.05
CA PHE C 547 24.91 41.72 24.32
C PHE C 547 26.15 40.89 24.03
N ARG C 548 27.30 41.28 24.59
CA ARG C 548 28.55 40.50 24.41
C ARG C 548 28.98 39.90 25.75
N SER C 549 29.31 38.61 25.79
CA SER C 549 29.79 37.92 27.00
C SER C 549 31.07 38.55 27.56
N ILE C 550 31.44 38.16 28.79
CA ILE C 550 32.82 38.29 29.26
C ILE C 550 33.76 37.61 28.23
N ASP C 551 34.93 38.19 28.00
CA ASP C 551 35.84 37.78 26.93
C ASP C 551 37.03 36.98 27.47
N LEU C 552 37.36 35.87 26.81
CA LEU C 552 38.37 34.91 27.22
C LEU C 552 39.37 34.66 26.10
N GLY C 553 40.64 34.60 26.46
CA GLY C 553 41.74 34.39 25.54
C GLY C 553 43.04 34.74 26.22
N TRP C 554 43.96 35.32 25.48
CA TRP C 554 45.37 35.34 25.86
C TRP C 554 45.93 36.75 25.92
N SER C 555 46.30 37.20 27.10
CA SER C 555 47.30 38.25 27.27
C SER C 555 48.66 37.69 26.91
N GLY C 556 49.41 38.36 26.05
CA GLY C 556 50.64 37.76 25.51
C GLY C 556 50.40 36.86 24.30
N PHE C 557 49.37 37.12 23.49
CA PHE C 557 49.08 36.36 22.26
C PHE C 557 50.22 36.50 21.25
N ILE C 558 50.63 37.73 20.94
CA ILE C 558 51.77 38.04 20.07
C ILE C 558 52.45 39.35 20.51
N SER C 559 53.76 39.45 20.37
CA SER C 559 54.49 40.69 20.69
C SER C 559 54.51 41.69 19.55
N HIS C 560 54.54 42.97 19.90
CA HIS C 560 54.88 44.10 19.04
C HIS C 560 56.21 43.93 18.26
N GLN C 561 57.18 43.19 18.78
CA GLN C 561 58.43 42.89 18.06
C GLN C 561 58.30 41.70 17.09
N MET C 562 57.29 40.87 17.25
CA MET C 562 56.96 39.77 16.33
C MET C 562 56.04 40.26 15.22
N LEU C 563 55.08 41.12 15.56
CA LEU C 563 54.05 41.59 14.65
C LEU C 563 54.58 42.50 13.54
N LYS C 564 55.73 43.14 13.78
CA LYS C 564 56.36 44.00 12.74
C LYS C 564 57.24 43.14 11.84
N ARG C 565 57.03 41.82 11.86
CA ARG C 565 57.85 40.87 11.05
C ARG C 565 56.91 39.89 10.36
N ARG C 566 57.43 39.01 9.51
CA ARG C 566 56.62 37.93 8.89
C ARG C 566 55.33 38.49 8.28
N SER C 567 55.34 39.72 7.77
CA SER C 567 54.16 40.25 7.01
C SER C 567 52.83 40.04 7.77
N PHE C 568 52.81 40.27 9.08
CA PHE C 568 51.52 40.19 9.82
C PHE C 568 50.81 41.54 9.65
N LEU C 569 51.51 42.51 9.04
CA LEU C 569 50.97 43.86 8.89
C LEU C 569 51.22 44.42 7.48
N LYS C 570 50.98 43.62 6.43
CA LYS C 570 51.57 43.83 5.10
C LYS C 570 51.24 45.18 4.43
N ASN C 571 50.04 45.69 4.60
CA ASN C 571 49.61 46.99 4.09
C ASN C 571 49.24 47.94 5.26
N ASP C 572 50.04 47.90 6.32
CA ASP C 572 49.81 48.55 7.62
C ASP C 572 48.51 48.12 8.33
N ASP C 573 47.97 46.96 7.99
CA ASP C 573 46.70 46.44 8.50
C ASP C 573 46.80 45.00 8.99
N LEU C 574 46.02 44.68 10.02
CA LEU C 574 46.05 43.40 10.72
C LEU C 574 44.84 42.57 10.30
N ILE C 575 45.02 41.31 9.92
CA ILE C 575 43.93 40.39 9.55
C ILE C 575 43.90 39.22 10.52
N ILE C 576 42.75 39.01 11.16
CA ILE C 576 42.51 37.98 12.16
C ILE C 576 41.42 37.04 11.64
N PHE C 577 41.65 35.74 11.71
CA PHE C 577 40.73 34.67 11.40
C PHE C 577 40.23 34.03 12.68
N VAL C 578 38.94 33.75 12.78
CA VAL C 578 38.34 33.06 13.91
C VAL C 578 37.45 31.93 13.44
N ASP C 579 37.65 30.75 13.98
CA ASP C 579 36.79 29.58 13.83
C ASP C 579 36.19 29.19 15.17
N PHE C 580 34.87 29.06 15.25
CA PHE C 580 34.13 28.64 16.43
C PHE C 580 33.26 27.46 16.05
N GLU C 581 33.71 26.26 16.35
CA GLU C 581 33.13 25.02 15.83
C GLU C 581 32.98 23.96 16.91
N ASP C 582 31.89 23.21 16.86
CA ASP C 582 31.65 22.12 17.80
C ASP C 582 32.62 20.96 17.58
N ILE C 583 33.26 20.49 18.65
CA ILE C 583 34.14 19.31 18.65
C ILE C 583 33.63 18.20 19.56
N THR C 584 32.37 18.25 20.00
CA THR C 584 31.77 17.22 20.85
C THR C 584 31.90 15.82 20.25
N HIS C 585 31.88 15.68 18.92
CA HIS C 585 32.03 14.40 18.23
C HIS C 585 33.42 13.77 18.35
N LEU C 586 34.41 14.44 18.92
CA LEU C 586 35.69 13.84 19.27
C LEU C 586 35.66 13.10 20.62
N SER C 587 34.61 13.27 21.43
CA SER C 587 34.43 12.57 22.73
C SER C 587 34.16 11.07 22.58
N ASN D 53 -29.05 -62.01 -25.26
CA ASN D 53 -28.85 -61.09 -26.43
C ASN D 53 -27.46 -60.41 -26.40
N GLY D 54 -26.47 -60.91 -25.67
CA GLY D 54 -25.15 -60.28 -25.58
C GLY D 54 -24.16 -60.88 -26.57
N LEU D 55 -23.34 -60.04 -27.19
CA LEU D 55 -22.23 -60.44 -28.06
C LEU D 55 -21.25 -61.33 -27.29
N ARG D 56 -20.98 -62.56 -27.76
CA ARG D 56 -20.25 -63.58 -26.98
C ARG D 56 -18.82 -63.17 -26.65
N ASP D 57 -18.08 -62.67 -27.63
CA ASP D 57 -16.62 -62.52 -27.55
C ASP D 57 -16.20 -61.51 -26.46
N PRO D 58 -15.50 -61.93 -25.40
CA PRO D 58 -15.09 -61.05 -24.30
C PRO D 58 -14.12 -59.94 -24.73
N ASN D 59 -13.48 -60.04 -25.90
CA ASN D 59 -12.68 -58.93 -26.41
C ASN D 59 -13.54 -57.68 -26.69
N THR D 60 -14.81 -57.86 -27.09
CA THR D 60 -15.71 -56.76 -27.51
C THR D 60 -16.23 -55.87 -26.37
N ARG D 61 -15.76 -56.13 -25.14
CA ARG D 61 -16.28 -55.38 -23.97
C ARG D 61 -15.41 -54.16 -23.63
N TRP D 62 -16.05 -53.02 -23.34
CA TRP D 62 -15.36 -51.82 -22.87
C TRP D 62 -14.64 -52.05 -21.55
N THR D 63 -13.68 -51.19 -21.25
CA THR D 63 -13.15 -50.95 -19.90
C THR D 63 -13.54 -49.54 -19.48
N PHE D 64 -14.18 -49.38 -18.31
CA PHE D 64 -14.79 -48.13 -17.90
C PHE D 64 -13.78 -47.12 -17.33
N PRO D 65 -14.08 -45.80 -17.40
CA PRO D 65 -15.23 -45.20 -18.05
C PRO D 65 -15.14 -45.24 -19.58
N ILE D 66 -16.27 -45.38 -20.26
CA ILE D 66 -16.36 -45.26 -21.72
C ILE D 66 -16.01 -43.82 -22.11
N PRO D 67 -14.97 -43.56 -22.91
CA PRO D 67 -14.69 -42.20 -23.34
C PRO D 67 -15.64 -41.79 -24.47
N TYR D 68 -16.14 -40.56 -24.43
CA TYR D 68 -17.17 -40.07 -25.34
C TYR D 68 -16.84 -38.69 -25.91
N ILE D 69 -17.39 -38.44 -27.09
CA ILE D 69 -17.44 -37.14 -27.77
C ILE D 69 -18.90 -36.88 -28.14
N LEU D 70 -19.44 -35.70 -27.82
CA LEU D 70 -20.71 -35.22 -28.37
C LEU D 70 -20.39 -34.27 -29.52
N ALA D 71 -20.72 -34.66 -30.75
CA ALA D 71 -20.44 -33.85 -31.92
C ALA D 71 -21.29 -32.57 -31.94
N ASP D 72 -20.76 -31.48 -32.49
CA ASP D 72 -21.46 -30.20 -32.57
C ASP D 72 -22.55 -30.13 -33.63
N ASN D 73 -22.74 -31.18 -34.44
CA ASN D 73 -23.93 -31.35 -35.26
C ASN D 73 -25.17 -31.80 -34.44
N LEU D 74 -25.02 -32.25 -33.20
CA LEU D 74 -26.13 -32.41 -32.25
C LEU D 74 -26.63 -31.02 -31.84
N GLY D 75 -27.94 -30.83 -31.76
CA GLY D 75 -28.48 -29.66 -31.08
C GLY D 75 -28.25 -29.70 -29.57
N LEU D 76 -28.43 -28.57 -28.89
CA LEU D 76 -28.41 -28.50 -27.42
C LEU D 76 -29.35 -29.52 -26.77
N ASN D 77 -30.55 -29.75 -27.31
CA ASN D 77 -31.48 -30.68 -26.72
C ASN D 77 -30.97 -32.14 -26.71
N ALA D 78 -30.44 -32.62 -27.83
CA ALA D 78 -29.83 -33.94 -27.93
C ALA D 78 -28.61 -34.08 -27.03
N LYS D 79 -27.72 -33.08 -26.96
CA LYS D 79 -26.65 -33.03 -25.97
C LYS D 79 -27.15 -33.24 -24.54
N GLY D 80 -28.16 -32.46 -24.12
CA GLY D 80 -28.71 -32.54 -22.78
C GLY D 80 -29.40 -33.87 -22.49
N ALA D 81 -30.12 -34.44 -23.46
CA ALA D 81 -30.72 -35.76 -23.35
C ALA D 81 -29.69 -36.89 -23.22
N ILE D 82 -28.55 -36.81 -23.92
CA ILE D 82 -27.48 -37.80 -23.79
C ILE D 82 -26.84 -37.72 -22.41
N LEU D 83 -26.50 -36.52 -21.93
CA LEU D 83 -25.95 -36.36 -20.58
C LEU D 83 -26.91 -36.84 -19.49
N TYR D 84 -28.21 -36.61 -19.65
CA TYR D 84 -29.24 -37.20 -18.81
C TYR D 84 -29.26 -38.73 -18.88
N ALA D 85 -29.12 -39.35 -20.05
CA ALA D 85 -29.02 -40.79 -20.17
C ALA D 85 -27.78 -41.38 -19.48
N PHE D 86 -26.63 -40.70 -19.51
CA PHE D 86 -25.46 -41.13 -18.75
C PHE D 86 -25.73 -41.18 -17.24
N GLU D 87 -26.47 -40.22 -16.71
CA GLU D 87 -26.85 -40.23 -15.31
C GLU D 87 -27.75 -41.41 -14.95
N MET D 88 -28.61 -41.88 -15.85
CA MET D 88 -29.40 -43.09 -15.62
C MET D 88 -28.56 -44.38 -15.56
N PHE D 89 -27.53 -44.51 -16.39
CA PHE D 89 -26.55 -45.59 -16.24
C PHE D 89 -25.82 -45.52 -14.90
N ARG D 90 -25.37 -44.33 -14.47
CA ARG D 90 -24.69 -44.15 -13.16
C ARG D 90 -25.66 -44.36 -11.98
N LEU D 91 -26.96 -44.22 -12.18
CA LEU D 91 -27.99 -44.43 -11.18
C LEU D 91 -28.41 -45.89 -11.00
N LYS D 92 -28.15 -46.76 -11.98
CA LYS D 92 -28.65 -48.15 -11.98
C LYS D 92 -27.62 -49.22 -12.34
N SER D 93 -26.35 -48.88 -12.49
CA SER D 93 -25.29 -49.75 -12.98
C SER D 93 -23.91 -49.20 -12.59
N CYS D 94 -22.87 -50.01 -12.78
CA CYS D 94 -21.49 -49.57 -12.68
C CYS D 94 -20.92 -48.98 -13.99
N VAL D 95 -21.71 -48.85 -15.06
CA VAL D 95 -21.29 -48.18 -16.30
C VAL D 95 -21.03 -46.70 -16.02
N ASP D 96 -19.90 -46.19 -16.49
CA ASP D 96 -19.56 -44.78 -16.40
C ASP D 96 -19.00 -44.29 -17.74
N PHE D 97 -19.05 -42.98 -17.95
CA PHE D 97 -18.61 -42.28 -19.14
C PHE D 97 -17.66 -41.16 -18.75
N LYS D 98 -16.66 -40.87 -19.57
CA LYS D 98 -15.71 -39.76 -19.38
C LYS D 98 -15.55 -38.98 -20.68
N PRO D 99 -15.25 -37.68 -20.67
CA PRO D 99 -14.87 -36.99 -21.89
C PRO D 99 -13.63 -37.62 -22.52
N TYR D 100 -13.53 -37.58 -23.84
CA TYR D 100 -12.41 -38.09 -24.61
C TYR D 100 -11.10 -37.34 -24.31
N GLU D 101 -10.02 -38.08 -24.08
CA GLU D 101 -8.69 -37.58 -23.71
C GLU D 101 -7.58 -38.33 -24.47
N GLY D 102 -7.83 -38.69 -25.72
CA GLY D 102 -6.85 -39.31 -26.61
C GLY D 102 -6.83 -40.83 -26.63
N GLU D 103 -7.87 -41.50 -26.15
CA GLU D 103 -7.98 -42.97 -26.19
C GLU D 103 -8.06 -43.54 -27.62
N SER D 104 -7.72 -44.82 -27.79
CA SER D 104 -7.89 -45.54 -29.06
C SER D 104 -9.35 -45.91 -29.35
N SER D 105 -10.13 -46.13 -28.30
CA SER D 105 -11.49 -46.66 -28.30
C SER D 105 -12.41 -45.65 -27.65
N TYR D 106 -13.49 -45.23 -28.30
CA TYR D 106 -14.42 -44.18 -27.82
C TYR D 106 -15.75 -44.23 -28.59
N ILE D 107 -16.78 -43.57 -28.07
CA ILE D 107 -18.04 -43.33 -28.76
C ILE D 107 -18.09 -41.86 -29.20
N ILE D 108 -18.42 -41.59 -30.45
CA ILE D 108 -18.85 -40.25 -30.89
C ILE D 108 -20.34 -40.27 -31.19
N PHE D 109 -21.09 -39.34 -30.59
CA PHE D 109 -22.53 -39.19 -30.78
C PHE D 109 -22.76 -38.11 -31.80
N GLN D 110 -23.53 -38.40 -32.84
CA GLN D 110 -23.75 -37.52 -33.99
C GLN D 110 -25.23 -37.47 -34.38
N GLN D 111 -25.64 -36.42 -35.06
CA GLN D 111 -26.95 -36.29 -35.67
C GLN D 111 -26.89 -36.69 -37.15
N PHE D 112 -27.01 -37.98 -37.43
CA PHE D 112 -27.14 -38.50 -38.79
C PHE D 112 -28.60 -38.84 -39.11
N ASP D 113 -28.87 -39.33 -40.30
CA ASP D 113 -30.19 -39.88 -40.65
C ASP D 113 -30.50 -41.08 -39.74
N GLY D 114 -31.66 -41.06 -39.09
CA GLY D 114 -32.12 -42.14 -38.22
C GLY D 114 -31.30 -42.29 -36.93
N CYS D 115 -31.50 -43.41 -36.26
CA CYS D 115 -31.02 -43.64 -34.91
C CYS D 115 -30.50 -45.07 -34.79
N TRP D 116 -29.20 -45.23 -34.62
CA TRP D 116 -28.50 -46.49 -34.81
C TRP D 116 -27.11 -46.49 -34.15
N SER D 117 -26.56 -47.68 -33.93
CA SER D 117 -25.27 -47.91 -33.29
C SER D 117 -24.62 -49.21 -33.77
N GLU D 118 -23.30 -49.27 -33.76
CA GLU D 118 -22.52 -50.52 -33.85
C GLU D 118 -22.64 -51.32 -32.54
N VAL D 119 -22.41 -52.64 -32.58
CA VAL D 119 -22.60 -53.51 -31.40
C VAL D 119 -21.26 -53.88 -30.76
N GLY D 120 -21.10 -53.55 -29.48
CA GLY D 120 -19.85 -53.73 -28.74
C GLY D 120 -18.79 -52.70 -29.05
N ASP D 121 -17.66 -52.77 -28.35
CA ASP D 121 -16.48 -51.94 -28.58
C ASP D 121 -15.77 -52.34 -29.88
N GLN D 122 -15.65 -51.43 -30.84
CA GLN D 122 -14.97 -51.66 -32.11
C GLN D 122 -13.44 -51.43 -32.04
N HIS D 123 -12.90 -50.99 -30.89
CA HIS D 123 -11.48 -50.76 -30.59
C HIS D 123 -10.75 -49.67 -31.39
N VAL D 124 -11.46 -48.90 -32.22
CA VAL D 124 -10.88 -47.85 -33.07
C VAL D 124 -11.61 -46.50 -32.99
N GLY D 125 -12.63 -46.40 -32.13
CA GLY D 125 -13.69 -45.39 -32.22
C GLY D 125 -14.91 -45.93 -32.96
N GLN D 126 -16.10 -45.44 -32.64
CA GLN D 126 -17.35 -45.80 -33.32
C GLN D 126 -18.38 -44.69 -33.21
N ASN D 127 -19.36 -44.67 -34.11
CA ASN D 127 -20.47 -43.71 -34.11
C ASN D 127 -21.71 -44.27 -33.37
N ILE D 128 -22.54 -43.37 -32.83
CA ILE D 128 -23.96 -43.55 -32.51
C ILE D 128 -24.73 -42.40 -33.17
N SER D 129 -25.82 -42.67 -33.86
CA SER D 129 -26.70 -41.62 -34.37
C SER D 129 -27.89 -41.38 -33.45
N ILE D 130 -28.10 -40.12 -33.08
CA ILE D 130 -29.29 -39.62 -32.41
C ILE D 130 -29.94 -38.59 -33.34
N GLY D 131 -30.78 -39.08 -34.27
CA GLY D 131 -31.48 -38.27 -35.27
C GLY D 131 -32.65 -37.45 -34.71
N GLN D 132 -33.33 -36.70 -35.59
CA GLN D 132 -34.50 -35.91 -35.21
C GLN D 132 -35.62 -36.80 -34.65
N GLY D 133 -36.15 -36.45 -33.49
CA GLY D 133 -37.14 -37.26 -32.77
C GLY D 133 -36.55 -38.38 -31.90
N CYS D 134 -35.22 -38.49 -31.85
CA CYS D 134 -34.60 -39.51 -30.98
C CYS D 134 -33.87 -38.82 -29.82
N ALA D 135 -34.17 -37.54 -29.57
CA ALA D 135 -33.56 -36.86 -28.41
C ALA D 135 -34.40 -37.24 -27.18
N TYR D 136 -34.48 -38.54 -26.86
CA TYR D 136 -35.24 -39.02 -25.68
C TYR D 136 -34.43 -40.08 -24.94
N LYS D 137 -34.37 -40.00 -23.62
CA LYS D 137 -33.57 -40.90 -22.76
C LYS D 137 -33.66 -42.36 -23.23
N ALA D 138 -34.87 -42.95 -23.22
CA ALA D 138 -35.06 -44.35 -23.59
C ALA D 138 -34.39 -44.74 -24.92
N ILE D 139 -34.38 -43.82 -25.89
CA ILE D 139 -33.79 -44.06 -27.19
C ILE D 139 -32.26 -43.96 -27.10
N ILE D 140 -31.71 -42.98 -26.37
CA ILE D 140 -30.26 -42.93 -26.16
C ILE D 140 -29.77 -44.19 -25.44
N GLU D 141 -30.48 -44.62 -24.39
CA GLU D 141 -30.17 -45.82 -23.64
C GLU D 141 -30.15 -47.09 -24.50
N HIS D 142 -31.14 -47.27 -25.37
CA HIS D 142 -31.14 -48.33 -26.39
C HIS D 142 -29.89 -48.31 -27.27
N GLU D 143 -29.44 -47.15 -27.74
CA GLU D 143 -28.23 -47.09 -28.56
C GLU D 143 -26.96 -47.39 -27.78
N ILE D 144 -26.85 -46.87 -26.55
CA ILE D 144 -25.69 -47.17 -25.72
C ILE D 144 -25.65 -48.66 -25.36
N LEU D 145 -26.79 -49.32 -25.14
CA LEU D 145 -26.83 -50.77 -24.97
C LEU D 145 -26.34 -51.52 -26.20
N HIS D 146 -26.59 -51.07 -27.42
CA HIS D 146 -25.89 -51.62 -28.58
C HIS D 146 -24.39 -51.42 -28.44
N ALA D 147 -23.91 -50.20 -28.21
CA ALA D 147 -22.46 -49.98 -28.10
C ALA D 147 -21.78 -50.77 -26.97
N LEU D 148 -22.48 -51.05 -25.88
CA LEU D 148 -22.04 -51.90 -24.78
C LEU D 148 -21.95 -53.38 -25.17
N GLY D 149 -22.60 -53.82 -26.24
CA GLY D 149 -22.53 -55.20 -26.72
C GLY D 149 -23.83 -55.96 -26.86
N PHE D 150 -25.00 -55.31 -26.88
CA PHE D 150 -26.29 -56.01 -26.94
C PHE D 150 -26.99 -55.93 -28.30
N TYR D 151 -27.55 -57.05 -28.75
CA TYR D 151 -28.51 -57.13 -29.83
C TYR D 151 -29.94 -56.89 -29.33
N HIS D 152 -30.90 -56.76 -30.25
CA HIS D 152 -32.32 -56.71 -29.93
C HIS D 152 -32.84 -58.02 -29.35
N GLU D 153 -33.94 -57.99 -28.61
CA GLU D 153 -34.55 -59.24 -28.15
C GLU D 153 -35.05 -60.13 -29.28
N GLN D 154 -35.66 -59.57 -30.32
CA GLN D 154 -36.08 -60.37 -31.47
C GLN D 154 -34.91 -60.95 -32.28
N SER D 155 -33.67 -60.62 -31.94
CA SER D 155 -32.45 -61.20 -32.51
C SER D 155 -31.87 -62.35 -31.70
N ARG D 156 -32.48 -62.73 -30.58
CA ARG D 156 -32.07 -63.92 -29.82
C ARG D 156 -32.21 -65.18 -30.67
N ARG D 159 -35.91 -66.65 -30.52
CA ARG D 159 -37.01 -65.64 -30.53
C ARG D 159 -38.25 -66.26 -31.18
N ASP D 160 -38.07 -67.27 -32.02
CA ASP D 160 -39.20 -67.94 -32.68
C ASP D 160 -40.18 -68.57 -31.68
N ASP D 161 -39.72 -68.92 -30.46
CA ASP D 161 -40.61 -69.41 -29.40
C ASP D 161 -41.46 -68.28 -28.79
N TYR D 162 -41.12 -67.02 -29.05
CA TYR D 162 -41.66 -65.85 -28.36
C TYR D 162 -42.39 -64.86 -29.26
N VAL D 163 -41.95 -64.69 -30.51
CA VAL D 163 -42.49 -63.68 -31.43
C VAL D 163 -42.69 -64.21 -32.86
N ASN D 164 -43.53 -63.52 -33.62
CA ASN D 164 -43.73 -63.61 -35.06
C ASN D 164 -43.07 -62.40 -35.73
N ILE D 165 -42.27 -62.61 -36.77
CA ILE D 165 -41.74 -61.53 -37.62
C ILE D 165 -42.45 -61.59 -38.98
N TRP D 166 -43.16 -60.53 -39.35
CA TRP D 166 -43.88 -60.44 -40.62
C TRP D 166 -42.97 -59.80 -41.67
N TRP D 167 -42.07 -60.60 -42.25
CA TRP D 167 -40.98 -60.13 -43.11
C TRP D 167 -41.47 -59.30 -44.31
N ASP D 168 -42.63 -59.65 -44.85
CA ASP D 168 -43.30 -58.95 -45.94
C ASP D 168 -43.69 -57.51 -45.58
N GLN D 169 -43.85 -57.18 -44.30
CA GLN D 169 -44.29 -55.87 -43.83
C GLN D 169 -43.15 -54.89 -43.52
N ILE D 170 -41.89 -55.32 -43.53
CA ILE D 170 -40.75 -54.46 -43.18
C ILE D 170 -40.41 -53.50 -44.35
N LEU D 171 -40.28 -52.21 -44.09
CA LEU D 171 -39.78 -51.23 -45.05
C LEU D 171 -38.39 -51.62 -45.57
N SER D 172 -38.16 -51.46 -46.88
CA SER D 172 -36.96 -51.98 -47.54
C SER D 172 -35.67 -51.44 -46.92
N GLY D 173 -34.67 -52.32 -46.78
CA GLY D 173 -33.35 -52.03 -46.24
C GLY D 173 -33.21 -52.16 -44.72
N TYR D 174 -34.27 -51.99 -43.94
CA TYR D 174 -34.24 -52.07 -42.47
C TYR D 174 -34.29 -53.49 -41.90
N GLN D 175 -34.40 -54.53 -42.73
CA GLN D 175 -34.72 -55.89 -42.29
C GLN D 175 -33.67 -56.54 -41.38
N HIS D 176 -32.42 -56.09 -41.42
CA HIS D 176 -31.37 -56.62 -40.54
C HIS D 176 -31.64 -56.40 -39.05
N ASN D 177 -32.47 -55.41 -38.69
CA ASN D 177 -32.93 -55.19 -37.32
C ASN D 177 -33.78 -56.33 -36.77
N PHE D 178 -34.27 -57.23 -37.64
CA PHE D 178 -35.10 -58.37 -37.30
C PHE D 178 -34.38 -59.72 -37.50
N ASP D 179 -33.15 -59.74 -37.99
CA ASP D 179 -32.31 -60.95 -38.06
C ASP D 179 -32.01 -61.55 -36.69
N THR D 180 -31.69 -62.84 -36.65
CA THR D 180 -31.26 -63.59 -35.47
C THR D 180 -29.88 -64.21 -35.68
N TYR D 181 -29.12 -64.37 -34.60
CA TYR D 181 -27.71 -64.79 -34.62
C TYR D 181 -27.48 -66.11 -33.87
N ASP D 182 -26.47 -66.87 -34.28
CA ASP D 182 -26.15 -68.16 -33.66
C ASP D 182 -25.46 -68.03 -32.29
N ASP D 183 -25.38 -69.16 -31.56
CA ASP D 183 -24.75 -69.22 -30.24
C ASP D 183 -23.21 -69.10 -30.25
N SER D 184 -22.56 -68.88 -31.39
CA SER D 184 -21.15 -68.48 -31.48
C SER D 184 -21.01 -66.95 -31.53
N LEU D 185 -21.91 -66.26 -32.22
CA LEU D 185 -21.99 -64.80 -32.19
C LEU D 185 -22.58 -64.26 -30.88
N ILE D 186 -23.62 -64.88 -30.31
CA ILE D 186 -24.37 -64.32 -29.17
C ILE D 186 -24.54 -65.32 -28.02
N THR D 191 -30.42 -65.64 -18.95
CA THR D 191 -31.64 -64.79 -18.78
C THR D 191 -32.72 -65.12 -19.81
N PRO D 192 -34.01 -65.08 -19.42
CA PRO D 192 -35.12 -65.39 -20.33
C PRO D 192 -35.35 -64.28 -21.35
N TYR D 193 -36.16 -64.57 -22.36
CA TYR D 193 -36.66 -63.58 -23.32
C TYR D 193 -37.51 -62.54 -22.59
N ASP D 194 -37.18 -61.25 -22.68
CA ASP D 194 -37.92 -60.20 -21.97
C ASP D 194 -38.77 -59.33 -22.91
N TYR D 195 -40.08 -59.47 -22.85
CA TYR D 195 -41.00 -58.63 -23.59
C TYR D 195 -41.01 -57.16 -23.12
N GLU D 196 -40.61 -56.87 -21.88
CA GLU D 196 -40.45 -55.48 -21.40
C GLU D 196 -39.05 -54.92 -21.68
N SER D 197 -38.17 -55.66 -22.36
CA SER D 197 -36.83 -55.15 -22.64
C SER D 197 -36.88 -53.87 -23.46
N LEU D 198 -36.06 -52.90 -23.08
CA LEU D 198 -35.80 -51.70 -23.84
C LEU D 198 -35.22 -52.00 -25.23
N MET D 199 -34.72 -53.23 -25.42
CA MET D 199 -34.17 -53.74 -26.66
C MET D 199 -35.18 -54.53 -27.49
N HIS D 200 -36.48 -54.44 -27.19
CA HIS D 200 -37.53 -55.09 -27.96
C HIS D 200 -38.30 -54.06 -28.80
N TYR D 201 -38.55 -54.33 -30.07
CA TYR D 201 -39.37 -53.45 -30.90
C TYR D 201 -40.84 -53.50 -30.55
N GLN D 202 -41.54 -52.39 -30.79
CA GLN D 202 -43.00 -52.28 -30.74
C GLN D 202 -43.65 -52.95 -31.95
N PRO D 203 -44.95 -53.27 -31.92
CA PRO D 203 -45.60 -53.97 -33.03
C PRO D 203 -45.49 -53.22 -34.36
N PHE D 204 -45.77 -51.92 -34.33
CA PHE D 204 -45.72 -51.03 -35.48
C PHE D 204 -44.32 -50.41 -35.61
N SER D 205 -43.33 -51.24 -35.87
CA SER D 205 -41.93 -50.86 -36.10
C SER D 205 -41.54 -51.09 -37.55
N PHE D 206 -41.10 -50.06 -38.25
CA PHE D 206 -40.75 -50.10 -39.68
C PHE D 206 -41.78 -50.80 -40.57
N ASN D 207 -43.07 -50.67 -40.27
CA ASN D 207 -44.15 -51.24 -41.07
C ASN D 207 -44.41 -50.44 -42.36
N LYS D 208 -44.63 -51.15 -43.47
CA LYS D 208 -45.11 -50.61 -44.76
C LYS D 208 -46.50 -49.98 -44.68
N ASN D 209 -47.40 -50.63 -43.96
CA ASN D 209 -48.80 -50.27 -43.81
C ASN D 209 -49.10 -49.89 -42.35
N ALA D 210 -49.68 -48.71 -42.11
CA ALA D 210 -49.91 -48.18 -40.77
C ALA D 210 -50.88 -49.02 -39.91
N SER D 211 -51.73 -49.84 -40.52
CA SER D 211 -52.72 -50.69 -39.84
C SER D 211 -52.17 -52.07 -39.41
N VAL D 212 -51.07 -52.54 -40.01
CA VAL D 212 -50.55 -53.91 -39.82
C VAL D 212 -49.20 -53.91 -39.06
N PRO D 213 -49.05 -54.64 -37.94
CA PRO D 213 -47.81 -54.73 -37.19
C PRO D 213 -46.77 -55.63 -37.86
N THR D 214 -45.49 -55.25 -37.75
CA THR D 214 -44.32 -55.98 -38.23
C THR D 214 -43.89 -57.12 -37.31
N ILE D 215 -44.10 -56.95 -36.01
CA ILE D 215 -43.75 -57.93 -34.96
C ILE D 215 -44.92 -58.12 -34.02
N THR D 216 -45.23 -59.35 -33.64
CA THR D 216 -46.28 -59.67 -32.66
C THR D 216 -45.84 -60.83 -31.78
N ALA D 217 -46.30 -60.89 -30.54
CA ALA D 217 -45.98 -61.99 -29.64
C ALA D 217 -46.87 -63.21 -29.91
N LYS D 218 -46.34 -64.42 -29.73
CA LYS D 218 -47.12 -65.66 -29.90
C LYS D 218 -48.21 -65.87 -28.84
N ILE D 219 -48.14 -65.15 -27.72
CA ILE D 219 -49.28 -64.89 -26.83
C ILE D 219 -49.71 -63.43 -27.06
N PRO D 220 -50.95 -63.16 -27.54
CA PRO D 220 -51.30 -61.86 -28.11
C PRO D 220 -51.38 -60.70 -27.11
N GLU D 221 -51.57 -60.97 -25.81
CA GLU D 221 -51.64 -59.89 -24.80
C GLU D 221 -50.35 -59.05 -24.74
N PHE D 222 -49.18 -59.66 -24.92
CA PHE D 222 -47.89 -58.97 -24.88
C PHE D 222 -47.71 -57.93 -25.98
N ASN D 223 -48.57 -57.89 -27.00
CA ASN D 223 -48.58 -56.80 -27.98
C ASN D 223 -48.85 -55.44 -27.30
N SER D 224 -49.48 -55.42 -26.13
CA SER D 224 -49.69 -54.23 -25.29
C SER D 224 -48.50 -53.87 -24.38
N ILE D 225 -47.39 -54.61 -24.47
CA ILE D 225 -46.24 -54.56 -23.57
C ILE D 225 -44.93 -54.40 -24.36
N ILE D 226 -44.76 -55.11 -25.48
CA ILE D 226 -43.53 -55.05 -26.27
C ILE D 226 -43.29 -53.65 -26.82
N GLY D 227 -42.03 -53.21 -26.81
CA GLY D 227 -41.68 -51.87 -27.27
C GLY D 227 -41.95 -50.74 -26.30
N GLN D 228 -41.96 -50.99 -24.98
CA GLN D 228 -41.99 -49.93 -23.98
C GLN D 228 -40.82 -48.96 -24.16
N ARG D 229 -41.07 -47.66 -23.96
CA ARG D 229 -40.09 -46.57 -24.05
C ARG D 229 -39.97 -45.79 -22.73
N LEU D 230 -40.13 -46.48 -21.61
CA LEU D 230 -39.95 -45.90 -20.28
C LEU D 230 -38.47 -45.83 -19.89
N ASP D 231 -37.83 -46.98 -19.75
CA ASP D 231 -36.55 -47.14 -19.04
C ASP D 231 -35.98 -48.56 -19.23
N PHE D 232 -34.83 -48.88 -18.63
CA PHE D 232 -34.26 -50.22 -18.61
C PHE D 232 -35.17 -51.19 -17.84
N SER D 233 -35.36 -52.42 -18.30
CA SER D 233 -36.05 -53.43 -17.51
C SER D 233 -35.16 -54.02 -16.42
N ALA D 234 -35.75 -54.69 -15.44
CA ALA D 234 -34.98 -55.44 -14.45
C ALA D 234 -34.07 -56.50 -15.10
N ILE D 235 -34.55 -57.23 -16.11
CA ILE D 235 -33.73 -58.19 -16.86
C ILE D 235 -32.66 -57.49 -17.69
N ASP D 236 -32.91 -56.32 -18.28
CA ASP D 236 -31.88 -55.55 -18.98
C ASP D 236 -30.73 -55.15 -18.06
N LEU D 237 -31.04 -54.70 -16.84
CA LEU D 237 -30.01 -54.36 -15.85
C LEU D 237 -29.30 -55.60 -15.33
N GLU D 238 -30.00 -56.71 -15.14
CA GLU D 238 -29.37 -57.97 -14.80
C GLU D 238 -28.40 -58.44 -15.88
N ARG D 239 -28.75 -58.28 -17.15
CA ARG D 239 -27.85 -58.56 -18.27
C ARG D 239 -26.63 -57.65 -18.29
N LEU D 240 -26.81 -56.35 -18.10
CA LEU D 240 -25.70 -55.40 -18.05
C LEU D 240 -24.78 -55.67 -16.85
N ASN D 241 -25.34 -56.02 -15.70
CA ASN D 241 -24.61 -56.49 -14.54
C ASN D 241 -23.82 -57.76 -14.83
N ARG D 242 -24.46 -58.79 -15.38
CA ARG D 242 -23.83 -60.09 -15.69
C ARG D 242 -22.75 -59.96 -16.74
N MET D 243 -22.87 -59.05 -17.69
CA MET D 243 -21.86 -58.84 -18.73
C MET D 243 -20.62 -58.08 -18.23
N TYR D 244 -20.80 -57.04 -17.42
CA TYR D 244 -19.73 -56.14 -16.97
C TYR D 244 -19.37 -56.27 -15.47
N ASN D 245 -19.85 -57.31 -14.81
CA ASN D 245 -19.63 -57.62 -13.39
C ASN D 245 -20.02 -56.50 -12.40
N CYS D 246 -21.02 -55.71 -12.79
CA CYS D 246 -21.49 -54.58 -11.94
C CYS D 246 -22.14 -55.10 -10.67
N THR D 247 -21.47 -54.95 -9.52
CA THR D 247 -22.05 -55.37 -8.22
C THR D 247 -22.46 -54.11 -7.45
N THR D 248 -22.06 -52.93 -7.94
CA THR D 248 -22.36 -51.66 -7.23
C THR D 248 -22.93 -50.64 -8.22
N THR D 249 -23.28 -49.45 -7.71
CA THR D 249 -23.82 -48.39 -8.57
C THR D 249 -23.12 -47.07 -8.21
N HIS D 250 -23.00 -46.13 -9.13
CA HIS D 250 -22.29 -44.88 -8.87
C HIS D 250 -23.06 -43.90 -7.98
N THR D 251 -24.40 -43.95 -7.97
CA THR D 251 -25.22 -42.86 -7.44
C THR D 251 -26.26 -43.24 -6.37
N LEU D 252 -26.71 -44.47 -6.22
CA LEU D 252 -27.61 -44.86 -5.13
C LEU D 252 -26.83 -45.09 -3.83
N LEU D 253 -26.90 -44.12 -2.91
CA LEU D 253 -26.11 -44.09 -1.70
C LEU D 253 -26.80 -44.81 -0.53
N ASP D 254 -28.11 -44.65 -0.37
CA ASP D 254 -28.89 -45.39 0.61
C ASP D 254 -30.35 -45.54 0.19
N HIS D 255 -31.04 -46.54 0.68
CA HIS D 255 -32.49 -46.62 0.66
C HIS D 255 -33.00 -47.46 1.83
N CYS D 256 -34.19 -47.16 2.32
CA CYS D 256 -34.80 -47.86 3.42
C CYS D 256 -36.31 -47.82 3.36
N THR D 257 -36.91 -48.97 3.15
CA THR D 257 -38.34 -49.21 3.24
C THR D 257 -38.78 -49.64 4.65
N PHE D 258 -37.79 -49.87 5.54
CA PHE D 258 -38.03 -50.26 6.97
C PHE D 258 -38.57 -51.69 7.13
N GLU D 259 -38.39 -52.59 6.17
CA GLU D 259 -39.01 -53.92 6.31
C GLU D 259 -38.18 -54.94 7.10
N LYS D 260 -36.88 -54.72 7.29
CA LYS D 260 -36.00 -55.56 8.12
C LYS D 260 -36.08 -55.19 9.61
N ALA D 261 -35.87 -56.16 10.50
CA ALA D 261 -35.82 -55.96 11.95
C ALA D 261 -34.67 -55.03 12.40
N ASN D 262 -33.59 -54.93 11.60
CA ASN D 262 -32.50 -53.98 11.82
C ASN D 262 -32.80 -52.55 11.31
N ILE D 263 -33.98 -52.29 10.73
CA ILE D 263 -34.39 -51.05 10.05
C ILE D 263 -33.27 -50.44 9.21
N CYS D 264 -32.70 -51.25 8.31
CA CYS D 264 -31.65 -50.85 7.36
C CYS D 264 -30.35 -50.34 8.01
N GLY D 265 -30.10 -50.71 9.27
CA GLY D 265 -28.96 -50.23 10.07
C GLY D 265 -29.18 -48.87 10.75
N MET D 266 -30.40 -48.32 10.75
CA MET D 266 -30.72 -47.11 11.50
C MET D 266 -30.65 -47.33 13.03
N ILE D 267 -30.43 -46.24 13.76
CA ILE D 267 -30.31 -46.19 15.23
C ILE D 267 -31.10 -45.00 15.77
N GLN D 268 -31.28 -44.93 17.09
CA GLN D 268 -31.94 -43.81 17.76
C GLN D 268 -31.03 -43.20 18.83
N GLY D 269 -31.11 -41.90 19.02
CA GLY D 269 -30.34 -41.20 20.05
C GLY D 269 -30.84 -41.42 21.49
N THR D 270 -30.15 -40.83 22.45
CA THR D 270 -30.58 -40.78 23.86
C THR D 270 -30.52 -39.37 24.48
N ARG D 271 -30.16 -38.38 23.66
CA ARG D 271 -30.23 -36.97 24.13
C ARG D 271 -31.70 -36.59 23.99
N ASP D 272 -32.37 -37.18 22.99
CA ASP D 272 -33.83 -36.96 22.80
C ASP D 272 -34.57 -37.70 23.91
N ASP D 273 -35.77 -37.24 24.28
CA ASP D 273 -36.49 -37.83 25.44
C ASP D 273 -37.27 -39.08 25.03
N THR D 274 -37.62 -39.25 23.75
CA THR D 274 -38.50 -40.39 23.39
C THR D 274 -37.99 -41.14 22.14
N ASP D 275 -38.65 -42.24 21.75
CA ASP D 275 -38.28 -43.05 20.59
C ASP D 275 -39.35 -43.09 19.50
N TRP D 276 -38.89 -43.21 18.26
CA TRP D 276 -39.67 -43.62 17.10
C TRP D 276 -40.05 -45.09 17.23
N ALA D 277 -41.31 -45.43 17.02
CA ALA D 277 -41.81 -46.80 17.02
C ALA D 277 -41.72 -47.43 15.63
N HIS D 278 -41.15 -48.62 15.53
CA HIS D 278 -41.21 -49.46 14.33
C HIS D 278 -42.55 -50.17 14.28
N GLN D 279 -43.39 -49.79 13.34
CA GLN D 279 -44.83 -49.95 13.42
C GLN D 279 -45.35 -51.03 12.46
N ASP D 280 -46.08 -52.00 13.01
CA ASP D 280 -46.37 -53.31 12.40
C ASP D 280 -47.38 -53.31 11.25
N SER D 281 -48.12 -52.21 11.05
CA SER D 281 -49.20 -52.03 10.04
C SER D 281 -50.43 -52.92 10.21
N ALA D 282 -50.55 -53.66 11.32
CA ALA D 282 -51.65 -54.60 11.58
C ALA D 282 -52.97 -53.93 12.04
N GLN D 283 -52.96 -52.63 12.35
CA GLN D 283 -54.11 -51.89 12.86
C GLN D 283 -55.20 -51.64 11.80
N ALA D 284 -56.39 -51.25 12.26
CA ALA D 284 -57.52 -51.03 11.33
C ALA D 284 -57.48 -49.61 10.75
N GLY D 285 -56.97 -49.45 9.52
CA GLY D 285 -56.97 -48.13 8.87
C GLY D 285 -55.68 -47.36 9.07
N GLU D 286 -54.54 -48.05 9.19
CA GLU D 286 -53.25 -47.37 9.31
C GLU D 286 -52.13 -48.22 8.71
N VAL D 287 -51.77 -47.95 7.45
CA VAL D 287 -50.90 -48.78 6.60
C VAL D 287 -49.63 -48.06 6.16
N ASP D 288 -48.60 -48.92 5.80
CA ASP D 288 -47.29 -48.37 5.34
C ASP D 288 -47.40 -47.85 3.91
N HIS D 289 -46.38 -47.08 3.43
CA HIS D 289 -46.37 -46.68 2.04
C HIS D 289 -45.86 -47.79 1.11
N THR D 290 -45.01 -48.68 1.59
CA THR D 290 -44.38 -49.68 0.72
C THR D 290 -45.39 -50.62 0.11
N LEU D 291 -46.35 -51.10 0.88
CA LEU D 291 -47.29 -52.16 0.47
C LEU D 291 -48.76 -51.75 0.61
N LEU D 292 -49.06 -50.68 1.34
CA LEU D 292 -50.39 -50.07 1.45
C LEU D 292 -51.51 -51.05 1.86
N GLY D 293 -51.18 -52.08 2.63
CA GLY D 293 -52.14 -53.07 3.14
C GLY D 293 -52.32 -54.31 2.25
N GLN D 294 -51.46 -54.55 1.26
CA GLN D 294 -51.49 -55.76 0.41
C GLN D 294 -51.41 -57.08 1.21
N CYS D 295 -50.72 -57.07 2.36
CA CYS D 295 -50.77 -58.12 3.38
C CYS D 295 -50.57 -57.53 4.78
N THR D 296 -51.22 -58.09 5.80
CA THR D 296 -51.00 -57.72 7.21
C THR D 296 -49.59 -58.13 7.67
N GLY D 297 -48.96 -57.31 8.52
CA GLY D 297 -47.62 -57.55 9.07
C GLY D 297 -46.44 -57.49 8.08
N ALA D 298 -46.69 -57.29 6.79
CA ALA D 298 -45.66 -57.34 5.74
C ALA D 298 -44.94 -56.00 5.51
N GLY D 299 -45.58 -54.87 5.83
CA GLY D 299 -45.10 -53.53 5.50
C GLY D 299 -44.94 -52.68 6.75
N TYR D 300 -43.78 -52.09 6.94
CA TYR D 300 -43.42 -51.38 8.15
C TYR D 300 -43.17 -49.92 7.88
N PHE D 301 -43.46 -49.10 8.86
CA PHE D 301 -43.15 -47.69 8.87
C PHE D 301 -42.58 -47.31 10.23
N MET D 302 -41.97 -46.14 10.33
CA MET D 302 -41.65 -45.55 11.62
C MET D 302 -42.76 -44.56 11.99
N GLN D 303 -43.22 -44.59 13.23
CA GLN D 303 -44.26 -43.70 13.73
C GLN D 303 -43.82 -42.98 15.01
N PHE D 304 -44.19 -41.72 15.14
CA PHE D 304 -43.93 -40.88 16.31
C PHE D 304 -45.24 -40.23 16.77
N SER D 305 -45.82 -40.78 17.83
CA SER D 305 -47.07 -40.31 18.41
C SER D 305 -46.91 -38.93 19.02
N THR D 306 -47.93 -38.09 18.86
CA THR D 306 -47.94 -36.71 19.39
C THR D 306 -49.18 -36.40 20.22
N SER D 307 -50.01 -37.40 20.51
CA SER D 307 -51.29 -37.27 21.21
C SER D 307 -51.20 -37.28 22.74
N SER D 308 -50.00 -37.38 23.32
CA SER D 308 -49.75 -37.51 24.76
C SER D 308 -48.37 -36.96 25.14
N GLY D 309 -48.13 -36.76 26.44
CA GLY D 309 -46.88 -36.20 26.97
C GLY D 309 -46.82 -34.67 26.90
N SER D 310 -45.64 -34.09 27.12
CA SER D 310 -45.41 -32.65 27.06
C SER D 310 -45.26 -32.17 25.62
N ALA D 311 -45.65 -30.92 25.37
CA ALA D 311 -45.20 -30.19 24.20
C ALA D 311 -43.66 -30.04 24.20
N GLU D 312 -43.08 -29.92 23.01
CA GLU D 312 -41.64 -29.91 22.75
C GLU D 312 -40.87 -31.18 23.14
N GLU D 313 -41.53 -32.30 23.49
CA GLU D 313 -40.87 -33.61 23.48
C GLU D 313 -40.56 -34.04 22.06
N ALA D 314 -39.46 -34.76 21.89
CA ALA D 314 -38.94 -35.16 20.59
C ALA D 314 -38.31 -36.55 20.60
N ALA D 315 -38.25 -37.17 19.43
CA ALA D 315 -37.50 -38.38 19.15
C ALA D 315 -36.62 -38.15 17.93
N LEU D 316 -35.39 -38.62 17.97
CA LEU D 316 -34.41 -38.53 16.89
C LEU D 316 -34.04 -39.92 16.35
N LEU D 317 -34.27 -40.15 15.05
CA LEU D 317 -33.95 -41.34 14.28
C LEU D 317 -32.78 -41.06 13.34
N GLU D 318 -31.75 -41.91 13.32
CA GLU D 318 -30.46 -41.62 12.68
C GLU D 318 -30.08 -42.75 11.71
N SER D 319 -29.63 -42.41 10.52
CA SER D 319 -29.17 -43.39 9.54
C SER D 319 -27.88 -44.10 9.95
N ARG D 320 -27.54 -45.19 9.26
CA ARG D 320 -26.14 -45.66 9.18
C ARG D 320 -25.21 -44.56 8.66
N ILE D 321 -23.91 -44.63 8.94
CA ILE D 321 -22.93 -43.68 8.38
C ILE D 321 -22.78 -43.95 6.87
N LEU D 322 -22.80 -42.87 6.08
CA LEU D 322 -22.77 -42.89 4.62
C LEU D 322 -21.57 -42.13 4.09
N TYR D 323 -21.05 -42.61 2.96
CA TYR D 323 -19.77 -42.20 2.39
C TYR D 323 -20.01 -41.63 0.97
N PRO D 324 -20.17 -40.31 0.81
CA PRO D 324 -20.53 -39.72 -0.45
C PRO D 324 -19.39 -39.77 -1.47
N LYS D 325 -19.72 -39.94 -2.76
CA LYS D 325 -18.78 -39.84 -3.89
C LYS D 325 -19.01 -38.60 -4.74
N ARG D 326 -20.02 -37.79 -4.43
CA ARG D 326 -20.32 -36.49 -5.05
C ARG D 326 -20.63 -35.44 -3.99
N LYS D 327 -20.66 -34.17 -4.36
CA LYS D 327 -20.90 -33.04 -3.43
C LYS D 327 -22.36 -32.74 -3.11
N GLN D 328 -23.33 -33.29 -3.85
CA GLN D 328 -24.77 -33.04 -3.67
C GLN D 328 -25.54 -34.34 -3.64
N GLN D 329 -26.50 -34.46 -2.73
CA GLN D 329 -27.37 -35.61 -2.62
C GLN D 329 -28.82 -35.17 -2.48
N CYS D 330 -29.73 -35.98 -2.97
CA CYS D 330 -31.15 -35.81 -2.78
C CYS D 330 -31.66 -36.88 -1.84
N LEU D 331 -32.25 -36.48 -0.72
CA LEU D 331 -32.99 -37.37 0.16
C LEU D 331 -34.47 -37.28 -0.22
N GLN D 332 -35.06 -38.39 -0.65
CA GLN D 332 -36.47 -38.55 -0.97
C GLN D 332 -37.12 -39.40 0.12
N PHE D 333 -38.28 -39.04 0.62
CA PHE D 333 -39.03 -39.88 1.57
C PHE D 333 -40.52 -39.61 1.51
N PHE D 334 -41.32 -40.52 2.07
CA PHE D 334 -42.77 -40.38 2.20
C PHE D 334 -43.13 -40.23 3.66
N TYR D 335 -44.03 -39.30 3.98
CA TYR D 335 -44.43 -39.00 5.35
C TYR D 335 -45.91 -38.69 5.51
N LYS D 336 -46.44 -38.79 6.73
CA LYS D 336 -47.76 -38.27 7.12
C LYS D 336 -47.65 -37.46 8.40
N MET D 337 -48.54 -36.48 8.60
CA MET D 337 -48.60 -35.64 9.80
C MET D 337 -50.06 -35.48 10.24
N THR D 338 -50.57 -36.46 10.97
CA THR D 338 -51.98 -36.52 11.39
C THR D 338 -52.26 -35.81 12.72
N GLY D 339 -51.24 -35.29 13.38
CA GLY D 339 -51.33 -34.71 14.72
C GLY D 339 -51.77 -33.25 14.75
N SER D 340 -51.17 -32.47 15.63
CA SER D 340 -51.40 -31.03 15.76
C SER D 340 -50.79 -30.24 14.60
N PRO D 341 -51.39 -29.11 14.19
CA PRO D 341 -50.73 -28.14 13.31
C PRO D 341 -49.36 -27.64 13.79
N SER D 342 -49.05 -27.81 15.08
CA SER D 342 -47.78 -27.39 15.69
C SER D 342 -46.74 -28.51 15.82
N ASP D 343 -47.02 -29.74 15.41
CA ASP D 343 -45.98 -30.77 15.30
C ASP D 343 -45.00 -30.43 14.17
N ARG D 344 -43.74 -30.81 14.34
CA ARG D 344 -42.73 -30.51 13.30
C ARG D 344 -41.81 -31.69 12.97
N LEU D 345 -41.82 -32.17 11.73
CA LEU D 345 -40.79 -33.11 11.29
C LEU D 345 -39.63 -32.26 10.78
N VAL D 346 -38.49 -32.35 11.44
CA VAL D 346 -37.26 -31.63 11.08
C VAL D 346 -36.22 -32.63 10.61
N VAL D 347 -35.59 -32.35 9.47
CA VAL D 347 -34.54 -33.17 8.90
C VAL D 347 -33.20 -32.51 9.19
N TRP D 348 -32.25 -33.30 9.65
CA TRP D 348 -30.93 -32.91 10.12
C TRP D 348 -29.86 -33.78 9.46
N VAL D 349 -28.62 -33.31 9.43
CA VAL D 349 -27.42 -34.07 9.11
C VAL D 349 -26.46 -34.05 10.29
N ARG D 350 -25.91 -35.20 10.66
CA ARG D 350 -24.78 -35.32 11.59
C ARG D 350 -23.56 -35.71 10.78
N ARG D 351 -22.51 -34.90 10.88
CA ARG D 351 -21.35 -35.14 9.98
C ARG D 351 -19.96 -35.14 10.63
N ASP D 352 -18.99 -35.80 9.98
CA ASP D 352 -17.58 -35.79 10.35
C ASP D 352 -17.09 -34.36 10.65
N ASP D 353 -16.59 -34.14 11.86
CA ASP D 353 -16.08 -32.86 12.34
C ASP D 353 -14.67 -32.50 11.84
N SER D 354 -14.15 -33.24 10.86
CA SER D 354 -12.79 -33.26 10.31
C SER D 354 -11.76 -34.10 11.08
N THR D 355 -12.09 -34.66 12.25
CA THR D 355 -11.25 -35.66 12.92
C THR D 355 -11.57 -37.09 12.49
N GLY D 356 -12.64 -37.29 11.74
CA GLY D 356 -13.30 -38.58 11.53
C GLY D 356 -14.49 -38.81 12.46
N ASN D 357 -14.65 -38.02 13.53
CA ASN D 357 -15.76 -38.16 14.47
C ASN D 357 -17.06 -37.56 13.90
N VAL D 358 -18.04 -38.40 13.61
CA VAL D 358 -19.35 -37.98 13.09
C VAL D 358 -20.20 -37.42 14.24
N ARG D 359 -20.13 -36.10 14.46
CA ARG D 359 -20.82 -35.50 15.65
C ARG D 359 -21.41 -34.11 15.37
N LYS D 360 -20.98 -33.42 14.31
CA LYS D 360 -21.45 -32.06 13.99
C LYS D 360 -22.87 -32.06 13.44
N LEU D 361 -23.84 -31.48 14.16
CA LEU D 361 -25.21 -31.29 13.68
C LEU D 361 -25.32 -30.10 12.72
N VAL D 362 -26.12 -30.27 11.67
CA VAL D 362 -26.61 -29.23 10.76
C VAL D 362 -28.10 -29.46 10.56
N LYS D 363 -28.95 -28.44 10.71
CA LYS D 363 -30.37 -28.55 10.35
C LYS D 363 -30.53 -28.32 8.84
N VAL D 364 -31.33 -29.14 8.14
CA VAL D 364 -31.50 -29.01 6.69
C VAL D 364 -32.89 -28.55 6.24
N GLN D 365 -33.99 -29.02 6.84
CA GLN D 365 -35.34 -28.64 6.42
C GLN D 365 -36.38 -28.89 7.52
N THR D 366 -37.53 -28.20 7.48
CA THR D 366 -38.67 -28.42 8.37
C THR D 366 -39.95 -28.65 7.57
N PHE D 367 -40.78 -29.56 8.03
CA PHE D 367 -42.10 -29.89 7.52
C PHE D 367 -43.12 -29.74 8.65
N GLN D 368 -44.31 -29.23 8.33
CA GLN D 368 -45.38 -28.96 9.29
C GLN D 368 -46.73 -29.42 8.77
N GLY D 369 -47.71 -29.56 9.67
CA GLY D 369 -49.02 -30.12 9.40
C GLY D 369 -49.92 -29.27 8.51
N ASP D 370 -50.92 -29.92 7.92
CA ASP D 370 -51.94 -29.43 6.98
C ASP D 370 -53.18 -30.34 7.08
N ASP D 371 -54.29 -29.97 6.46
CA ASP D 371 -55.51 -30.80 6.45
C ASP D 371 -55.43 -32.06 5.56
N ASP D 372 -54.41 -32.21 4.72
CA ASP D 372 -54.10 -33.48 4.04
C ASP D 372 -53.46 -34.48 5.01
N HIS D 373 -54.16 -35.56 5.32
CA HIS D 373 -53.72 -36.64 6.21
C HIS D 373 -53.26 -37.90 5.46
N ASN D 374 -52.98 -37.82 4.16
CA ASN D 374 -52.46 -38.92 3.35
C ASN D 374 -50.92 -38.83 3.18
N TRP D 375 -50.26 -39.88 2.68
CA TRP D 375 -48.81 -39.93 2.46
C TRP D 375 -48.32 -38.86 1.48
N LYS D 376 -47.46 -37.95 1.93
CA LYS D 376 -46.87 -36.88 1.14
C LYS D 376 -45.44 -37.23 0.78
N ILE D 377 -45.02 -36.96 -0.44
CA ILE D 377 -43.62 -37.10 -0.84
C ILE D 377 -42.82 -35.86 -0.43
N ALA D 378 -41.56 -36.03 -0.06
CA ALA D 378 -40.66 -34.98 0.38
C ALA D 378 -39.28 -35.15 -0.24
N HIS D 379 -38.67 -34.05 -0.68
CA HIS D 379 -37.29 -34.01 -1.17
C HIS D 379 -36.47 -32.97 -0.43
N VAL D 380 -35.31 -33.38 0.08
CA VAL D 380 -34.37 -32.55 0.82
C VAL D 380 -33.02 -32.60 0.13
N VAL D 381 -32.47 -31.45 -0.22
CA VAL D 381 -31.11 -31.35 -0.76
C VAL D 381 -30.11 -31.40 0.38
N LEU D 382 -29.29 -32.44 0.40
CA LEU D 382 -28.06 -32.50 1.20
C LEU D 382 -26.86 -32.06 0.34
N LYS D 383 -25.80 -31.54 0.97
CA LYS D 383 -24.56 -31.15 0.30
C LYS D 383 -23.35 -31.66 1.08
N GLU D 384 -23.23 -32.98 1.21
CA GLU D 384 -22.22 -33.63 2.05
C GLU D 384 -21.04 -34.16 1.22
N GLU D 385 -19.83 -33.88 1.68
CA GLU D 385 -18.57 -34.28 1.01
C GLU D 385 -17.63 -35.13 1.88
N GLN D 386 -18.03 -35.40 3.12
CA GLN D 386 -17.37 -36.24 4.12
C GLN D 386 -18.44 -37.07 4.81
N LYS D 387 -18.05 -38.15 5.49
CA LYS D 387 -19.01 -39.13 6.02
C LYS D 387 -20.03 -38.54 7.00
N PHE D 388 -21.27 -38.98 6.90
CA PHE D 388 -22.42 -38.36 7.55
C PHE D 388 -23.52 -39.37 7.86
N ARG D 389 -24.49 -38.88 8.63
CA ARG D 389 -25.72 -39.65 8.91
C ARG D 389 -26.89 -38.66 8.78
N TYR D 390 -27.96 -38.99 8.03
CA TYR D 390 -29.18 -38.19 8.01
C TYR D 390 -30.09 -38.56 9.17
N LEU D 391 -30.89 -37.60 9.63
CA LEU D 391 -31.60 -37.62 10.91
C LEU D 391 -33.03 -37.11 10.75
N PHE D 392 -33.99 -37.74 11.40
CA PHE D 392 -35.36 -37.26 11.52
C PHE D 392 -35.67 -36.95 12.97
N GLN D 393 -35.97 -35.69 13.27
CA GLN D 393 -36.50 -35.24 14.55
C GLN D 393 -38.01 -35.07 14.41
N GLY D 394 -38.79 -35.89 15.09
CA GLY D 394 -40.21 -35.65 15.29
C GLY D 394 -40.42 -34.86 16.56
N THR D 395 -41.19 -33.78 16.52
CA THR D 395 -41.45 -32.92 17.69
C THR D 395 -42.95 -32.82 17.95
N LYS D 396 -43.38 -33.01 19.20
CA LYS D 396 -44.76 -32.81 19.64
C LYS D 396 -45.07 -31.33 19.80
N GLY D 397 -46.18 -30.85 19.27
CA GLY D 397 -46.75 -29.54 19.56
C GLY D 397 -48.21 -29.68 19.95
N ASP D 398 -48.65 -29.01 21.01
CA ASP D 398 -50.04 -29.08 21.51
C ASP D 398 -50.64 -30.51 21.60
N PRO D 399 -50.07 -31.45 22.39
CA PRO D 399 -50.63 -32.79 22.55
C PRO D 399 -52.12 -32.85 22.93
N GLN D 400 -52.61 -31.87 23.70
CA GLN D 400 -54.03 -31.73 24.06
C GLN D 400 -54.97 -31.50 22.86
N ASN D 401 -54.43 -31.17 21.69
CA ASN D 401 -55.16 -31.01 20.43
C ASN D 401 -54.65 -31.94 19.32
N SER D 402 -53.94 -33.03 19.65
CA SER D 402 -53.43 -33.99 18.68
C SER D 402 -54.06 -35.35 18.87
N THR D 403 -54.68 -35.91 17.83
CA THR D 403 -55.18 -37.29 17.80
C THR D 403 -54.29 -38.19 16.93
N GLY D 404 -53.05 -37.75 16.66
CA GLY D 404 -52.19 -38.36 15.67
C GLY D 404 -50.71 -38.13 15.91
N GLY D 405 -49.94 -38.08 14.84
CA GLY D 405 -48.49 -38.09 14.91
C GLY D 405 -47.83 -38.03 13.56
N ILE D 406 -46.55 -38.39 13.53
CA ILE D 406 -45.68 -38.32 12.37
C ILE D 406 -45.35 -39.74 11.89
N TYR D 407 -45.35 -39.95 10.59
CA TYR D 407 -45.17 -41.25 9.95
C TYR D 407 -44.06 -41.15 8.92
N LEU D 408 -43.21 -42.17 8.79
CA LEU D 408 -42.16 -42.24 7.77
C LEU D 408 -42.08 -43.61 7.09
N ASP D 409 -41.92 -43.60 5.78
CA ASP D 409 -41.67 -44.78 4.98
C ASP D 409 -40.90 -44.44 3.71
N ASP D 410 -40.31 -45.45 3.06
CA ASP D 410 -39.78 -45.34 1.69
C ASP D 410 -38.75 -44.22 1.49
N ILE D 411 -37.66 -44.28 2.24
CA ILE D 411 -36.53 -43.37 2.14
C ILE D 411 -35.60 -43.79 1.00
N THR D 412 -35.19 -42.87 0.14
CA THR D 412 -34.18 -43.07 -0.90
C THR D 412 -33.20 -41.90 -0.86
N LEU D 413 -31.92 -42.16 -0.96
CA LEU D 413 -30.85 -41.18 -0.94
C LEU D 413 -29.91 -41.41 -2.11
N THR D 414 -29.90 -40.49 -3.05
CA THR D 414 -29.14 -40.58 -4.29
C THR D 414 -28.22 -39.39 -4.44
N GLU D 415 -27.06 -39.59 -5.02
CA GLU D 415 -26.12 -38.53 -5.35
C GLU D 415 -26.49 -37.82 -6.65
N THR D 416 -27.63 -37.15 -6.62
CA THR D 416 -28.26 -36.42 -7.71
C THR D 416 -28.78 -35.07 -7.21
N PRO D 417 -29.10 -34.12 -8.12
CA PRO D 417 -30.04 -33.05 -7.81
C PRO D 417 -31.41 -33.61 -7.39
N CYS D 418 -32.19 -32.82 -6.66
CA CYS D 418 -33.62 -33.10 -6.44
C CYS D 418 -34.46 -32.48 -7.56
N PRO D 419 -35.66 -33.00 -7.83
CA PRO D 419 -36.56 -32.38 -8.80
C PRO D 419 -36.95 -30.97 -8.40
N THR D 420 -36.94 -30.04 -9.35
CA THR D 420 -37.13 -28.61 -9.11
C THR D 420 -38.55 -28.27 -8.68
N GLY D 421 -39.55 -28.89 -9.28
CA GLY D 421 -40.94 -28.83 -8.87
C GLY D 421 -41.56 -30.22 -8.84
N VAL D 422 -42.34 -30.52 -7.82
CA VAL D 422 -43.09 -31.76 -7.68
C VAL D 422 -44.58 -31.44 -7.52
N TRP D 423 -45.41 -31.98 -8.40
CA TRP D 423 -46.87 -31.88 -8.33
C TRP D 423 -47.47 -33.23 -8.02
N THR D 424 -48.32 -33.33 -7.00
CA THR D 424 -49.06 -34.54 -6.66
C THR D 424 -50.54 -34.32 -6.90
N VAL D 425 -51.15 -35.16 -7.73
CA VAL D 425 -52.57 -35.12 -8.04
C VAL D 425 -53.21 -36.30 -7.33
N ARG D 426 -54.15 -35.99 -6.42
CA ARG D 426 -54.77 -37.06 -5.62
C ARG D 426 -56.01 -37.63 -6.31
N ASN D 427 -56.42 -38.82 -5.88
CA ASN D 427 -57.59 -39.53 -6.41
C ASN D 427 -57.62 -39.59 -7.95
N PHE D 428 -56.49 -39.89 -8.58
CA PHE D 428 -56.33 -39.68 -10.01
C PHE D 428 -57.24 -40.57 -10.85
N SER D 429 -57.52 -41.81 -10.45
CA SER D 429 -58.49 -42.68 -11.13
C SER D 429 -59.92 -42.15 -11.11
N GLN D 430 -60.27 -41.29 -10.15
CA GLN D 430 -61.53 -40.55 -10.12
C GLN D 430 -61.46 -39.25 -10.93
N VAL D 431 -60.33 -38.53 -10.90
CA VAL D 431 -60.05 -37.40 -11.81
C VAL D 431 -60.22 -37.80 -13.27
N LEU D 432 -59.80 -39.01 -13.61
CA LEU D 432 -59.91 -39.61 -14.95
C LEU D 432 -61.35 -39.75 -15.44
N GLU D 433 -62.33 -39.80 -14.53
CA GLU D 433 -63.76 -39.91 -14.84
C GLU D 433 -64.50 -38.58 -14.69
N ASN D 434 -64.14 -37.76 -13.71
CA ASN D 434 -64.74 -36.46 -13.44
C ASN D 434 -64.37 -35.36 -14.45
N THR D 435 -63.37 -35.58 -15.31
CA THR D 435 -62.82 -34.58 -16.23
C THR D 435 -63.17 -34.92 -17.68
N SER D 436 -63.89 -34.06 -18.40
CA SER D 436 -64.23 -34.27 -19.82
C SER D 436 -63.02 -34.03 -20.74
N LYS D 437 -63.09 -34.48 -22.01
CA LYS D 437 -61.97 -34.31 -22.96
C LYS D 437 -61.68 -32.83 -23.18
N GLY D 438 -60.41 -32.45 -23.02
CA GLY D 438 -59.98 -31.05 -23.11
C GLY D 438 -60.17 -30.21 -21.84
N ASP D 439 -60.82 -30.70 -20.79
CA ASP D 439 -60.71 -30.11 -19.45
C ASP D 439 -59.36 -30.44 -18.83
N LYS D 440 -58.84 -29.55 -17.99
CA LYS D 440 -57.45 -29.59 -17.51
C LYS D 440 -57.30 -29.23 -16.04
N LEU D 441 -56.18 -29.64 -15.48
CA LEU D 441 -55.67 -29.28 -14.16
C LEU D 441 -54.38 -28.50 -14.33
N GLN D 442 -54.07 -27.58 -13.44
CA GLN D 442 -52.85 -26.79 -13.48
C GLN D 442 -52.13 -26.81 -12.14
N SER D 443 -50.82 -26.97 -12.20
CA SER D 443 -49.93 -27.05 -11.06
C SER D 443 -49.85 -25.75 -10.27
N PRO D 444 -49.46 -25.78 -8.99
CA PRO D 444 -48.84 -24.62 -8.37
C PRO D 444 -47.65 -24.12 -9.20
N ARG D 445 -47.36 -22.83 -9.09
CA ARG D 445 -46.18 -22.19 -9.64
C ARG D 445 -44.94 -22.66 -8.89
N PHE D 446 -44.00 -23.24 -9.61
CA PHE D 446 -42.65 -23.52 -9.13
C PHE D 446 -41.70 -22.41 -9.58
N TYR D 447 -40.59 -22.28 -8.88
CA TYR D 447 -39.48 -21.42 -9.24
C TYR D 447 -38.25 -22.28 -9.46
N ASN D 448 -37.51 -22.07 -10.55
CA ASN D 448 -36.23 -22.73 -10.76
C ASN D 448 -35.07 -22.02 -10.05
N SER D 449 -33.85 -22.58 -10.15
CA SER D 449 -32.64 -22.01 -9.54
C SER D 449 -32.31 -20.59 -10.00
N GLU D 450 -32.63 -20.26 -11.24
CA GLU D 450 -32.49 -18.91 -11.78
C GLU D 450 -33.60 -17.94 -11.36
N GLY D 451 -34.68 -18.44 -10.74
CA GLY D 451 -35.84 -17.64 -10.33
C GLY D 451 -36.94 -17.49 -11.37
N TYR D 452 -36.92 -18.19 -12.50
CA TYR D 452 -38.05 -18.23 -13.43
C TYR D 452 -39.20 -18.99 -12.79
N GLY D 453 -40.40 -18.48 -12.91
CA GLY D 453 -41.60 -19.19 -12.53
C GLY D 453 -42.04 -20.13 -13.64
N PHE D 454 -42.44 -21.34 -13.31
CA PHE D 454 -42.94 -22.31 -14.27
C PHE D 454 -43.97 -23.22 -13.64
N GLY D 455 -44.75 -23.88 -14.48
CA GLY D 455 -45.73 -24.85 -14.06
C GLY D 455 -46.07 -25.81 -15.18
N VAL D 456 -46.88 -26.79 -14.84
CA VAL D 456 -47.37 -27.80 -15.77
C VAL D 456 -48.89 -27.84 -15.77
N THR D 457 -49.44 -28.24 -16.89
CA THR D 457 -50.87 -28.42 -17.12
C THR D 457 -51.11 -29.81 -17.64
N LEU D 458 -52.10 -30.47 -17.08
CA LEU D 458 -52.41 -31.86 -17.28
C LEU D 458 -53.84 -31.98 -17.78
N TYR D 459 -54.02 -32.64 -18.91
CA TYR D 459 -55.29 -32.99 -19.48
C TYR D 459 -55.45 -34.50 -19.25
N PRO D 460 -56.22 -34.95 -18.24
CA PRO D 460 -56.31 -36.36 -17.89
C PRO D 460 -56.96 -37.19 -19.00
N ASN D 461 -57.75 -36.57 -19.88
CA ASN D 461 -58.31 -37.15 -21.09
C ASN D 461 -57.97 -36.25 -22.29
N SER D 462 -56.95 -36.59 -23.07
CA SER D 462 -56.49 -35.81 -24.23
C SER D 462 -57.44 -35.93 -25.42
N ARG D 463 -58.02 -34.81 -25.87
CA ARG D 463 -58.86 -34.75 -27.08
C ARG D 463 -58.05 -35.03 -28.35
N GLU D 464 -56.76 -34.69 -28.31
CA GLU D 464 -55.79 -34.85 -29.38
C GLU D 464 -55.32 -36.31 -29.56
N SER D 465 -55.51 -37.17 -28.55
CA SER D 465 -55.09 -38.58 -28.53
C SER D 465 -55.91 -39.36 -27.50
N SER D 466 -57.07 -39.88 -27.89
CA SER D 466 -57.97 -40.59 -26.98
C SER D 466 -57.31 -41.85 -26.38
N GLY D 467 -57.57 -42.12 -25.09
CA GLY D 467 -56.87 -43.16 -24.34
C GLY D 467 -55.44 -42.78 -23.89
N TYR D 468 -55.07 -41.51 -24.00
CA TYR D 468 -53.81 -40.97 -23.52
C TYR D 468 -54.00 -39.71 -22.70
N LEU D 469 -52.98 -39.43 -21.90
CA LEU D 469 -52.82 -38.26 -21.05
C LEU D 469 -51.95 -37.25 -21.81
N ARG D 470 -52.35 -35.97 -21.82
CA ARG D 470 -51.54 -34.87 -22.34
C ARG D 470 -50.99 -34.08 -21.18
N LEU D 471 -49.69 -33.83 -21.20
CA LEU D 471 -48.98 -33.13 -20.14
C LEU D 471 -48.04 -32.12 -20.79
N ALA D 472 -48.10 -30.89 -20.33
CA ALA D 472 -47.46 -29.74 -20.96
C ALA D 472 -46.94 -28.76 -19.94
N PHE D 473 -45.92 -28.01 -20.33
CA PHE D 473 -45.17 -27.08 -19.52
C PHE D 473 -45.48 -25.65 -19.94
N HIS D 474 -45.55 -24.72 -19.00
CA HIS D 474 -45.69 -23.29 -19.25
C HIS D 474 -44.83 -22.49 -18.28
N VAL D 475 -44.53 -21.26 -18.64
CA VAL D 475 -43.89 -20.30 -17.75
C VAL D 475 -44.97 -19.52 -17.00
N CYS D 476 -44.78 -19.34 -15.71
CA CYS D 476 -45.62 -18.55 -14.81
C CYS D 476 -44.98 -17.20 -14.53
N SER D 477 -45.74 -16.12 -14.51
CA SER D 477 -45.22 -14.87 -13.96
C SER D 477 -44.87 -15.03 -12.48
N GLY D 478 -43.83 -14.36 -12.05
CA GLY D 478 -43.29 -14.45 -10.71
C GLY D 478 -42.58 -13.19 -10.29
N GLU D 479 -42.14 -13.17 -9.04
CA GLU D 479 -41.60 -11.96 -8.39
C GLU D 479 -40.26 -11.47 -8.96
N ASN D 480 -39.62 -12.26 -9.83
CA ASN D 480 -38.30 -12.01 -10.38
C ASN D 480 -38.32 -11.52 -11.83
N ASP D 481 -39.47 -11.55 -12.51
CA ASP D 481 -39.55 -11.43 -13.97
C ASP D 481 -38.94 -10.15 -14.52
N ALA D 482 -38.92 -9.09 -13.71
CA ALA D 482 -38.36 -7.82 -14.06
C ALA D 482 -36.86 -7.87 -14.37
N ILE D 483 -36.08 -8.85 -13.88
CA ILE D 483 -34.64 -8.92 -14.13
C ILE D 483 -34.19 -10.06 -15.03
N LEU D 484 -35.06 -11.04 -15.29
CA LEU D 484 -34.73 -12.24 -16.05
C LEU D 484 -34.68 -11.97 -17.55
N GLU D 485 -33.87 -12.69 -18.32
CA GLU D 485 -33.85 -12.55 -19.78
C GLU D 485 -35.06 -13.19 -20.43
N TRP D 486 -35.63 -12.52 -21.42
CA TRP D 486 -36.80 -12.95 -22.17
C TRP D 486 -36.55 -12.84 -23.69
N PRO D 487 -37.01 -13.79 -24.52
CA PRO D 487 -37.67 -15.02 -24.14
C PRO D 487 -36.74 -15.98 -23.40
N VAL D 488 -37.33 -16.79 -22.51
CA VAL D 488 -36.55 -17.88 -21.86
C VAL D 488 -36.25 -18.86 -22.98
N GLU D 489 -35.00 -19.24 -23.14
CA GLU D 489 -34.54 -20.06 -24.26
C GLU D 489 -33.31 -20.84 -23.82
N ASN D 490 -33.03 -21.97 -24.48
CA ASN D 490 -31.96 -22.89 -24.11
C ASN D 490 -32.12 -23.50 -22.71
N ARG D 491 -33.36 -23.48 -22.21
CA ARG D 491 -33.64 -24.11 -20.91
C ARG D 491 -34.35 -25.45 -21.14
N GLN D 492 -33.69 -26.55 -20.80
CA GLN D 492 -34.24 -27.87 -20.93
C GLN D 492 -35.33 -28.09 -19.89
N VAL D 493 -36.47 -28.58 -20.36
CA VAL D 493 -37.54 -29.06 -19.51
C VAL D 493 -37.45 -30.58 -19.50
N ILE D 494 -37.40 -31.18 -18.33
CA ILE D 494 -37.57 -32.62 -18.15
C ILE D 494 -38.82 -32.82 -17.30
N ILE D 495 -39.85 -33.44 -17.86
CA ILE D 495 -41.05 -33.83 -17.10
C ILE D 495 -40.97 -35.34 -16.89
N THR D 496 -41.15 -35.81 -15.66
CA THR D 496 -41.06 -37.22 -15.30
C THR D 496 -42.25 -37.62 -14.45
N ILE D 497 -42.91 -38.73 -14.78
CA ILE D 497 -43.93 -39.34 -13.92
C ILE D 497 -43.25 -40.46 -13.14
N LEU D 498 -43.19 -40.32 -11.82
CA LEU D 498 -42.45 -41.20 -10.92
C LEU D 498 -43.06 -42.60 -10.90
N ASP D 499 -42.22 -43.60 -11.18
CA ASP D 499 -42.67 -44.99 -10.95
C ASP D 499 -42.37 -45.14 -9.46
N GLN D 500 -43.38 -45.36 -8.61
CA GLN D 500 -43.13 -45.30 -7.14
C GLN D 500 -42.49 -46.59 -6.62
N GLU D 501 -41.17 -46.72 -6.76
CA GLU D 501 -40.44 -47.89 -6.19
C GLU D 501 -39.33 -47.33 -5.28
N PRO D 502 -39.16 -47.72 -3.99
CA PRO D 502 -38.14 -47.11 -3.15
C PRO D 502 -36.70 -47.44 -3.58
N ASP D 503 -36.49 -48.59 -4.22
CA ASP D 503 -35.23 -48.97 -4.85
C ASP D 503 -35.20 -48.46 -6.29
N VAL D 504 -34.22 -47.63 -6.62
CA VAL D 504 -34.15 -46.98 -7.92
C VAL D 504 -33.88 -47.95 -9.06
N ARG D 505 -33.24 -49.09 -8.78
CA ARG D 505 -33.00 -50.12 -9.82
C ARG D 505 -34.34 -50.69 -10.31
N ASN D 506 -35.38 -50.72 -9.47
CA ASN D 506 -36.70 -51.19 -9.84
C ASN D 506 -37.52 -50.17 -10.63
N ARG D 507 -37.14 -48.89 -10.60
CA ARG D 507 -37.98 -47.82 -11.20
C ARG D 507 -37.90 -47.67 -12.71
N MET D 508 -39.04 -47.63 -13.41
CA MET D 508 -39.09 -47.33 -14.84
C MET D 508 -39.93 -46.10 -15.11
N SER D 509 -39.49 -44.96 -14.61
CA SER D 509 -40.24 -43.71 -14.72
C SER D 509 -40.35 -43.23 -16.18
N SER D 510 -41.54 -42.80 -16.60
CA SER D 510 -41.75 -42.16 -17.90
C SER D 510 -41.22 -40.73 -17.89
N SER D 511 -40.51 -40.33 -18.94
CA SER D 511 -39.85 -39.03 -19.01
C SER D 511 -39.84 -38.49 -20.43
N MET D 512 -40.05 -37.19 -20.57
CA MET D 512 -40.00 -36.48 -21.83
C MET D 512 -39.16 -35.22 -21.64
N VAL D 513 -38.47 -34.83 -22.70
CA VAL D 513 -37.44 -33.81 -22.71
C VAL D 513 -37.64 -32.89 -23.90
N PHE D 514 -37.56 -31.59 -23.71
CA PHE D 514 -37.46 -30.60 -24.78
C PHE D 514 -36.66 -29.40 -24.30
N THR D 515 -36.22 -28.56 -25.21
CA THR D 515 -35.52 -27.32 -24.86
C THR D 515 -36.28 -26.14 -25.40
N THR D 516 -36.52 -25.13 -24.57
CA THR D 516 -37.15 -23.86 -24.97
C THR D 516 -36.36 -23.20 -26.09
N SER D 517 -37.05 -22.77 -27.15
CA SER D 517 -36.46 -22.35 -28.41
C SER D 517 -37.20 -21.16 -28.99
N LYS D 518 -36.50 -20.23 -29.64
CA LYS D 518 -37.10 -19.08 -30.34
C LYS D 518 -38.06 -19.49 -31.46
N SER D 519 -37.95 -20.71 -31.95
CA SER D 519 -38.86 -21.31 -32.94
C SER D 519 -40.26 -21.66 -32.41
N HIS D 520 -40.47 -21.73 -31.09
CA HIS D 520 -41.78 -22.03 -30.50
C HIS D 520 -42.65 -20.78 -30.50
N THR D 521 -43.67 -20.75 -31.33
CA THR D 521 -44.44 -19.53 -31.63
C THR D 521 -45.91 -19.88 -31.88
N SER D 522 -46.85 -18.96 -31.61
CA SER D 522 -48.28 -19.25 -31.70
C SER D 522 -49.12 -18.15 -32.37
N PRO D 523 -50.11 -18.50 -33.22
CA PRO D 523 -51.11 -17.58 -33.74
C PRO D 523 -51.96 -16.89 -32.68
N ALA D 524 -52.11 -17.48 -31.49
CA ALA D 524 -52.83 -16.85 -30.37
C ALA D 524 -52.15 -15.56 -29.86
N ILE D 525 -50.85 -15.40 -30.15
CA ILE D 525 -50.00 -14.28 -29.74
C ILE D 525 -49.29 -13.66 -30.96
N ASN D 526 -49.99 -13.60 -32.10
CA ASN D 526 -49.55 -12.97 -33.35
C ASN D 526 -48.15 -13.42 -33.82
N ASP D 527 -47.87 -14.72 -33.75
CA ASP D 527 -46.61 -15.33 -34.16
C ASP D 527 -45.37 -14.77 -33.40
N THR D 528 -45.56 -14.39 -32.13
CA THR D 528 -44.47 -14.10 -31.19
C THR D 528 -44.09 -15.34 -30.37
N VAL D 529 -42.87 -15.36 -29.82
CA VAL D 529 -42.28 -16.50 -29.13
C VAL D 529 -43.04 -16.86 -27.86
N ILE D 530 -43.39 -18.13 -27.68
CA ILE D 530 -44.21 -18.63 -26.56
C ILE D 530 -43.56 -18.36 -25.20
N TRP D 531 -42.24 -18.35 -25.15
CA TRP D 531 -41.41 -18.18 -23.96
C TRP D 531 -41.06 -16.75 -23.62
N ASP D 532 -41.69 -15.77 -24.26
CA ASP D 532 -41.56 -14.38 -23.89
C ASP D 532 -42.29 -14.07 -22.57
N ARG D 533 -42.12 -12.86 -22.01
CA ARG D 533 -42.53 -12.55 -20.65
C ARG D 533 -44.04 -12.79 -20.42
N PRO D 534 -44.47 -13.60 -19.43
CA PRO D 534 -45.86 -14.01 -19.31
C PRO D 534 -46.90 -12.91 -19.12
N SER D 535 -46.54 -11.74 -18.59
CA SER D 535 -47.44 -10.58 -18.52
C SER D 535 -47.83 -9.98 -19.88
N ARG D 536 -47.14 -10.33 -20.98
CA ARG D 536 -47.46 -9.86 -22.34
C ARG D 536 -47.58 -10.94 -23.42
N VAL D 537 -47.40 -12.21 -23.08
CA VAL D 537 -47.76 -13.37 -23.92
C VAL D 537 -48.51 -14.45 -23.15
N GLY D 538 -49.31 -14.06 -22.16
CA GLY D 538 -50.00 -14.97 -21.26
C GLY D 538 -51.36 -14.49 -20.76
N THR D 539 -52.06 -15.36 -20.05
CA THR D 539 -53.43 -15.15 -19.58
C THR D 539 -53.52 -15.27 -18.06
N TYR D 540 -54.27 -14.38 -17.45
CA TYR D 540 -54.32 -14.23 -15.99
C TYR D 540 -55.20 -15.28 -15.32
N HIS D 541 -54.73 -15.81 -14.20
CA HIS D 541 -55.41 -16.83 -13.42
C HIS D 541 -55.60 -16.35 -11.98
N THR D 542 -56.84 -16.29 -11.51
CA THR D 542 -57.15 -15.94 -10.11
C THR D 542 -56.63 -16.98 -9.12
N ASP D 543 -56.48 -18.23 -9.55
CA ASP D 543 -56.04 -19.38 -8.74
C ASP D 543 -54.62 -19.25 -8.14
N CYS D 544 -53.72 -18.52 -8.80
CA CYS D 544 -52.36 -18.26 -8.32
C CYS D 544 -51.92 -16.79 -8.45
N ASN D 545 -52.83 -15.90 -8.85
CA ASN D 545 -52.54 -14.51 -9.20
C ASN D 545 -51.45 -14.38 -10.29
N CYS D 546 -51.28 -15.39 -11.15
CA CYS D 546 -50.25 -15.41 -12.17
C CYS D 546 -50.79 -15.02 -13.54
N PHE D 547 -49.87 -14.72 -14.44
CA PHE D 547 -50.08 -14.91 -15.87
C PHE D 547 -49.37 -16.21 -16.23
N ARG D 548 -50.03 -17.09 -16.96
CA ARG D 548 -49.36 -18.35 -17.44
C ARG D 548 -49.23 -18.32 -18.96
N SER D 549 -48.06 -18.65 -19.51
CA SER D 549 -47.83 -18.74 -20.95
C SER D 549 -48.68 -19.81 -21.61
N ILE D 550 -48.71 -19.85 -22.94
CA ILE D 550 -49.17 -21.02 -23.68
C ILE D 550 -48.31 -22.23 -23.26
N ASP D 551 -48.93 -23.41 -23.24
CA ASP D 551 -48.36 -24.66 -22.77
C ASP D 551 -47.87 -25.53 -23.92
N LEU D 552 -46.60 -25.92 -23.89
CA LEU D 552 -46.00 -26.84 -24.86
C LEU D 552 -45.67 -28.17 -24.18
N GLY D 553 -45.91 -29.27 -24.88
CA GLY D 553 -45.62 -30.61 -24.40
C GLY D 553 -46.23 -31.67 -25.30
N TRP D 554 -46.72 -32.75 -24.71
CA TRP D 554 -47.03 -33.97 -25.43
C TRP D 554 -48.43 -34.48 -25.14
N SER D 555 -49.29 -34.51 -26.15
CA SER D 555 -50.43 -35.41 -26.19
C SER D 555 -49.95 -36.80 -26.58
N GLY D 556 -50.30 -37.81 -25.80
CA GLY D 556 -49.62 -39.10 -25.89
C GLY D 556 -48.39 -39.19 -24.99
N PHE D 557 -48.35 -38.47 -23.86
CA PHE D 557 -47.25 -38.57 -22.90
C PHE D 557 -47.18 -39.98 -22.31
N ILE D 558 -48.32 -40.50 -21.86
CA ILE D 558 -48.48 -41.87 -21.36
C ILE D 558 -49.92 -42.31 -21.60
N SER D 559 -50.15 -43.58 -21.93
CA SER D 559 -51.51 -44.10 -22.09
C SER D 559 -52.13 -44.41 -20.74
N HIS D 560 -53.45 -44.31 -20.63
CA HIS D 560 -54.21 -44.69 -19.44
C HIS D 560 -53.90 -46.12 -18.99
N GLN D 561 -53.77 -47.08 -19.90
CA GLN D 561 -53.44 -48.45 -19.53
C GLN D 561 -52.02 -48.59 -18.97
N MET D 562 -51.06 -47.82 -19.50
CA MET D 562 -49.70 -47.79 -18.97
C MET D 562 -49.67 -47.15 -17.59
N LEU D 563 -50.52 -46.17 -17.34
CA LEU D 563 -50.62 -45.50 -16.05
C LEU D 563 -51.20 -46.41 -14.98
N LYS D 564 -52.12 -47.32 -15.33
CA LYS D 564 -52.60 -48.39 -14.43
C LYS D 564 -51.58 -49.52 -14.21
N ARG D 565 -50.54 -49.59 -15.03
CA ARG D 565 -49.40 -50.50 -14.91
C ARG D 565 -48.39 -49.96 -13.88
N ARG D 566 -47.47 -50.83 -13.46
CA ARG D 566 -46.38 -50.46 -12.53
C ARG D 566 -46.87 -49.69 -11.30
N SER D 567 -46.05 -48.76 -10.83
CA SER D 567 -46.36 -47.99 -9.63
C SER D 567 -46.45 -46.50 -9.94
N PHE D 568 -47.10 -46.13 -11.04
CA PHE D 568 -47.34 -44.72 -11.40
C PHE D 568 -48.49 -44.07 -10.62
N LEU D 569 -49.39 -44.87 -10.07
CA LEU D 569 -50.59 -44.46 -9.34
C LEU D 569 -50.73 -45.20 -8.01
N LYS D 570 -49.62 -45.50 -7.32
CA LYS D 570 -49.51 -46.53 -6.27
C LYS D 570 -50.55 -46.42 -5.16
N ASN D 571 -50.86 -45.19 -4.74
CA ASN D 571 -51.82 -44.87 -3.69
C ASN D 571 -53.05 -44.12 -4.26
N ASP D 572 -53.40 -44.35 -5.52
CA ASP D 572 -54.32 -43.56 -6.34
C ASP D 572 -53.88 -42.08 -6.52
N ASP D 573 -52.57 -41.81 -6.43
CA ASP D 573 -52.00 -40.49 -6.65
C ASP D 573 -50.90 -40.50 -7.72
N LEU D 574 -50.91 -39.47 -8.54
CA LEU D 574 -49.95 -39.27 -9.63
C LEU D 574 -48.91 -38.25 -9.15
N ILE D 575 -47.63 -38.59 -9.27
CA ILE D 575 -46.52 -37.71 -8.89
C ILE D 575 -45.73 -37.36 -10.14
N ILE D 576 -45.64 -36.07 -10.43
CA ILE D 576 -44.94 -35.53 -11.59
C ILE D 576 -43.78 -34.67 -11.09
N PHE D 577 -42.57 -35.01 -11.46
CA PHE D 577 -41.37 -34.22 -11.28
C PHE D 577 -41.15 -33.35 -12.52
N VAL D 578 -40.69 -32.12 -12.31
CA VAL D 578 -40.30 -31.20 -13.35
C VAL D 578 -38.96 -30.57 -13.00
N ASP D 579 -38.06 -30.55 -13.96
CA ASP D 579 -36.83 -29.76 -13.98
C ASP D 579 -36.86 -28.80 -15.15
N PHE D 580 -36.52 -27.55 -14.89
CA PHE D 580 -36.42 -26.49 -15.88
C PHE D 580 -35.07 -25.80 -15.68
N GLU D 581 -34.09 -26.14 -16.49
CA GLU D 581 -32.68 -25.81 -16.22
C GLU D 581 -31.94 -25.35 -17.48
N ASP D 582 -31.06 -24.37 -17.34
CA ASP D 582 -30.27 -23.83 -18.44
C ASP D 582 -29.21 -24.82 -18.91
N ILE D 583 -29.19 -25.11 -20.21
CA ILE D 583 -28.20 -25.97 -20.85
C ILE D 583 -27.34 -25.24 -21.90
N THR D 584 -27.37 -23.92 -21.92
CA THR D 584 -26.56 -23.10 -22.85
C THR D 584 -25.08 -23.44 -22.82
N HIS D 585 -24.53 -23.83 -21.66
CA HIS D 585 -23.12 -24.19 -21.50
C HIS D 585 -22.72 -25.48 -22.21
N LEU D 586 -23.66 -26.30 -22.70
CA LEU D 586 -23.33 -27.50 -23.47
C LEU D 586 -22.95 -27.19 -24.92
N SER D 587 -23.21 -25.97 -25.40
CA SER D 587 -22.87 -25.49 -26.75
C SER D 587 -21.36 -25.29 -26.98
#